data_6IVD
# 
_entry.id   6IVD 
# 
_audit_conform.dict_name       mmcif_pdbx.dic 
_audit_conform.dict_version    5.387 
_audit_conform.dict_location   http://mmcif.pdb.org/dictionaries/ascii/mmcif_pdbx.dic 
# 
loop_
_database_2.database_id 
_database_2.database_code 
_database_2.pdbx_database_accession 
_database_2.pdbx_DOI 
PDB   6IVD         pdb_00006ivd 10.2210/pdb6ivd/pdb 
WWPDB D_1300010027 ?            ?                   
# 
loop_
_pdbx_audit_revision_history.ordinal 
_pdbx_audit_revision_history.data_content_type 
_pdbx_audit_revision_history.major_revision 
_pdbx_audit_revision_history.minor_revision 
_pdbx_audit_revision_history.revision_date 
1 'Structure model' 1 0 2019-08-07 
2 'Structure model' 1 1 2019-08-21 
3 'Structure model' 1 2 2019-09-25 
4 'Structure model' 1 3 2024-03-27 
# 
_pdbx_audit_revision_details.ordinal             1 
_pdbx_audit_revision_details.revision_ordinal    1 
_pdbx_audit_revision_details.data_content_type   'Structure model' 
_pdbx_audit_revision_details.provider            repository 
_pdbx_audit_revision_details.type                'Initial release' 
_pdbx_audit_revision_details.description         ? 
_pdbx_audit_revision_details.details             ? 
# 
loop_
_pdbx_audit_revision_group.ordinal 
_pdbx_audit_revision_group.revision_ordinal 
_pdbx_audit_revision_group.data_content_type 
_pdbx_audit_revision_group.group 
1 2 'Structure model' 'Data collection'      
2 2 'Structure model' 'Derived calculations' 
3 3 'Structure model' 'Data collection'      
4 3 'Structure model' 'Database references'  
5 4 'Structure model' 'Data collection'      
6 4 'Structure model' 'Database references'  
# 
loop_
_pdbx_audit_revision_category.ordinal 
_pdbx_audit_revision_category.revision_ordinal 
_pdbx_audit_revision_category.data_content_type 
_pdbx_audit_revision_category.category 
1 2 'Structure model' pdbx_struct_assembly      
2 2 'Structure model' pdbx_struct_assembly_gen  
3 2 'Structure model' pdbx_struct_assembly_prop 
4 3 'Structure model' citation                  
5 4 'Structure model' chem_comp_atom            
6 4 'Structure model' chem_comp_bond            
7 4 'Structure model' database_2                
# 
loop_
_pdbx_audit_revision_item.ordinal 
_pdbx_audit_revision_item.revision_ordinal 
_pdbx_audit_revision_item.data_content_type 
_pdbx_audit_revision_item.item 
1 3 'Structure model' '_citation.journal_volume'            
2 3 'Structure model' '_citation.page_first'                
3 3 'Structure model' '_citation.page_last'                 
4 4 'Structure model' '_database_2.pdbx_DOI'                
5 4 'Structure model' '_database_2.pdbx_database_accession' 
# 
_pdbx_database_status.status_code                     REL 
_pdbx_database_status.status_code_sf                  REL 
_pdbx_database_status.status_code_mr                  ? 
_pdbx_database_status.entry_id                        6IVD 
_pdbx_database_status.recvd_initial_deposition_date   2018-12-03 
_pdbx_database_status.SG_entry                        N 
_pdbx_database_status.deposit_site                    PDBJ 
_pdbx_database_status.process_site                    PDBJ 
_pdbx_database_status.status_code_cs                  ? 
_pdbx_database_status.methods_development_category    ? 
_pdbx_database_status.pdb_format_compatible           Y 
_pdbx_database_status.status_code_nmr_data            ? 
# 
loop_
_audit_author.name 
_audit_author.pdbx_ordinal 
_audit_author.identifier_ORCID 
'Shen, Z.'   1 ? 
'Peng, G.Q.' 2 ? 
# 
_citation.abstract                  ? 
_citation.abstract_id_CAS           ? 
_citation.book_id_ISBN              ? 
_citation.book_publisher            ? 
_citation.book_publisher_city       ? 
_citation.book_title                ? 
_citation.coordinate_linkage        ? 
_citation.country                   US 
_citation.database_id_Medline       ? 
_citation.details                   ? 
_citation.id                        primary 
_citation.journal_abbrev            J.Biol.Chem. 
_citation.journal_id_ASTM           JBCHA3 
_citation.journal_id_CSD            0071 
_citation.journal_id_ISSN           1083-351X 
_citation.journal_full              ? 
_citation.journal_issue             ? 
_citation.journal_volume            294 
_citation.language                  ? 
_citation.page_first                13606 
_citation.page_last                 13618 
_citation.title                     
;A conserved region of nonstructural protein 1 from alphacoronaviruses inhibits host gene expression and is critical for viral virulence.
;
_citation.year                      2019 
_citation.database_id_CSD           ? 
_citation.pdbx_database_id_DOI      10.1074/jbc.RA119.009713 
_citation.pdbx_database_id_PubMed   31350335 
_citation.unpublished_flag          ? 
# 
loop_
_citation_author.citation_id 
_citation_author.name 
_citation_author.ordinal 
_citation_author.identifier_ORCID 
primary 'Shen, Z.' 1 ? 
primary 'Wang, G.' 2 ? 
primary 'Yang, Y.' 3 ? 
primary 'Shi, J.'  4 ? 
primary 'Fang, L.' 5 ? 
primary 'Li, F.'   6 ? 
primary 'Xiao, S.' 7 ? 
primary 'Fu, Z.F.' 8 ? 
primary 'Peng, G.' 9 ? 
# 
loop_
_entity.id 
_entity.type 
_entity.src_method 
_entity.pdbx_description 
_entity.formula_weight 
_entity.pdbx_number_of_molecules 
_entity.pdbx_ec 
_entity.pdbx_mutation 
_entity.pdbx_fragment 
_entity.details 
1 polymer man 'nsp1 mutant protein' 12181.942 2   ? A91S,N92G,C93S,N94G,G95S ? ? 
2 water   nat water                 18.015    103 ? ?                        ? ? 
# 
_entity_poly.entity_id                      1 
_entity_poly.type                           'polypeptide(L)' 
_entity_poly.nstd_linkage                   no 
_entity_poly.nstd_monomer                   no 
_entity_poly.pdbx_seq_one_letter_code       
;HHMSSKQFKILVNEDYQVNVPSLPIRDVLQEIKYCYRNGFEGYVFVPEYCRDLVDCDRKDHYVIGVLGNGVSDLKPVLLT
EPSVMLQGFIVRSGSGSVLEDFDLKIA
;
_entity_poly.pdbx_seq_one_letter_code_can   
;HHMSSKQFKILVNEDYQVNVPSLPIRDVLQEIKYCYRNGFEGYVFVPEYCRDLVDCDRKDHYVIGVLGNGVSDLKPVLLT
EPSVMLQGFIVRSGSGSVLEDFDLKIA
;
_entity_poly.pdbx_strand_id                 A,B 
_entity_poly.pdbx_target_identifier         ? 
# 
_pdbx_entity_nonpoly.entity_id   2 
_pdbx_entity_nonpoly.name        water 
_pdbx_entity_nonpoly.comp_id     HOH 
# 
loop_
_entity_poly_seq.entity_id 
_entity_poly_seq.num 
_entity_poly_seq.mon_id 
_entity_poly_seq.hetero 
1 1   HIS n 
1 2   HIS n 
1 3   MET n 
1 4   SER n 
1 5   SER n 
1 6   LYS n 
1 7   GLN n 
1 8   PHE n 
1 9   LYS n 
1 10  ILE n 
1 11  LEU n 
1 12  VAL n 
1 13  ASN n 
1 14  GLU n 
1 15  ASP n 
1 16  TYR n 
1 17  GLN n 
1 18  VAL n 
1 19  ASN n 
1 20  VAL n 
1 21  PRO n 
1 22  SER n 
1 23  LEU n 
1 24  PRO n 
1 25  ILE n 
1 26  ARG n 
1 27  ASP n 
1 28  VAL n 
1 29  LEU n 
1 30  GLN n 
1 31  GLU n 
1 32  ILE n 
1 33  LYS n 
1 34  TYR n 
1 35  CYS n 
1 36  TYR n 
1 37  ARG n 
1 38  ASN n 
1 39  GLY n 
1 40  PHE n 
1 41  GLU n 
1 42  GLY n 
1 43  TYR n 
1 44  VAL n 
1 45  PHE n 
1 46  VAL n 
1 47  PRO n 
1 48  GLU n 
1 49  TYR n 
1 50  CYS n 
1 51  ARG n 
1 52  ASP n 
1 53  LEU n 
1 54  VAL n 
1 55  ASP n 
1 56  CYS n 
1 57  ASP n 
1 58  ARG n 
1 59  LYS n 
1 60  ASP n 
1 61  HIS n 
1 62  TYR n 
1 63  VAL n 
1 64  ILE n 
1 65  GLY n 
1 66  VAL n 
1 67  LEU n 
1 68  GLY n 
1 69  ASN n 
1 70  GLY n 
1 71  VAL n 
1 72  SER n 
1 73  ASP n 
1 74  LEU n 
1 75  LYS n 
1 76  PRO n 
1 77  VAL n 
1 78  LEU n 
1 79  LEU n 
1 80  THR n 
1 81  GLU n 
1 82  PRO n 
1 83  SER n 
1 84  VAL n 
1 85  MET n 
1 86  LEU n 
1 87  GLN n 
1 88  GLY n 
1 89  PHE n 
1 90  ILE n 
1 91  VAL n 
1 92  ARG n 
1 93  SER n 
1 94  GLY n 
1 95  SER n 
1 96  GLY n 
1 97  SER n 
1 98  VAL n 
1 99  LEU n 
1 100 GLU n 
1 101 ASP n 
1 102 PHE n 
1 103 ASP n 
1 104 LEU n 
1 105 LYS n 
1 106 ILE n 
1 107 ALA n 
# 
_entity_src_gen.entity_id                          1 
_entity_src_gen.pdbx_src_id                        1 
_entity_src_gen.pdbx_alt_source_flag               sample 
_entity_src_gen.pdbx_seq_type                      'Biological sequence' 
_entity_src_gen.pdbx_beg_seq_num                   1 
_entity_src_gen.pdbx_end_seq_num                   111 
_entity_src_gen.gene_src_common_name               ? 
_entity_src_gen.gene_src_genus                     ? 
_entity_src_gen.pdbx_gene_src_gene                 ? 
_entity_src_gen.gene_src_species                   ? 
_entity_src_gen.gene_src_strain                    ? 
_entity_src_gen.gene_src_tissue                    ? 
_entity_src_gen.gene_src_tissue_fraction           ? 
_entity_src_gen.gene_src_details                   ? 
_entity_src_gen.pdbx_gene_src_fragment             ? 
_entity_src_gen.pdbx_gene_src_scientific_name      'Transmissible gastroenteritis virus' 
_entity_src_gen.pdbx_gene_src_ncbi_taxonomy_id     11149 
_entity_src_gen.pdbx_gene_src_variant              ? 
_entity_src_gen.pdbx_gene_src_cell_line            ? 
_entity_src_gen.pdbx_gene_src_atcc                 ? 
_entity_src_gen.pdbx_gene_src_organ                ? 
_entity_src_gen.pdbx_gene_src_organelle            ? 
_entity_src_gen.pdbx_gene_src_cell                 ? 
_entity_src_gen.pdbx_gene_src_cellular_location    ? 
_entity_src_gen.host_org_common_name               ? 
_entity_src_gen.pdbx_host_org_scientific_name      'Escherichia coli BL21' 
_entity_src_gen.pdbx_host_org_ncbi_taxonomy_id     511693 
_entity_src_gen.host_org_genus                     ? 
_entity_src_gen.pdbx_host_org_gene                 ? 
_entity_src_gen.pdbx_host_org_organ                ? 
_entity_src_gen.host_org_species                   ? 
_entity_src_gen.pdbx_host_org_tissue               ? 
_entity_src_gen.pdbx_host_org_tissue_fraction      ? 
_entity_src_gen.pdbx_host_org_strain               BL21 
_entity_src_gen.pdbx_host_org_variant              ? 
_entity_src_gen.pdbx_host_org_cell_line            ? 
_entity_src_gen.pdbx_host_org_atcc                 ? 
_entity_src_gen.pdbx_host_org_culture_collection   ? 
_entity_src_gen.pdbx_host_org_cell                 ? 
_entity_src_gen.pdbx_host_org_organelle            ? 
_entity_src_gen.pdbx_host_org_cellular_location    ? 
_entity_src_gen.pdbx_host_org_vector_type          ? 
_entity_src_gen.pdbx_host_org_vector               ? 
_entity_src_gen.host_org_details                   ? 
_entity_src_gen.expression_system_id               ? 
_entity_src_gen.plasmid_name                       ? 
_entity_src_gen.plasmid_details                    ? 
_entity_src_gen.pdbx_description                   ? 
# 
loop_
_chem_comp.id 
_chem_comp.type 
_chem_comp.mon_nstd_flag 
_chem_comp.name 
_chem_comp.pdbx_synonyms 
_chem_comp.formula 
_chem_comp.formula_weight 
ALA 'L-peptide linking' y ALANINE         ? 'C3 H7 N O2'     89.093  
ARG 'L-peptide linking' y ARGININE        ? 'C6 H15 N4 O2 1' 175.209 
ASN 'L-peptide linking' y ASPARAGINE      ? 'C4 H8 N2 O3'    132.118 
ASP 'L-peptide linking' y 'ASPARTIC ACID' ? 'C4 H7 N O4'     133.103 
CYS 'L-peptide linking' y CYSTEINE        ? 'C3 H7 N O2 S'   121.158 
GLN 'L-peptide linking' y GLUTAMINE       ? 'C5 H10 N2 O3'   146.144 
GLU 'L-peptide linking' y 'GLUTAMIC ACID' ? 'C5 H9 N O4'     147.129 
GLY 'peptide linking'   y GLYCINE         ? 'C2 H5 N O2'     75.067  
HIS 'L-peptide linking' y HISTIDINE       ? 'C6 H10 N3 O2 1' 156.162 
HOH non-polymer         . WATER           ? 'H2 O'           18.015  
ILE 'L-peptide linking' y ISOLEUCINE      ? 'C6 H13 N O2'    131.173 
LEU 'L-peptide linking' y LEUCINE         ? 'C6 H13 N O2'    131.173 
LYS 'L-peptide linking' y LYSINE          ? 'C6 H15 N2 O2 1' 147.195 
MET 'L-peptide linking' y METHIONINE      ? 'C5 H11 N O2 S'  149.211 
PHE 'L-peptide linking' y PHENYLALANINE   ? 'C9 H11 N O2'    165.189 
PRO 'L-peptide linking' y PROLINE         ? 'C5 H9 N O2'     115.130 
SER 'L-peptide linking' y SERINE          ? 'C3 H7 N O3'     105.093 
THR 'L-peptide linking' y THREONINE       ? 'C4 H9 N O3'     119.119 
TYR 'L-peptide linking' y TYROSINE        ? 'C9 H11 N O3'    181.189 
VAL 'L-peptide linking' y VALINE          ? 'C5 H11 N O2'    117.146 
# 
loop_
_pdbx_poly_seq_scheme.asym_id 
_pdbx_poly_seq_scheme.entity_id 
_pdbx_poly_seq_scheme.seq_id 
_pdbx_poly_seq_scheme.mon_id 
_pdbx_poly_seq_scheme.ndb_seq_num 
_pdbx_poly_seq_scheme.pdb_seq_num 
_pdbx_poly_seq_scheme.auth_seq_num 
_pdbx_poly_seq_scheme.pdb_mon_id 
_pdbx_poly_seq_scheme.auth_mon_id 
_pdbx_poly_seq_scheme.pdb_strand_id 
_pdbx_poly_seq_scheme.pdb_ins_code 
_pdbx_poly_seq_scheme.hetero 
A 1 1   HIS 1   -1  -1  HIS HIS A . n 
A 1 2   HIS 2   0   0   HIS HIS A . n 
A 1 3   MET 3   1   1   MET MET A . n 
A 1 4   SER 4   2   2   SER SER A . n 
A 1 5   SER 5   3   3   SER SER A . n 
A 1 6   LYS 6   4   4   LYS LYS A . n 
A 1 7   GLN 7   5   5   GLN GLN A . n 
A 1 8   PHE 8   6   6   PHE PHE A . n 
A 1 9   LYS 9   7   7   LYS LYS A . n 
A 1 10  ILE 10  8   8   ILE ILE A . n 
A 1 11  LEU 11  9   9   LEU LEU A . n 
A 1 12  VAL 12  10  10  VAL VAL A . n 
A 1 13  ASN 13  11  11  ASN ASN A . n 
A 1 14  GLU 14  12  12  GLU GLU A . n 
A 1 15  ASP 15  13  13  ASP ASP A . n 
A 1 16  TYR 16  14  14  TYR TYR A . n 
A 1 17  GLN 17  15  15  GLN GLN A . n 
A 1 18  VAL 18  16  16  VAL VAL A . n 
A 1 19  ASN 19  17  17  ASN ASN A . n 
A 1 20  VAL 20  18  18  VAL VAL A . n 
A 1 21  PRO 21  19  19  PRO PRO A . n 
A 1 22  SER 22  20  20  SER SER A . n 
A 1 23  LEU 23  21  21  LEU LEU A . n 
A 1 24  PRO 24  22  22  PRO PRO A . n 
A 1 25  ILE 25  23  23  ILE ILE A . n 
A 1 26  ARG 26  24  24  ARG ARG A . n 
A 1 27  ASP 27  25  25  ASP ASP A . n 
A 1 28  VAL 28  26  26  VAL VAL A . n 
A 1 29  LEU 29  27  27  LEU LEU A . n 
A 1 30  GLN 30  28  28  GLN GLN A . n 
A 1 31  GLU 31  29  29  GLU GLU A . n 
A 1 32  ILE 32  30  30  ILE ILE A . n 
A 1 33  LYS 33  31  31  LYS LYS A . n 
A 1 34  TYR 34  32  32  TYR TYR A . n 
A 1 35  CYS 35  33  33  CYS CYS A . n 
A 1 36  TYR 36  34  34  TYR TYR A . n 
A 1 37  ARG 37  35  35  ARG ARG A . n 
A 1 38  ASN 38  36  36  ASN ASN A . n 
A 1 39  GLY 39  37  37  GLY GLY A . n 
A 1 40  PHE 40  38  38  PHE PHE A . n 
A 1 41  GLU 41  39  39  GLU GLU A . n 
A 1 42  GLY 42  40  40  GLY GLY A . n 
A 1 43  TYR 43  41  41  TYR TYR A . n 
A 1 44  VAL 44  42  42  VAL VAL A . n 
A 1 45  PHE 45  43  43  PHE PHE A . n 
A 1 46  VAL 46  44  44  VAL VAL A . n 
A 1 47  PRO 47  45  45  PRO PRO A . n 
A 1 48  GLU 48  46  46  GLU GLU A . n 
A 1 49  TYR 49  47  47  TYR TYR A . n 
A 1 50  CYS 50  48  48  CYS CYS A . n 
A 1 51  ARG 51  49  49  ARG ARG A . n 
A 1 52  ASP 52  50  50  ASP ASP A . n 
A 1 53  LEU 53  51  51  LEU LEU A . n 
A 1 54  VAL 54  52  52  VAL VAL A . n 
A 1 55  ASP 55  53  53  ASP ASP A . n 
A 1 56  CYS 56  54  54  CYS CYS A . n 
A 1 57  ASP 57  55  55  ASP ASP A . n 
A 1 58  ARG 58  56  56  ARG ARG A . n 
A 1 59  LYS 59  57  57  LYS LYS A . n 
A 1 60  ASP 60  58  58  ASP ASP A . n 
A 1 61  HIS 61  59  59  HIS HIS A . n 
A 1 62  TYR 62  60  60  TYR TYR A . n 
A 1 63  VAL 63  61  61  VAL VAL A . n 
A 1 64  ILE 64  62  62  ILE ILE A . n 
A 1 65  GLY 65  63  63  GLY GLY A . n 
A 1 66  VAL 66  64  64  VAL VAL A . n 
A 1 67  LEU 67  65  65  LEU LEU A . n 
A 1 68  GLY 68  66  66  GLY GLY A . n 
A 1 69  ASN 69  67  67  ASN ASN A . n 
A 1 70  GLY 70  68  68  GLY GLY A . n 
A 1 71  VAL 71  69  69  VAL VAL A . n 
A 1 72  SER 72  70  70  SER SER A . n 
A 1 73  ASP 73  71  71  ASP ASP A . n 
A 1 74  LEU 74  72  72  LEU LEU A . n 
A 1 75  LYS 75  73  73  LYS LYS A . n 
A 1 76  PRO 76  74  74  PRO PRO A . n 
A 1 77  VAL 77  75  75  VAL VAL A . n 
A 1 78  LEU 78  76  76  LEU LEU A . n 
A 1 79  LEU 79  77  77  LEU LEU A . n 
A 1 80  THR 80  78  78  THR THR A . n 
A 1 81  GLU 81  79  79  GLU GLU A . n 
A 1 82  PRO 82  80  80  PRO PRO A . n 
A 1 83  SER 83  81  81  SER SER A . n 
A 1 84  VAL 84  82  82  VAL VAL A . n 
A 1 85  MET 85  83  83  MET MET A . n 
A 1 86  LEU 86  84  84  LEU LEU A . n 
A 1 87  GLN 87  85  85  GLN GLN A . n 
A 1 88  GLY 88  86  86  GLY GLY A . n 
A 1 89  PHE 89  87  87  PHE PHE A . n 
A 1 90  ILE 90  88  88  ILE ILE A . n 
A 1 91  VAL 91  89  89  VAL VAL A . n 
A 1 92  ARG 92  90  90  ARG ARG A . n 
A 1 93  SER 93  91  91  SER SER A . n 
A 1 94  GLY 94  92  92  GLY GLY A . n 
A 1 95  SER 95  93  93  SER SER A . n 
A 1 96  GLY 96  94  94  GLY GLY A . n 
A 1 97  SER 97  95  95  SER SER A . n 
A 1 98  VAL 98  96  96  VAL VAL A . n 
A 1 99  LEU 99  97  97  LEU LEU A . n 
A 1 100 GLU 100 98  98  GLU GLU A . n 
A 1 101 ASP 101 99  99  ASP ASP A . n 
A 1 102 PHE 102 100 100 PHE PHE A . n 
A 1 103 ASP 103 101 101 ASP ASP A . n 
A 1 104 LEU 104 102 102 LEU LEU A . n 
A 1 105 LYS 105 103 103 LYS LYS A . n 
A 1 106 ILE 106 104 104 ILE ILE A . n 
A 1 107 ALA 107 105 105 ALA ALA A . n 
B 1 1   HIS 1   -1  ?   ?   ?   B . n 
B 1 2   HIS 2   0   ?   ?   ?   B . n 
B 1 3   MET 3   1   ?   ?   ?   B . n 
B 1 4   SER 4   2   2   SER SER B . n 
B 1 5   SER 5   3   3   SER SER B . n 
B 1 6   LYS 6   4   4   LYS LYS B . n 
B 1 7   GLN 7   5   5   GLN GLN B . n 
B 1 8   PHE 8   6   6   PHE PHE B . n 
B 1 9   LYS 9   7   7   LYS LYS B . n 
B 1 10  ILE 10  8   8   ILE ILE B . n 
B 1 11  LEU 11  9   9   LEU LEU B . n 
B 1 12  VAL 12  10  10  VAL VAL B . n 
B 1 13  ASN 13  11  11  ASN ASN B . n 
B 1 14  GLU 14  12  12  GLU GLU B . n 
B 1 15  ASP 15  13  13  ASP ASP B . n 
B 1 16  TYR 16  14  14  TYR TYR B . n 
B 1 17  GLN 17  15  15  GLN GLN B . n 
B 1 18  VAL 18  16  16  VAL VAL B . n 
B 1 19  ASN 19  17  17  ASN ASN B . n 
B 1 20  VAL 20  18  18  VAL VAL B . n 
B 1 21  PRO 21  19  19  PRO PRO B . n 
B 1 22  SER 22  20  20  SER SER B . n 
B 1 23  LEU 23  21  21  LEU LEU B . n 
B 1 24  PRO 24  22  22  PRO PRO B . n 
B 1 25  ILE 25  23  23  ILE ILE B . n 
B 1 26  ARG 26  24  24  ARG ARG B . n 
B 1 27  ASP 27  25  25  ASP ASP B . n 
B 1 28  VAL 28  26  26  VAL VAL B . n 
B 1 29  LEU 29  27  27  LEU LEU B . n 
B 1 30  GLN 30  28  28  GLN GLN B . n 
B 1 31  GLU 31  29  29  GLU GLU B . n 
B 1 32  ILE 32  30  30  ILE ILE B . n 
B 1 33  LYS 33  31  31  LYS LYS B . n 
B 1 34  TYR 34  32  32  TYR TYR B . n 
B 1 35  CYS 35  33  33  CYS CYS B . n 
B 1 36  TYR 36  34  34  TYR TYR B . n 
B 1 37  ARG 37  35  35  ARG ARG B . n 
B 1 38  ASN 38  36  36  ASN ASN B . n 
B 1 39  GLY 39  37  37  GLY GLY B . n 
B 1 40  PHE 40  38  38  PHE PHE B . n 
B 1 41  GLU 41  39  39  GLU GLU B . n 
B 1 42  GLY 42  40  40  GLY GLY B . n 
B 1 43  TYR 43  41  41  TYR TYR B . n 
B 1 44  VAL 44  42  42  VAL VAL B . n 
B 1 45  PHE 45  43  43  PHE PHE B . n 
B 1 46  VAL 46  44  44  VAL VAL B . n 
B 1 47  PRO 47  45  45  PRO PRO B . n 
B 1 48  GLU 48  46  46  GLU GLU B . n 
B 1 49  TYR 49  47  47  TYR TYR B . n 
B 1 50  CYS 50  48  48  CYS CYS B . n 
B 1 51  ARG 51  49  49  ARG ARG B . n 
B 1 52  ASP 52  50  50  ASP ASP B . n 
B 1 53  LEU 53  51  51  LEU LEU B . n 
B 1 54  VAL 54  52  52  VAL VAL B . n 
B 1 55  ASP 55  53  53  ASP ASP B . n 
B 1 56  CYS 56  54  54  CYS CYS B . n 
B 1 57  ASP 57  55  55  ASP ASP B . n 
B 1 58  ARG 58  56  56  ARG ARG B . n 
B 1 59  LYS 59  57  57  LYS LYS B . n 
B 1 60  ASP 60  58  58  ASP ASP B . n 
B 1 61  HIS 61  59  59  HIS HIS B . n 
B 1 62  TYR 62  60  60  TYR TYR B . n 
B 1 63  VAL 63  61  61  VAL VAL B . n 
B 1 64  ILE 64  62  62  ILE ILE B . n 
B 1 65  GLY 65  63  63  GLY GLY B . n 
B 1 66  VAL 66  64  64  VAL VAL B . n 
B 1 67  LEU 67  65  65  LEU LEU B . n 
B 1 68  GLY 68  66  66  GLY GLY B . n 
B 1 69  ASN 69  67  67  ASN ASN B . n 
B 1 70  GLY 70  68  68  GLY GLY B . n 
B 1 71  VAL 71  69  69  VAL VAL B . n 
B 1 72  SER 72  70  70  SER SER B . n 
B 1 73  ASP 73  71  71  ASP ASP B . n 
B 1 74  LEU 74  72  72  LEU LEU B . n 
B 1 75  LYS 75  73  73  LYS LYS B . n 
B 1 76  PRO 76  74  74  PRO PRO B . n 
B 1 77  VAL 77  75  75  VAL VAL B . n 
B 1 78  LEU 78  76  76  LEU LEU B . n 
B 1 79  LEU 79  77  77  LEU LEU B . n 
B 1 80  THR 80  78  78  THR THR B . n 
B 1 81  GLU 81  79  79  GLU GLU B . n 
B 1 82  PRO 82  80  80  PRO PRO B . n 
B 1 83  SER 83  81  81  SER SER B . n 
B 1 84  VAL 84  82  82  VAL VAL B . n 
B 1 85  MET 85  83  83  MET MET B . n 
B 1 86  LEU 86  84  84  LEU LEU B . n 
B 1 87  GLN 87  85  85  GLN GLN B . n 
B 1 88  GLY 88  86  86  GLY GLY B . n 
B 1 89  PHE 89  87  87  PHE PHE B . n 
B 1 90  ILE 90  88  88  ILE ILE B . n 
B 1 91  VAL 91  89  89  VAL VAL B . n 
B 1 92  ARG 92  90  90  ARG ARG B . n 
B 1 93  SER 93  91  91  SER SER B . n 
B 1 94  GLY 94  92  92  GLY GLY B . n 
B 1 95  SER 95  93  93  SER SER B . n 
B 1 96  GLY 96  94  94  GLY GLY B . n 
B 1 97  SER 97  95  95  SER SER B . n 
B 1 98  VAL 98  96  96  VAL VAL B . n 
B 1 99  LEU 99  97  97  LEU LEU B . n 
B 1 100 GLU 100 98  98  GLU GLU B . n 
B 1 101 ASP 101 99  99  ASP ASP B . n 
B 1 102 PHE 102 100 100 PHE PHE B . n 
B 1 103 ASP 103 101 101 ASP ASP B . n 
B 1 104 LEU 104 102 102 LEU LEU B . n 
B 1 105 LYS 105 103 103 LYS LYS B . n 
B 1 106 ILE 106 104 104 ILE ILE B . n 
B 1 107 ALA 107 105 105 ALA ALA B . n 
# 
loop_
_pdbx_nonpoly_scheme.asym_id 
_pdbx_nonpoly_scheme.entity_id 
_pdbx_nonpoly_scheme.mon_id 
_pdbx_nonpoly_scheme.ndb_seq_num 
_pdbx_nonpoly_scheme.pdb_seq_num 
_pdbx_nonpoly_scheme.auth_seq_num 
_pdbx_nonpoly_scheme.pdb_mon_id 
_pdbx_nonpoly_scheme.auth_mon_id 
_pdbx_nonpoly_scheme.pdb_strand_id 
_pdbx_nonpoly_scheme.pdb_ins_code 
C 2 HOH 1  201 1040 HOH HOH A . 
C 2 HOH 2  202 1009 HOH HOH A . 
C 2 HOH 3  203 1042 HOH HOH A . 
C 2 HOH 4  204 1018 HOH HOH A . 
C 2 HOH 5  205 1028 HOH HOH A . 
C 2 HOH 6  206 1007 HOH HOH A . 
C 2 HOH 7  207 1008 HOH HOH A . 
C 2 HOH 8  208 1044 HOH HOH A . 
C 2 HOH 9  209 1047 HOH HOH A . 
C 2 HOH 10 210 1015 HOH HOH A . 
C 2 HOH 11 211 1040 HOH HOH A . 
C 2 HOH 12 212 1044 HOH HOH A . 
C 2 HOH 13 213 1043 HOH HOH A . 
C 2 HOH 14 214 1010 HOH HOH A . 
C 2 HOH 15 215 1017 HOH HOH A . 
C 2 HOH 16 216 1011 HOH HOH A . 
C 2 HOH 17 217 1045 HOH HOH A . 
C 2 HOH 18 218 1019 HOH HOH A . 
C 2 HOH 19 219 1036 HOH HOH A . 
C 2 HOH 20 220 1002 HOH HOH A . 
C 2 HOH 21 221 1006 HOH HOH A . 
C 2 HOH 22 222 1030 HOH HOH A . 
C 2 HOH 23 223 1012 HOH HOH A . 
C 2 HOH 24 224 1004 HOH HOH A . 
C 2 HOH 25 225 1025 HOH HOH A . 
C 2 HOH 26 226 1023 HOH HOH A . 
C 2 HOH 27 227 1000 HOH HOH A . 
C 2 HOH 28 228 1001 HOH HOH A . 
C 2 HOH 29 229 1032 HOH HOH A . 
C 2 HOH 30 230 1021 HOH HOH A . 
C 2 HOH 31 231 1033 HOH HOH A . 
C 2 HOH 32 232 1020 HOH HOH A . 
C 2 HOH 33 233 1026 HOH HOH A . 
C 2 HOH 34 234 1039 HOH HOH A . 
C 2 HOH 35 235 1027 HOH HOH A . 
C 2 HOH 36 236 1020 HOH HOH A . 
C 2 HOH 37 237 1049 HOH HOH A . 
C 2 HOH 38 238 1017 HOH HOH A . 
C 2 HOH 39 239 1003 HOH HOH A . 
C 2 HOH 40 240 1013 HOH HOH A . 
C 2 HOH 41 241 1038 HOH HOH A . 
C 2 HOH 42 242 1016 HOH HOH A . 
C 2 HOH 43 243 1014 HOH HOH A . 
C 2 HOH 44 244 1005 HOH HOH A . 
C 2 HOH 45 245 1037 HOH HOH A . 
C 2 HOH 46 246 1024 HOH HOH A . 
C 2 HOH 47 247 1046 HOH HOH A . 
C 2 HOH 48 248 1041 HOH HOH A . 
C 2 HOH 49 249 1050 HOH HOH A . 
C 2 HOH 50 250 1022 HOH HOH A . 
C 2 HOH 51 251 1048 HOH HOH A . 
C 2 HOH 52 252 1031 HOH HOH A . 
C 2 HOH 53 253 1031 HOH HOH A . 
C 2 HOH 54 254 1034 HOH HOH A . 
C 2 HOH 55 255 1029 HOH HOH A . 
C 2 HOH 56 256 1035 HOH HOH A . 
D 2 HOH 1  201 1038 HOH HOH B . 
D 2 HOH 2  202 1041 HOH HOH B . 
D 2 HOH 3  203 1042 HOH HOH B . 
D 2 HOH 4  204 1028 HOH HOH B . 
D 2 HOH 5  205 1034 HOH HOH B . 
D 2 HOH 6  206 1032 HOH HOH B . 
D 2 HOH 7  207 1025 HOH HOH B . 
D 2 HOH 8  208 1016 HOH HOH B . 
D 2 HOH 9  209 1010 HOH HOH B . 
D 2 HOH 10 210 1018 HOH HOH B . 
D 2 HOH 11 211 1004 HOH HOH B . 
D 2 HOH 12 212 1019 HOH HOH B . 
D 2 HOH 13 213 1012 HOH HOH B . 
D 2 HOH 14 214 1021 HOH HOH B . 
D 2 HOH 15 215 1022 HOH HOH B . 
D 2 HOH 16 216 1000 HOH HOH B . 
D 2 HOH 17 217 1013 HOH HOH B . 
D 2 HOH 18 218 1002 HOH HOH B . 
D 2 HOH 19 219 1046 HOH HOH B . 
D 2 HOH 20 220 1023 HOH HOH B . 
D 2 HOH 21 221 1030 HOH HOH B . 
D 2 HOH 22 222 1001 HOH HOH B . 
D 2 HOH 23 223 1006 HOH HOH B . 
D 2 HOH 24 224 1029 HOH HOH B . 
D 2 HOH 25 225 1011 HOH HOH B . 
D 2 HOH 26 226 1033 HOH HOH B . 
D 2 HOH 27 227 1009 HOH HOH B . 
D 2 HOH 28 228 1008 HOH HOH B . 
D 2 HOH 29 229 1005 HOH HOH B . 
D 2 HOH 30 230 1024 HOH HOH B . 
D 2 HOH 31 231 1007 HOH HOH B . 
D 2 HOH 32 232 1014 HOH HOH B . 
D 2 HOH 33 233 1026 HOH HOH B . 
D 2 HOH 34 234 1003 HOH HOH B . 
D 2 HOH 35 235 1037 HOH HOH B . 
D 2 HOH 36 236 1035 HOH HOH B . 
D 2 HOH 37 237 1045 HOH HOH B . 
D 2 HOH 38 238 1051 HOH HOH B . 
D 2 HOH 39 239 1027 HOH HOH B . 
D 2 HOH 40 240 1036 HOH HOH B . 
D 2 HOH 41 241 1015 HOH HOH B . 
D 2 HOH 42 242 1043 HOH HOH B . 
D 2 HOH 43 243 1039 HOH HOH B . 
D 2 HOH 44 244 1047 HOH HOH B . 
D 2 HOH 45 245 1050 HOH HOH B . 
D 2 HOH 46 246 1049 HOH HOH B . 
D 2 HOH 47 247 1048 HOH HOH B . 
# 
loop_
_software.citation_id 
_software.classification 
_software.compiler_name 
_software.compiler_version 
_software.contact_author 
_software.contact_author_email 
_software.date 
_software.description 
_software.dependencies 
_software.hardware 
_software.language 
_software.location 
_software.mods 
_software.name 
_software.os 
_software.os_version 
_software.type 
_software.version 
_software.pdbx_ordinal 
? refinement        ? ? ? ? ? ? ? ? ? ? ? PHENIX      ? ? ? 1.13_2998 1 
? 'data extraction' ? ? ? ? ? ? ? ? ? ? ? PDB_EXTRACT ? ? ? 3.24      2 
? 'data reduction'  ? ? ? ? ? ? ? ? ? ? ? HKL-3000    ? ? ? .         3 
? 'data scaling'    ? ? ? ? ? ? ? ? ? ? ? HKL-3000    ? ? ? .         4 
? phasing           ? ? ? ? ? ? ? ? ? ? ? PHENIX      ? ? ? .         5 
# 
_cell.angle_alpha                  90.000 
_cell.angle_alpha_esd              ? 
_cell.angle_beta                   97.540 
_cell.angle_beta_esd               ? 
_cell.angle_gamma                  90.000 
_cell.angle_gamma_esd              ? 
_cell.entry_id                     6IVD 
_cell.details                      ? 
_cell.formula_units_Z              ? 
_cell.length_a                     33.442 
_cell.length_a_esd                 ? 
_cell.length_b                     59.242 
_cell.length_b_esd                 ? 
_cell.length_c                     57.175 
_cell.length_c_esd                 ? 
_cell.volume                       ? 
_cell.volume_esd                   ? 
_cell.Z_PDB                        4 
_cell.reciprocal_angle_alpha       ? 
_cell.reciprocal_angle_beta        ? 
_cell.reciprocal_angle_gamma       ? 
_cell.reciprocal_angle_alpha_esd   ? 
_cell.reciprocal_angle_beta_esd    ? 
_cell.reciprocal_angle_gamma_esd   ? 
_cell.reciprocal_length_a          ? 
_cell.reciprocal_length_b          ? 
_cell.reciprocal_length_c          ? 
_cell.reciprocal_length_a_esd      ? 
_cell.reciprocal_length_b_esd      ? 
_cell.reciprocal_length_c_esd      ? 
_cell.pdbx_unique_axis             ? 
# 
_symmetry.entry_id                         6IVD 
_symmetry.cell_setting                     ? 
_symmetry.Int_Tables_number                4 
_symmetry.space_group_name_Hall            ? 
_symmetry.space_group_name_H-M             'P 1 21 1' 
_symmetry.pdbx_full_space_group_name_H-M   ? 
# 
_exptl.absorpt_coefficient_mu     ? 
_exptl.absorpt_correction_T_max   ? 
_exptl.absorpt_correction_T_min   ? 
_exptl.absorpt_correction_type    ? 
_exptl.absorpt_process_details    ? 
_exptl.entry_id                   6IVD 
_exptl.crystals_number            1 
_exptl.details                    ? 
_exptl.method                     'X-RAY DIFFRACTION' 
_exptl.method_details             ? 
# 
_exptl_crystal.colour                      ? 
_exptl_crystal.density_diffrn              ? 
_exptl_crystal.density_Matthews            2.30 
_exptl_crystal.density_method              ? 
_exptl_crystal.density_percent_sol         46.63 
_exptl_crystal.description                 ? 
_exptl_crystal.F_000                       ? 
_exptl_crystal.id                          1 
_exptl_crystal.preparation                 ? 
_exptl_crystal.size_max                    ? 
_exptl_crystal.size_mid                    ? 
_exptl_crystal.size_min                    ? 
_exptl_crystal.size_rad                    ? 
_exptl_crystal.colour_lustre               ? 
_exptl_crystal.colour_modifier             ? 
_exptl_crystal.colour_primary              ? 
_exptl_crystal.density_meas                ? 
_exptl_crystal.density_meas_esd            ? 
_exptl_crystal.density_meas_gt             ? 
_exptl_crystal.density_meas_lt             ? 
_exptl_crystal.density_meas_temp           ? 
_exptl_crystal.density_meas_temp_esd       ? 
_exptl_crystal.density_meas_temp_gt        ? 
_exptl_crystal.density_meas_temp_lt        ? 
_exptl_crystal.pdbx_crystal_image_url      ? 
_exptl_crystal.pdbx_crystal_image_format   ? 
_exptl_crystal.pdbx_mosaicity              ? 
_exptl_crystal.pdbx_mosaicity_esd          ? 
# 
_exptl_crystal_grow.apparatus       ? 
_exptl_crystal_grow.atmosphere      ? 
_exptl_crystal_grow.crystal_id      1 
_exptl_crystal_grow.details         ? 
_exptl_crystal_grow.method          'VAPOR DIFFUSION, SITTING DROP' 
_exptl_crystal_grow.method_ref      ? 
_exptl_crystal_grow.pH              ? 
_exptl_crystal_grow.pressure        ? 
_exptl_crystal_grow.pressure_esd    ? 
_exptl_crystal_grow.seeding         ? 
_exptl_crystal_grow.seeding_ref     ? 
_exptl_crystal_grow.temp            293 
_exptl_crystal_grow.temp_details    ? 
_exptl_crystal_grow.temp_esd        ? 
_exptl_crystal_grow.time            ? 
_exptl_crystal_grow.pdbx_details    'PEG 3350, Ammonium phosphate dibasic' 
_exptl_crystal_grow.pdbx_pH_range   ? 
# 
_diffrn.ambient_environment              ? 
_diffrn.ambient_temp                     100 
_diffrn.ambient_temp_details             ? 
_diffrn.ambient_temp_esd                 ? 
_diffrn.crystal_id                       1 
_diffrn.crystal_support                  ? 
_diffrn.crystal_treatment                ? 
_diffrn.details                          ? 
_diffrn.id                               1 
_diffrn.ambient_pressure                 ? 
_diffrn.ambient_pressure_esd             ? 
_diffrn.ambient_pressure_gt              ? 
_diffrn.ambient_pressure_lt              ? 
_diffrn.ambient_temp_gt                  ? 
_diffrn.ambient_temp_lt                  ? 
_diffrn.pdbx_serial_crystal_experiment   N 
# 
_diffrn_detector.details                      ? 
_diffrn_detector.detector                     CCD 
_diffrn_detector.diffrn_id                    1 
_diffrn_detector.type                         'ADSC QUANTUM 315' 
_diffrn_detector.area_resol_mean              ? 
_diffrn_detector.dtime                        ? 
_diffrn_detector.pdbx_frames_total            ? 
_diffrn_detector.pdbx_collection_time_total   ? 
_diffrn_detector.pdbx_collection_date         2018-05-23 
_diffrn_detector.pdbx_frequency               ? 
# 
_diffrn_radiation.collimation                      ? 
_diffrn_radiation.diffrn_id                        1 
_diffrn_radiation.filter_edge                      ? 
_diffrn_radiation.inhomogeneity                    ? 
_diffrn_radiation.monochromator                    ? 
_diffrn_radiation.polarisn_norm                    ? 
_diffrn_radiation.polarisn_ratio                   ? 
_diffrn_radiation.probe                            ? 
_diffrn_radiation.type                             ? 
_diffrn_radiation.xray_symbol                      ? 
_diffrn_radiation.wavelength_id                    1 
_diffrn_radiation.pdbx_monochromatic_or_laue_m_l   M 
_diffrn_radiation.pdbx_wavelength_list             ? 
_diffrn_radiation.pdbx_wavelength                  ? 
_diffrn_radiation.pdbx_diffrn_protocol             'SINGLE WAVELENGTH' 
_diffrn_radiation.pdbx_analyzer                    ? 
_diffrn_radiation.pdbx_scattering_type             x-ray 
# 
_diffrn_radiation_wavelength.id           1 
_diffrn_radiation_wavelength.wavelength   0.97918 
_diffrn_radiation_wavelength.wt           1.0 
# 
_diffrn_source.current                     ? 
_diffrn_source.details                     ? 
_diffrn_source.diffrn_id                   1 
_diffrn_source.power                       ? 
_diffrn_source.size                        ? 
_diffrn_source.source                      SYNCHROTRON 
_diffrn_source.target                      ? 
_diffrn_source.type                        'SSRF BEAMLINE BL17U1' 
_diffrn_source.voltage                     ? 
_diffrn_source.take-off_angle              ? 
_diffrn_source.pdbx_wavelength_list        0.97918 
_diffrn_source.pdbx_wavelength             ? 
_diffrn_source.pdbx_synchrotron_beamline   BL17U1 
_diffrn_source.pdbx_synchrotron_site       SSRF 
# 
_reflns.B_iso_Wilson_estimate            22.900 
_reflns.entry_id                         6IVD 
_reflns.data_reduction_details           ? 
_reflns.data_reduction_method            ? 
_reflns.d_resolution_high                1.975 
_reflns.d_resolution_low                 40.955 
_reflns.details                          ? 
_reflns.limit_h_max                      ? 
_reflns.limit_h_min                      ? 
_reflns.limit_k_max                      ? 
_reflns.limit_k_min                      ? 
_reflns.limit_l_max                      ? 
_reflns.limit_l_min                      ? 
_reflns.number_all                       ? 
_reflns.number_obs                       15284 
_reflns.observed_criterion               ? 
_reflns.observed_criterion_F_max         ? 
_reflns.observed_criterion_F_min         ? 
_reflns.observed_criterion_I_max         ? 
_reflns.observed_criterion_I_min         ? 
_reflns.observed_criterion_sigma_F       ? 
_reflns.observed_criterion_sigma_I       ? 
_reflns.percent_possible_obs             97.63 
_reflns.R_free_details                   ? 
_reflns.Rmerge_F_all                     ? 
_reflns.Rmerge_F_obs                     ? 
_reflns.Friedel_coverage                 ? 
_reflns.number_gt                        ? 
_reflns.threshold_expression             ? 
_reflns.pdbx_redundancy                  2.68 
_reflns.pdbx_Rmerge_I_obs                ? 
_reflns.pdbx_Rmerge_I_all                ? 
_reflns.pdbx_Rsym_value                  ? 
_reflns.pdbx_netI_over_av_sigmaI         ? 
_reflns.pdbx_netI_over_sigmaI            26.22 
_reflns.pdbx_res_netI_over_av_sigmaI_2   ? 
_reflns.pdbx_res_netI_over_sigmaI_2      ? 
_reflns.pdbx_chi_squared                 ? 
_reflns.pdbx_scaling_rejects             ? 
_reflns.pdbx_d_res_high_opt              ? 
_reflns.pdbx_d_res_low_opt               ? 
_reflns.pdbx_d_res_opt_method            ? 
_reflns.phase_calculation_details        ? 
_reflns.pdbx_Rrim_I_all                  ? 
_reflns.pdbx_Rpim_I_all                  ? 
_reflns.pdbx_d_opt                       ? 
_reflns.pdbx_number_measured_all         ? 
_reflns.pdbx_diffrn_id                   1 
_reflns.pdbx_ordinal                     1 
_reflns.pdbx_CC_half                     ? 
_reflns.pdbx_R_split                     ? 
# 
_reflns_shell.d_res_high                  1.975 
_reflns_shell.d_res_low                   2.127 
_reflns_shell.meanI_over_sigI_all         ? 
_reflns_shell.meanI_over_sigI_obs         ? 
_reflns_shell.number_measured_all         ? 
_reflns_shell.number_measured_obs         ? 
_reflns_shell.number_possible             ? 
_reflns_shell.number_unique_all           ? 
_reflns_shell.number_unique_obs           ? 
_reflns_shell.percent_possible_all        ? 
_reflns_shell.percent_possible_obs        ? 
_reflns_shell.Rmerge_F_all                ? 
_reflns_shell.Rmerge_F_obs                ? 
_reflns_shell.Rmerge_I_all                ? 
_reflns_shell.Rmerge_I_obs                ? 
_reflns_shell.meanI_over_sigI_gt          ? 
_reflns_shell.meanI_over_uI_all           ? 
_reflns_shell.meanI_over_uI_gt            ? 
_reflns_shell.number_measured_gt          ? 
_reflns_shell.number_unique_gt            ? 
_reflns_shell.percent_possible_gt         ? 
_reflns_shell.Rmerge_F_gt                 ? 
_reflns_shell.Rmerge_I_gt                 ? 
_reflns_shell.pdbx_redundancy             ? 
_reflns_shell.pdbx_Rsym_value             ? 
_reflns_shell.pdbx_chi_squared            ? 
_reflns_shell.pdbx_netI_over_sigmaI_all   ? 
_reflns_shell.pdbx_netI_over_sigmaI_obs   ? 
_reflns_shell.pdbx_Rrim_I_all             ? 
_reflns_shell.pdbx_Rpim_I_all             ? 
_reflns_shell.pdbx_rejects                ? 
_reflns_shell.pdbx_ordinal                1 
_reflns_shell.pdbx_diffrn_id              1 
_reflns_shell.pdbx_CC_half                ? 
_reflns_shell.pdbx_R_split                ? 
# 
_refine.aniso_B[1][1]                            ? 
_refine.aniso_B[1][2]                            ? 
_refine.aniso_B[1][3]                            ? 
_refine.aniso_B[2][2]                            ? 
_refine.aniso_B[2][3]                            ? 
_refine.aniso_B[3][3]                            ? 
_refine.B_iso_max                                62.130 
_refine.B_iso_mean                               26.5510 
_refine.B_iso_min                                11.740 
_refine.correlation_coeff_Fo_to_Fc               ? 
_refine.correlation_coeff_Fo_to_Fc_free          ? 
_refine.details                                  ? 
_refine.diff_density_max                         ? 
_refine.diff_density_max_esd                     ? 
_refine.diff_density_min                         ? 
_refine.diff_density_min_esd                     ? 
_refine.diff_density_rms                         ? 
_refine.diff_density_rms_esd                     ? 
_refine.entry_id                                 6IVD 
_refine.pdbx_refine_id                           'X-RAY DIFFRACTION' 
_refine.ls_abs_structure_details                 ? 
_refine.ls_abs_structure_Flack                   ? 
_refine.ls_abs_structure_Flack_esd               ? 
_refine.ls_abs_structure_Rogers                  ? 
_refine.ls_abs_structure_Rogers_esd              ? 
_refine.ls_d_res_high                            1.9750 
_refine.ls_d_res_low                             40.9550 
_refine.ls_extinction_coef                       ? 
_refine.ls_extinction_coef_esd                   ? 
_refine.ls_extinction_expression                 ? 
_refine.ls_extinction_method                     ? 
_refine.ls_goodness_of_fit_all                   ? 
_refine.ls_goodness_of_fit_all_esd               ? 
_refine.ls_goodness_of_fit_obs                   ? 
_refine.ls_goodness_of_fit_obs_esd               ? 
_refine.ls_hydrogen_treatment                    ? 
_refine.ls_matrix_type                           ? 
_refine.ls_number_constraints                    ? 
_refine.ls_number_parameters                     ? 
_refine.ls_number_reflns_all                     ? 
_refine.ls_number_reflns_obs                     15284 
_refine.ls_number_reflns_R_free                  757 
_refine.ls_number_reflns_R_work                  14527 
_refine.ls_number_restraints                     ? 
_refine.ls_percent_reflns_obs                    97.6300 
_refine.ls_percent_reflns_R_free                 4.9500 
_refine.ls_R_factor_all                          ? 
_refine.ls_R_factor_obs                          0.1937 
_refine.ls_R_factor_R_free                       0.2371 
_refine.ls_R_factor_R_free_error                 ? 
_refine.ls_R_factor_R_free_error_details         ? 
_refine.ls_R_factor_R_work                       0.1914 
_refine.ls_R_Fsqd_factor_obs                     ? 
_refine.ls_R_I_factor_obs                        ? 
_refine.ls_redundancy_reflns_all                 ? 
_refine.ls_redundancy_reflns_obs                 ? 
_refine.ls_restrained_S_all                      ? 
_refine.ls_restrained_S_obs                      ? 
_refine.ls_shift_over_esd_max                    ? 
_refine.ls_shift_over_esd_mean                   ? 
_refine.ls_structure_factor_coef                 ? 
_refine.ls_weighting_details                     ? 
_refine.ls_weighting_scheme                      ? 
_refine.ls_wR_factor_all                         ? 
_refine.ls_wR_factor_obs                         ? 
_refine.ls_wR_factor_R_free                      ? 
_refine.ls_wR_factor_R_work                      ? 
_refine.occupancy_max                            ? 
_refine.occupancy_min                            ? 
_refine.solvent_model_details                    'FLAT BULK SOLVENT MODEL' 
_refine.solvent_model_param_bsol                 ? 
_refine.solvent_model_param_ksol                 ? 
_refine.ls_R_factor_gt                           ? 
_refine.ls_goodness_of_fit_gt                    ? 
_refine.ls_goodness_of_fit_ref                   ? 
_refine.ls_shift_over_su_max                     ? 
_refine.ls_shift_over_su_max_lt                  ? 
_refine.ls_shift_over_su_mean                    ? 
_refine.ls_shift_over_su_mean_lt                 ? 
_refine.pdbx_ls_sigma_I                          ? 
_refine.pdbx_ls_sigma_F                          1.370 
_refine.pdbx_ls_sigma_Fsqd                       ? 
_refine.pdbx_data_cutoff_high_absF               ? 
_refine.pdbx_data_cutoff_high_rms_absF           ? 
_refine.pdbx_data_cutoff_low_absF                ? 
_refine.pdbx_isotropic_thermal_model             ? 
_refine.pdbx_ls_cross_valid_method               THROUGHOUT 
_refine.pdbx_method_to_determine_struct          'MOLECULAR REPLACEMENT' 
_refine.pdbx_starting_model                      ? 
_refine.pdbx_stereochemistry_target_values       ML 
_refine.pdbx_R_Free_selection_details            ? 
_refine.pdbx_stereochem_target_val_spec_case     ? 
_refine.pdbx_overall_ESU_R                       ? 
_refine.pdbx_overall_ESU_R_Free                  ? 
_refine.pdbx_solvent_vdw_probe_radii             1.1100 
_refine.pdbx_solvent_ion_probe_radii             ? 
_refine.pdbx_solvent_shrinkage_radii             0.9000 
_refine.pdbx_real_space_R                        ? 
_refine.pdbx_density_correlation                 ? 
_refine.pdbx_pd_number_of_powder_patterns        ? 
_refine.pdbx_pd_number_of_points                 ? 
_refine.pdbx_pd_meas_number_of_points            ? 
_refine.pdbx_pd_proc_ls_prof_R_factor            ? 
_refine.pdbx_pd_proc_ls_prof_wR_factor           ? 
_refine.pdbx_pd_Marquardt_correlation_coeff      ? 
_refine.pdbx_pd_Fsqrd_R_factor                   ? 
_refine.pdbx_pd_ls_matrix_band_width             ? 
_refine.pdbx_overall_phase_error                 26.1500 
_refine.pdbx_overall_SU_R_free_Cruickshank_DPI   ? 
_refine.pdbx_overall_SU_R_free_Blow_DPI          ? 
_refine.pdbx_overall_SU_R_Blow_DPI               ? 
_refine.pdbx_TLS_residual_ADP_flag               ? 
_refine.pdbx_diffrn_id                           1 
_refine.overall_SU_B                             ? 
_refine.overall_SU_ML                            0.2100 
_refine.overall_SU_R_Cruickshank_DPI             ? 
_refine.overall_SU_R_free                        ? 
_refine.overall_FOM_free_R_set                   ? 
_refine.overall_FOM_work_R_set                   ? 
_refine.pdbx_average_fsc_overall                 ? 
_refine.pdbx_average_fsc_work                    ? 
_refine.pdbx_average_fsc_free                    ? 
# 
_refine_hist.cycle_id                         final 
_refine_hist.pdbx_refine_id                   'X-RAY DIFFRACTION' 
_refine_hist.d_res_high                       1.9750 
_refine_hist.d_res_low                        40.9550 
_refine_hist.pdbx_number_atoms_ligand         0 
_refine_hist.number_atoms_solvent             103 
_refine_hist.number_atoms_total               1787 
_refine_hist.pdbx_number_residues_total       211 
_refine_hist.pdbx_B_iso_mean_solvent          31.93 
_refine_hist.pdbx_number_atoms_protein        1684 
_refine_hist.pdbx_number_atoms_nucleic_acid   0 
# 
loop_
_refine_ls_shell.pdbx_refine_id 
_refine_ls_shell.d_res_high 
_refine_ls_shell.d_res_low 
_refine_ls_shell.number_reflns_all 
_refine_ls_shell.number_reflns_obs 
_refine_ls_shell.number_reflns_R_free 
_refine_ls_shell.number_reflns_R_work 
_refine_ls_shell.percent_reflns_obs 
_refine_ls_shell.percent_reflns_R_free 
_refine_ls_shell.R_factor_all 
_refine_ls_shell.R_factor_obs 
_refine_ls_shell.R_factor_R_free 
_refine_ls_shell.R_factor_R_free_error 
_refine_ls_shell.R_factor_R_work 
_refine_ls_shell.redundancy_reflns_all 
_refine_ls_shell.redundancy_reflns_obs 
_refine_ls_shell.wR_factor_all 
_refine_ls_shell.wR_factor_obs 
_refine_ls_shell.wR_factor_R_free 
_refine_ls_shell.wR_factor_R_work 
_refine_ls_shell.pdbx_total_number_of_bins_used 
_refine_ls_shell.pdbx_phase_error 
_refine_ls_shell.pdbx_fsc_work 
_refine_ls_shell.pdbx_fsc_free 
'X-RAY DIFFRACTION' 1.9745 2.1270  2999 . 149 2850 96.0000 . . . 0.2591 0.0000 0.1935 . . . . . . 5 . . . 
'X-RAY DIFFRACTION' 2.1270 2.3410  3073 . 136 2937 99.0000 . . . 0.2575 0.0000 0.1976 . . . . . . 5 . . . 
'X-RAY DIFFRACTION' 2.3410 2.6797  3061 . 155 2906 98.0000 . . . 0.2792 0.0000 0.2076 . . . . . . 5 . . . 
'X-RAY DIFFRACTION' 2.6797 3.3759  3085 . 142 2943 98.0000 . . . 0.2440 0.0000 0.2074 . . . . . . 5 . . . 
'X-RAY DIFFRACTION' 3.3759 40.9635 3066 . 175 2891 96.0000 . . . 0.2130 0.0000 0.1741 . . . . . . 5 . . . 
# 
_struct.entry_id                     6IVD 
_struct.title                        'TGEV nsp1 mutant - 91-95sg' 
_struct.pdbx_model_details           ? 
_struct.pdbx_formula_weight          ? 
_struct.pdbx_formula_weight_method   ? 
_struct.pdbx_model_type_details      ? 
_struct.pdbx_CASP_flag               N 
# 
_struct_keywords.entry_id        6IVD 
_struct_keywords.text            'Transmissible Gastroenteritis Virus, nsp1 mutant, VIRAL PROTEIN' 
_struct_keywords.pdbx_keywords   'VIRAL PROTEIN' 
# 
loop_
_struct_asym.id 
_struct_asym.pdbx_blank_PDB_chainid_flag 
_struct_asym.pdbx_modified 
_struct_asym.entity_id 
_struct_asym.details 
A N N 1 ? 
B N N 1 ? 
C N N 2 ? 
D N N 2 ? 
# 
_struct_ref.id                         1 
_struct_ref.db_name                    UNP 
_struct_ref.db_code                    A0A140EDJ9_9ALPC 
_struct_ref.pdbx_db_accession          A0A140EDJ9 
_struct_ref.pdbx_db_isoform            ? 
_struct_ref.entity_id                  1 
_struct_ref.pdbx_seq_one_letter_code   
;MSSKQFKILVNEDYQVNVPSLPIRDVLQEIKYCYRNGFEGYVFVPEYCRDLVDCDRKDHYVIGVLGNGVSDLKPVLLTEP
SVMLQGFIVRANCNGVLEDFDLKIA
;
_struct_ref.pdbx_align_begin           1 
# 
loop_
_struct_ref_seq.align_id 
_struct_ref_seq.ref_id 
_struct_ref_seq.pdbx_PDB_id_code 
_struct_ref_seq.pdbx_strand_id 
_struct_ref_seq.seq_align_beg 
_struct_ref_seq.pdbx_seq_align_beg_ins_code 
_struct_ref_seq.seq_align_end 
_struct_ref_seq.pdbx_seq_align_end_ins_code 
_struct_ref_seq.pdbx_db_accession 
_struct_ref_seq.db_align_beg 
_struct_ref_seq.pdbx_db_align_beg_ins_code 
_struct_ref_seq.db_align_end 
_struct_ref_seq.pdbx_db_align_end_ins_code 
_struct_ref_seq.pdbx_auth_seq_align_beg 
_struct_ref_seq.pdbx_auth_seq_align_end 
1 1 6IVD A 3 ? 107 ? A0A140EDJ9 1 ? 105 ? 1 105 
2 1 6IVD B 3 ? 107 ? A0A140EDJ9 1 ? 105 ? 1 105 
# 
loop_
_struct_ref_seq_dif.align_id 
_struct_ref_seq_dif.pdbx_pdb_id_code 
_struct_ref_seq_dif.mon_id 
_struct_ref_seq_dif.pdbx_pdb_strand_id 
_struct_ref_seq_dif.seq_num 
_struct_ref_seq_dif.pdbx_pdb_ins_code 
_struct_ref_seq_dif.pdbx_seq_db_name 
_struct_ref_seq_dif.pdbx_seq_db_accession_code 
_struct_ref_seq_dif.db_mon_id 
_struct_ref_seq_dif.pdbx_seq_db_seq_num 
_struct_ref_seq_dif.details 
_struct_ref_seq_dif.pdbx_auth_seq_num 
_struct_ref_seq_dif.pdbx_ordinal 
1 6IVD HIS A 1  ? UNP A0A140EDJ9 ?   ?  'expression tag'      -1 1  
1 6IVD HIS A 2  ? UNP A0A140EDJ9 ?   ?  'expression tag'      0  2  
1 6IVD SER A 93 ? UNP A0A140EDJ9 ALA 91 'engineered mutation' 91 3  
1 6IVD GLY A 94 ? UNP A0A140EDJ9 ASN 92 'engineered mutation' 92 4  
1 6IVD SER A 95 ? UNP A0A140EDJ9 CYS 93 'engineered mutation' 93 5  
1 6IVD GLY A 96 ? UNP A0A140EDJ9 ASN 94 'engineered mutation' 94 6  
1 6IVD SER A 97 ? UNP A0A140EDJ9 GLY 95 'engineered mutation' 95 7  
2 6IVD HIS B 1  ? UNP A0A140EDJ9 ?   ?  'expression tag'      -1 8  
2 6IVD HIS B 2  ? UNP A0A140EDJ9 ?   ?  'expression tag'      0  9  
2 6IVD SER B 93 ? UNP A0A140EDJ9 ALA 91 'engineered mutation' 91 10 
2 6IVD GLY B 94 ? UNP A0A140EDJ9 ASN 92 'engineered mutation' 92 11 
2 6IVD SER B 95 ? UNP A0A140EDJ9 CYS 93 'engineered mutation' 93 12 
2 6IVD GLY B 96 ? UNP A0A140EDJ9 ASN 94 'engineered mutation' 94 13 
2 6IVD SER B 97 ? UNP A0A140EDJ9 GLY 95 'engineered mutation' 95 14 
# 
loop_
_pdbx_struct_assembly.id 
_pdbx_struct_assembly.details 
_pdbx_struct_assembly.method_details 
_pdbx_struct_assembly.oligomeric_details 
_pdbx_struct_assembly.oligomeric_count 
1 author_defined_assembly ? monomeric 1 
2 author_defined_assembly ? monomeric 1 
# 
loop_
_pdbx_struct_assembly_gen.assembly_id 
_pdbx_struct_assembly_gen.oper_expression 
_pdbx_struct_assembly_gen.asym_id_list 
1 1 A,C 
2 1 B,D 
# 
_pdbx_struct_assembly_auth_evidence.id                     1 
_pdbx_struct_assembly_auth_evidence.assembly_id            1 
_pdbx_struct_assembly_auth_evidence.experimental_support   'gel filtration' 
_pdbx_struct_assembly_auth_evidence.details                ? 
# 
_pdbx_struct_oper_list.id                   1 
_pdbx_struct_oper_list.type                 'identity operation' 
_pdbx_struct_oper_list.name                 1_555 
_pdbx_struct_oper_list.symmetry_operation   x,y,z 
_pdbx_struct_oper_list.matrix[1][1]         1.0000000000 
_pdbx_struct_oper_list.matrix[1][2]         0.0000000000 
_pdbx_struct_oper_list.matrix[1][3]         0.0000000000 
_pdbx_struct_oper_list.vector[1]            0.0000000000 
_pdbx_struct_oper_list.matrix[2][1]         0.0000000000 
_pdbx_struct_oper_list.matrix[2][2]         1.0000000000 
_pdbx_struct_oper_list.matrix[2][3]         0.0000000000 
_pdbx_struct_oper_list.vector[2]            0.0000000000 
_pdbx_struct_oper_list.matrix[3][1]         0.0000000000 
_pdbx_struct_oper_list.matrix[3][2]         0.0000000000 
_pdbx_struct_oper_list.matrix[3][3]         1.0000000000 
_pdbx_struct_oper_list.vector[3]            0.0000000000 
# 
loop_
_struct_conf.conf_type_id 
_struct_conf.id 
_struct_conf.pdbx_PDB_helix_id 
_struct_conf.beg_label_comp_id 
_struct_conf.beg_label_asym_id 
_struct_conf.beg_label_seq_id 
_struct_conf.pdbx_beg_PDB_ins_code 
_struct_conf.end_label_comp_id 
_struct_conf.end_label_asym_id 
_struct_conf.end_label_seq_id 
_struct_conf.pdbx_end_PDB_ins_code 
_struct_conf.beg_auth_comp_id 
_struct_conf.beg_auth_asym_id 
_struct_conf.beg_auth_seq_id 
_struct_conf.end_auth_comp_id 
_struct_conf.end_auth_asym_id 
_struct_conf.end_auth_seq_id 
_struct_conf.pdbx_PDB_helix_class 
_struct_conf.details 
_struct_conf.pdbx_PDB_helix_length 
HELX_P HELX_P1 AA1 PRO A 24 ? GLY A 39 ? PRO A 22 GLY A 37 1 ? 16 
HELX_P HELX_P2 AA2 TYR A 49 ? ASP A 52 ? TYR A 47 ASP A 50 5 ? 4  
HELX_P HELX_P3 AA3 PRO B 24 ? GLY B 39 ? PRO B 22 GLY B 37 1 ? 16 
HELX_P HELX_P4 AA4 TYR B 49 ? ASP B 52 ? TYR B 47 ASP B 50 5 ? 4  
# 
_struct_conf_type.id          HELX_P 
_struct_conf_type.criteria    ? 
_struct_conf_type.reference   ? 
# 
loop_
_struct_sheet.id 
_struct_sheet.type 
_struct_sheet.number_strands 
_struct_sheet.details 
AA1 ? 7 ? 
AA2 ? 2 ? 
AA3 ? 7 ? 
AA4 ? 2 ? 
# 
loop_
_struct_sheet_order.sheet_id 
_struct_sheet_order.range_id_1 
_struct_sheet_order.range_id_2 
_struct_sheet_order.offset 
_struct_sheet_order.sense 
AA1 1 2 ? parallel      
AA1 2 3 ? anti-parallel 
AA1 3 4 ? anti-parallel 
AA1 4 5 ? anti-parallel 
AA1 5 6 ? parallel      
AA1 6 7 ? anti-parallel 
AA2 1 2 ? parallel      
AA3 1 2 ? parallel      
AA3 2 3 ? anti-parallel 
AA3 3 4 ? anti-parallel 
AA3 4 5 ? anti-parallel 
AA3 5 6 ? parallel      
AA3 6 7 ? anti-parallel 
AA4 1 2 ? parallel      
# 
loop_
_struct_sheet_range.sheet_id 
_struct_sheet_range.id 
_struct_sheet_range.beg_label_comp_id 
_struct_sheet_range.beg_label_asym_id 
_struct_sheet_range.beg_label_seq_id 
_struct_sheet_range.pdbx_beg_PDB_ins_code 
_struct_sheet_range.end_label_comp_id 
_struct_sheet_range.end_label_asym_id 
_struct_sheet_range.end_label_seq_id 
_struct_sheet_range.pdbx_end_PDB_ins_code 
_struct_sheet_range.beg_auth_comp_id 
_struct_sheet_range.beg_auth_asym_id 
_struct_sheet_range.beg_auth_seq_id 
_struct_sheet_range.end_auth_comp_id 
_struct_sheet_range.end_auth_asym_id 
_struct_sheet_range.end_auth_seq_id 
AA1 1 LYS A 6  ? VAL A 12  ? LYS A 4  VAL A 10  
AA1 2 TYR A 43 ? PRO A 47  ? TYR A 41 PRO A 45  
AA1 3 LEU A 86 ? ARG A 92  ? LEU A 84 ARG A 90  
AA1 4 VAL A 63 ? LEU A 67  ? VAL A 61 LEU A 65  
AA1 5 VAL A 71 ? VAL A 77  ? VAL A 69 VAL A 75  
AA1 6 LEU A 99 ? ILE A 106 ? LEU A 97 ILE A 104 
AA1 7 LYS A 6  ? VAL A 12  ? LYS A 4  VAL A 10  
AA2 1 VAL A 18 ? ASN A 19  ? VAL A 16 ASN A 17  
AA2 2 VAL A 54 ? ASP A 55  ? VAL A 52 ASP A 53  
AA3 1 LYS B 6  ? VAL B 12  ? LYS B 4  VAL B 10  
AA3 2 TYR B 43 ? PRO B 47  ? TYR B 41 PRO B 45  
AA3 3 LEU B 86 ? ARG B 92  ? LEU B 84 ARG B 90  
AA3 4 VAL B 63 ? LEU B 67  ? VAL B 61 LEU B 65  
AA3 5 SER B 72 ? VAL B 77  ? SER B 70 VAL B 75  
AA3 6 LEU B 99 ? ILE B 106 ? LEU B 97 ILE B 104 
AA3 7 LYS B 6  ? VAL B 12  ? LYS B 4  VAL B 10  
AA4 1 VAL B 18 ? VAL B 20  ? VAL B 16 VAL B 18  
AA4 2 VAL B 54 ? CYS B 56  ? VAL B 52 CYS B 54  
# 
loop_
_pdbx_struct_sheet_hbond.sheet_id 
_pdbx_struct_sheet_hbond.range_id_1 
_pdbx_struct_sheet_hbond.range_id_2 
_pdbx_struct_sheet_hbond.range_1_label_atom_id 
_pdbx_struct_sheet_hbond.range_1_label_comp_id 
_pdbx_struct_sheet_hbond.range_1_label_asym_id 
_pdbx_struct_sheet_hbond.range_1_label_seq_id 
_pdbx_struct_sheet_hbond.range_1_PDB_ins_code 
_pdbx_struct_sheet_hbond.range_1_auth_atom_id 
_pdbx_struct_sheet_hbond.range_1_auth_comp_id 
_pdbx_struct_sheet_hbond.range_1_auth_asym_id 
_pdbx_struct_sheet_hbond.range_1_auth_seq_id 
_pdbx_struct_sheet_hbond.range_2_label_atom_id 
_pdbx_struct_sheet_hbond.range_2_label_comp_id 
_pdbx_struct_sheet_hbond.range_2_label_asym_id 
_pdbx_struct_sheet_hbond.range_2_label_seq_id 
_pdbx_struct_sheet_hbond.range_2_PDB_ins_code 
_pdbx_struct_sheet_hbond.range_2_auth_atom_id 
_pdbx_struct_sheet_hbond.range_2_auth_comp_id 
_pdbx_struct_sheet_hbond.range_2_auth_asym_id 
_pdbx_struct_sheet_hbond.range_2_auth_seq_id 
AA1 1 2 N LEU A 11  ? N LEU A 9   O PHE A 45  ? O PHE A 43  
AA1 2 3 N VAL A 46  ? N VAL A 44  O PHE A 89  ? O PHE A 87  
AA1 3 4 O GLN A 87  ? O GLN A 85  N VAL A 66  ? N VAL A 64  
AA1 4 5 N LEU A 67  ? N LEU A 65  O ASP A 73  ? O ASP A 71  
AA1 5 6 N LEU A 74  ? N LEU A 72  O LYS A 105 ? O LYS A 103 
AA1 6 7 O PHE A 102 ? O PHE A 100 N PHE A 8   ? N PHE A 6   
AA2 1 2 N VAL A 18  ? N VAL A 16  O ASP A 55  ? O ASP A 53  
AA3 1 2 N LEU B 11  ? N LEU B 9   O PHE B 45  ? O PHE B 43  
AA3 2 3 N VAL B 46  ? N VAL B 44  O PHE B 89  ? O PHE B 87  
AA3 3 4 O GLN B 87  ? O GLN B 85  N VAL B 66  ? N VAL B 64  
AA3 4 5 N GLY B 65  ? N GLY B 63  O LYS B 75  ? O LYS B 73  
AA3 5 6 N LEU B 74  ? N LEU B 72  O LYS B 105 ? O LYS B 103 
AA3 6 7 O PHE B 102 ? O PHE B 100 N PHE B 8   ? N PHE B 6   
AA4 1 2 N VAL B 20  ? N VAL B 18  O ASP B 55  ? O ASP B 53  
# 
loop_
_pdbx_validate_torsion.id 
_pdbx_validate_torsion.PDB_model_num 
_pdbx_validate_torsion.auth_comp_id 
_pdbx_validate_torsion.auth_asym_id 
_pdbx_validate_torsion.auth_seq_id 
_pdbx_validate_torsion.PDB_ins_code 
_pdbx_validate_torsion.label_alt_id 
_pdbx_validate_torsion.phi 
_pdbx_validate_torsion.psi 
1 1 SER A 95 ? ? -117.07 -74.06 
2 1 SER B 95 ? ? -114.95 -85.29 
# 
loop_
_pdbx_unobs_or_zero_occ_residues.id 
_pdbx_unobs_or_zero_occ_residues.PDB_model_num 
_pdbx_unobs_or_zero_occ_residues.polymer_flag 
_pdbx_unobs_or_zero_occ_residues.occupancy_flag 
_pdbx_unobs_or_zero_occ_residues.auth_asym_id 
_pdbx_unobs_or_zero_occ_residues.auth_comp_id 
_pdbx_unobs_or_zero_occ_residues.auth_seq_id 
_pdbx_unobs_or_zero_occ_residues.PDB_ins_code 
_pdbx_unobs_or_zero_occ_residues.label_asym_id 
_pdbx_unobs_or_zero_occ_residues.label_comp_id 
_pdbx_unobs_or_zero_occ_residues.label_seq_id 
1 1 Y 1 B HIS -1 ? B HIS 1 
2 1 Y 1 B HIS 0  ? B HIS 2 
3 1 Y 1 B MET 1  ? B MET 3 
# 
loop_
_chem_comp_atom.comp_id 
_chem_comp_atom.atom_id 
_chem_comp_atom.type_symbol 
_chem_comp_atom.pdbx_aromatic_flag 
_chem_comp_atom.pdbx_stereo_config 
_chem_comp_atom.pdbx_ordinal 
ALA N    N N N 1   
ALA CA   C N S 2   
ALA C    C N N 3   
ALA O    O N N 4   
ALA CB   C N N 5   
ALA OXT  O N N 6   
ALA H    H N N 7   
ALA H2   H N N 8   
ALA HA   H N N 9   
ALA HB1  H N N 10  
ALA HB2  H N N 11  
ALA HB3  H N N 12  
ALA HXT  H N N 13  
ARG N    N N N 14  
ARG CA   C N S 15  
ARG C    C N N 16  
ARG O    O N N 17  
ARG CB   C N N 18  
ARG CG   C N N 19  
ARG CD   C N N 20  
ARG NE   N N N 21  
ARG CZ   C N N 22  
ARG NH1  N N N 23  
ARG NH2  N N N 24  
ARG OXT  O N N 25  
ARG H    H N N 26  
ARG H2   H N N 27  
ARG HA   H N N 28  
ARG HB2  H N N 29  
ARG HB3  H N N 30  
ARG HG2  H N N 31  
ARG HG3  H N N 32  
ARG HD2  H N N 33  
ARG HD3  H N N 34  
ARG HE   H N N 35  
ARG HH11 H N N 36  
ARG HH12 H N N 37  
ARG HH21 H N N 38  
ARG HH22 H N N 39  
ARG HXT  H N N 40  
ASN N    N N N 41  
ASN CA   C N S 42  
ASN C    C N N 43  
ASN O    O N N 44  
ASN CB   C N N 45  
ASN CG   C N N 46  
ASN OD1  O N N 47  
ASN ND2  N N N 48  
ASN OXT  O N N 49  
ASN H    H N N 50  
ASN H2   H N N 51  
ASN HA   H N N 52  
ASN HB2  H N N 53  
ASN HB3  H N N 54  
ASN HD21 H N N 55  
ASN HD22 H N N 56  
ASN HXT  H N N 57  
ASP N    N N N 58  
ASP CA   C N S 59  
ASP C    C N N 60  
ASP O    O N N 61  
ASP CB   C N N 62  
ASP CG   C N N 63  
ASP OD1  O N N 64  
ASP OD2  O N N 65  
ASP OXT  O N N 66  
ASP H    H N N 67  
ASP H2   H N N 68  
ASP HA   H N N 69  
ASP HB2  H N N 70  
ASP HB3  H N N 71  
ASP HD2  H N N 72  
ASP HXT  H N N 73  
CYS N    N N N 74  
CYS CA   C N R 75  
CYS C    C N N 76  
CYS O    O N N 77  
CYS CB   C N N 78  
CYS SG   S N N 79  
CYS OXT  O N N 80  
CYS H    H N N 81  
CYS H2   H N N 82  
CYS HA   H N N 83  
CYS HB2  H N N 84  
CYS HB3  H N N 85  
CYS HG   H N N 86  
CYS HXT  H N N 87  
GLN N    N N N 88  
GLN CA   C N S 89  
GLN C    C N N 90  
GLN O    O N N 91  
GLN CB   C N N 92  
GLN CG   C N N 93  
GLN CD   C N N 94  
GLN OE1  O N N 95  
GLN NE2  N N N 96  
GLN OXT  O N N 97  
GLN H    H N N 98  
GLN H2   H N N 99  
GLN HA   H N N 100 
GLN HB2  H N N 101 
GLN HB3  H N N 102 
GLN HG2  H N N 103 
GLN HG3  H N N 104 
GLN HE21 H N N 105 
GLN HE22 H N N 106 
GLN HXT  H N N 107 
GLU N    N N N 108 
GLU CA   C N S 109 
GLU C    C N N 110 
GLU O    O N N 111 
GLU CB   C N N 112 
GLU CG   C N N 113 
GLU CD   C N N 114 
GLU OE1  O N N 115 
GLU OE2  O N N 116 
GLU OXT  O N N 117 
GLU H    H N N 118 
GLU H2   H N N 119 
GLU HA   H N N 120 
GLU HB2  H N N 121 
GLU HB3  H N N 122 
GLU HG2  H N N 123 
GLU HG3  H N N 124 
GLU HE2  H N N 125 
GLU HXT  H N N 126 
GLY N    N N N 127 
GLY CA   C N N 128 
GLY C    C N N 129 
GLY O    O N N 130 
GLY OXT  O N N 131 
GLY H    H N N 132 
GLY H2   H N N 133 
GLY HA2  H N N 134 
GLY HA3  H N N 135 
GLY HXT  H N N 136 
HIS N    N N N 137 
HIS CA   C N S 138 
HIS C    C N N 139 
HIS O    O N N 140 
HIS CB   C N N 141 
HIS CG   C Y N 142 
HIS ND1  N Y N 143 
HIS CD2  C Y N 144 
HIS CE1  C Y N 145 
HIS NE2  N Y N 146 
HIS OXT  O N N 147 
HIS H    H N N 148 
HIS H2   H N N 149 
HIS HA   H N N 150 
HIS HB2  H N N 151 
HIS HB3  H N N 152 
HIS HD1  H N N 153 
HIS HD2  H N N 154 
HIS HE1  H N N 155 
HIS HE2  H N N 156 
HIS HXT  H N N 157 
HOH O    O N N 158 
HOH H1   H N N 159 
HOH H2   H N N 160 
ILE N    N N N 161 
ILE CA   C N S 162 
ILE C    C N N 163 
ILE O    O N N 164 
ILE CB   C N S 165 
ILE CG1  C N N 166 
ILE CG2  C N N 167 
ILE CD1  C N N 168 
ILE OXT  O N N 169 
ILE H    H N N 170 
ILE H2   H N N 171 
ILE HA   H N N 172 
ILE HB   H N N 173 
ILE HG12 H N N 174 
ILE HG13 H N N 175 
ILE HG21 H N N 176 
ILE HG22 H N N 177 
ILE HG23 H N N 178 
ILE HD11 H N N 179 
ILE HD12 H N N 180 
ILE HD13 H N N 181 
ILE HXT  H N N 182 
LEU N    N N N 183 
LEU CA   C N S 184 
LEU C    C N N 185 
LEU O    O N N 186 
LEU CB   C N N 187 
LEU CG   C N N 188 
LEU CD1  C N N 189 
LEU CD2  C N N 190 
LEU OXT  O N N 191 
LEU H    H N N 192 
LEU H2   H N N 193 
LEU HA   H N N 194 
LEU HB2  H N N 195 
LEU HB3  H N N 196 
LEU HG   H N N 197 
LEU HD11 H N N 198 
LEU HD12 H N N 199 
LEU HD13 H N N 200 
LEU HD21 H N N 201 
LEU HD22 H N N 202 
LEU HD23 H N N 203 
LEU HXT  H N N 204 
LYS N    N N N 205 
LYS CA   C N S 206 
LYS C    C N N 207 
LYS O    O N N 208 
LYS CB   C N N 209 
LYS CG   C N N 210 
LYS CD   C N N 211 
LYS CE   C N N 212 
LYS NZ   N N N 213 
LYS OXT  O N N 214 
LYS H    H N N 215 
LYS H2   H N N 216 
LYS HA   H N N 217 
LYS HB2  H N N 218 
LYS HB3  H N N 219 
LYS HG2  H N N 220 
LYS HG3  H N N 221 
LYS HD2  H N N 222 
LYS HD3  H N N 223 
LYS HE2  H N N 224 
LYS HE3  H N N 225 
LYS HZ1  H N N 226 
LYS HZ2  H N N 227 
LYS HZ3  H N N 228 
LYS HXT  H N N 229 
MET N    N N N 230 
MET CA   C N S 231 
MET C    C N N 232 
MET O    O N N 233 
MET CB   C N N 234 
MET CG   C N N 235 
MET SD   S N N 236 
MET CE   C N N 237 
MET OXT  O N N 238 
MET H    H N N 239 
MET H2   H N N 240 
MET HA   H N N 241 
MET HB2  H N N 242 
MET HB3  H N N 243 
MET HG2  H N N 244 
MET HG3  H N N 245 
MET HE1  H N N 246 
MET HE2  H N N 247 
MET HE3  H N N 248 
MET HXT  H N N 249 
PHE N    N N N 250 
PHE CA   C N S 251 
PHE C    C N N 252 
PHE O    O N N 253 
PHE CB   C N N 254 
PHE CG   C Y N 255 
PHE CD1  C Y N 256 
PHE CD2  C Y N 257 
PHE CE1  C Y N 258 
PHE CE2  C Y N 259 
PHE CZ   C Y N 260 
PHE OXT  O N N 261 
PHE H    H N N 262 
PHE H2   H N N 263 
PHE HA   H N N 264 
PHE HB2  H N N 265 
PHE HB3  H N N 266 
PHE HD1  H N N 267 
PHE HD2  H N N 268 
PHE HE1  H N N 269 
PHE HE2  H N N 270 
PHE HZ   H N N 271 
PHE HXT  H N N 272 
PRO N    N N N 273 
PRO CA   C N S 274 
PRO C    C N N 275 
PRO O    O N N 276 
PRO CB   C N N 277 
PRO CG   C N N 278 
PRO CD   C N N 279 
PRO OXT  O N N 280 
PRO H    H N N 281 
PRO HA   H N N 282 
PRO HB2  H N N 283 
PRO HB3  H N N 284 
PRO HG2  H N N 285 
PRO HG3  H N N 286 
PRO HD2  H N N 287 
PRO HD3  H N N 288 
PRO HXT  H N N 289 
SER N    N N N 290 
SER CA   C N S 291 
SER C    C N N 292 
SER O    O N N 293 
SER CB   C N N 294 
SER OG   O N N 295 
SER OXT  O N N 296 
SER H    H N N 297 
SER H2   H N N 298 
SER HA   H N N 299 
SER HB2  H N N 300 
SER HB3  H N N 301 
SER HG   H N N 302 
SER HXT  H N N 303 
THR N    N N N 304 
THR CA   C N S 305 
THR C    C N N 306 
THR O    O N N 307 
THR CB   C N R 308 
THR OG1  O N N 309 
THR CG2  C N N 310 
THR OXT  O N N 311 
THR H    H N N 312 
THR H2   H N N 313 
THR HA   H N N 314 
THR HB   H N N 315 
THR HG1  H N N 316 
THR HG21 H N N 317 
THR HG22 H N N 318 
THR HG23 H N N 319 
THR HXT  H N N 320 
TYR N    N N N 321 
TYR CA   C N S 322 
TYR C    C N N 323 
TYR O    O N N 324 
TYR CB   C N N 325 
TYR CG   C Y N 326 
TYR CD1  C Y N 327 
TYR CD2  C Y N 328 
TYR CE1  C Y N 329 
TYR CE2  C Y N 330 
TYR CZ   C Y N 331 
TYR OH   O N N 332 
TYR OXT  O N N 333 
TYR H    H N N 334 
TYR H2   H N N 335 
TYR HA   H N N 336 
TYR HB2  H N N 337 
TYR HB3  H N N 338 
TYR HD1  H N N 339 
TYR HD2  H N N 340 
TYR HE1  H N N 341 
TYR HE2  H N N 342 
TYR HH   H N N 343 
TYR HXT  H N N 344 
VAL N    N N N 345 
VAL CA   C N S 346 
VAL C    C N N 347 
VAL O    O N N 348 
VAL CB   C N N 349 
VAL CG1  C N N 350 
VAL CG2  C N N 351 
VAL OXT  O N N 352 
VAL H    H N N 353 
VAL H2   H N N 354 
VAL HA   H N N 355 
VAL HB   H N N 356 
VAL HG11 H N N 357 
VAL HG12 H N N 358 
VAL HG13 H N N 359 
VAL HG21 H N N 360 
VAL HG22 H N N 361 
VAL HG23 H N N 362 
VAL HXT  H N N 363 
# 
loop_
_chem_comp_bond.comp_id 
_chem_comp_bond.atom_id_1 
_chem_comp_bond.atom_id_2 
_chem_comp_bond.value_order 
_chem_comp_bond.pdbx_aromatic_flag 
_chem_comp_bond.pdbx_stereo_config 
_chem_comp_bond.pdbx_ordinal 
ALA N   CA   sing N N 1   
ALA N   H    sing N N 2   
ALA N   H2   sing N N 3   
ALA CA  C    sing N N 4   
ALA CA  CB   sing N N 5   
ALA CA  HA   sing N N 6   
ALA C   O    doub N N 7   
ALA C   OXT  sing N N 8   
ALA CB  HB1  sing N N 9   
ALA CB  HB2  sing N N 10  
ALA CB  HB3  sing N N 11  
ALA OXT HXT  sing N N 12  
ARG N   CA   sing N N 13  
ARG N   H    sing N N 14  
ARG N   H2   sing N N 15  
ARG CA  C    sing N N 16  
ARG CA  CB   sing N N 17  
ARG CA  HA   sing N N 18  
ARG C   O    doub N N 19  
ARG C   OXT  sing N N 20  
ARG CB  CG   sing N N 21  
ARG CB  HB2  sing N N 22  
ARG CB  HB3  sing N N 23  
ARG CG  CD   sing N N 24  
ARG CG  HG2  sing N N 25  
ARG CG  HG3  sing N N 26  
ARG CD  NE   sing N N 27  
ARG CD  HD2  sing N N 28  
ARG CD  HD3  sing N N 29  
ARG NE  CZ   sing N N 30  
ARG NE  HE   sing N N 31  
ARG CZ  NH1  sing N N 32  
ARG CZ  NH2  doub N N 33  
ARG NH1 HH11 sing N N 34  
ARG NH1 HH12 sing N N 35  
ARG NH2 HH21 sing N N 36  
ARG NH2 HH22 sing N N 37  
ARG OXT HXT  sing N N 38  
ASN N   CA   sing N N 39  
ASN N   H    sing N N 40  
ASN N   H2   sing N N 41  
ASN CA  C    sing N N 42  
ASN CA  CB   sing N N 43  
ASN CA  HA   sing N N 44  
ASN C   O    doub N N 45  
ASN C   OXT  sing N N 46  
ASN CB  CG   sing N N 47  
ASN CB  HB2  sing N N 48  
ASN CB  HB3  sing N N 49  
ASN CG  OD1  doub N N 50  
ASN CG  ND2  sing N N 51  
ASN ND2 HD21 sing N N 52  
ASN ND2 HD22 sing N N 53  
ASN OXT HXT  sing N N 54  
ASP N   CA   sing N N 55  
ASP N   H    sing N N 56  
ASP N   H2   sing N N 57  
ASP CA  C    sing N N 58  
ASP CA  CB   sing N N 59  
ASP CA  HA   sing N N 60  
ASP C   O    doub N N 61  
ASP C   OXT  sing N N 62  
ASP CB  CG   sing N N 63  
ASP CB  HB2  sing N N 64  
ASP CB  HB3  sing N N 65  
ASP CG  OD1  doub N N 66  
ASP CG  OD2  sing N N 67  
ASP OD2 HD2  sing N N 68  
ASP OXT HXT  sing N N 69  
CYS N   CA   sing N N 70  
CYS N   H    sing N N 71  
CYS N   H2   sing N N 72  
CYS CA  C    sing N N 73  
CYS CA  CB   sing N N 74  
CYS CA  HA   sing N N 75  
CYS C   O    doub N N 76  
CYS C   OXT  sing N N 77  
CYS CB  SG   sing N N 78  
CYS CB  HB2  sing N N 79  
CYS CB  HB3  sing N N 80  
CYS SG  HG   sing N N 81  
CYS OXT HXT  sing N N 82  
GLN N   CA   sing N N 83  
GLN N   H    sing N N 84  
GLN N   H2   sing N N 85  
GLN CA  C    sing N N 86  
GLN CA  CB   sing N N 87  
GLN CA  HA   sing N N 88  
GLN C   O    doub N N 89  
GLN C   OXT  sing N N 90  
GLN CB  CG   sing N N 91  
GLN CB  HB2  sing N N 92  
GLN CB  HB3  sing N N 93  
GLN CG  CD   sing N N 94  
GLN CG  HG2  sing N N 95  
GLN CG  HG3  sing N N 96  
GLN CD  OE1  doub N N 97  
GLN CD  NE2  sing N N 98  
GLN NE2 HE21 sing N N 99  
GLN NE2 HE22 sing N N 100 
GLN OXT HXT  sing N N 101 
GLU N   CA   sing N N 102 
GLU N   H    sing N N 103 
GLU N   H2   sing N N 104 
GLU CA  C    sing N N 105 
GLU CA  CB   sing N N 106 
GLU CA  HA   sing N N 107 
GLU C   O    doub N N 108 
GLU C   OXT  sing N N 109 
GLU CB  CG   sing N N 110 
GLU CB  HB2  sing N N 111 
GLU CB  HB3  sing N N 112 
GLU CG  CD   sing N N 113 
GLU CG  HG2  sing N N 114 
GLU CG  HG3  sing N N 115 
GLU CD  OE1  doub N N 116 
GLU CD  OE2  sing N N 117 
GLU OE2 HE2  sing N N 118 
GLU OXT HXT  sing N N 119 
GLY N   CA   sing N N 120 
GLY N   H    sing N N 121 
GLY N   H2   sing N N 122 
GLY CA  C    sing N N 123 
GLY CA  HA2  sing N N 124 
GLY CA  HA3  sing N N 125 
GLY C   O    doub N N 126 
GLY C   OXT  sing N N 127 
GLY OXT HXT  sing N N 128 
HIS N   CA   sing N N 129 
HIS N   H    sing N N 130 
HIS N   H2   sing N N 131 
HIS CA  C    sing N N 132 
HIS CA  CB   sing N N 133 
HIS CA  HA   sing N N 134 
HIS C   O    doub N N 135 
HIS C   OXT  sing N N 136 
HIS CB  CG   sing N N 137 
HIS CB  HB2  sing N N 138 
HIS CB  HB3  sing N N 139 
HIS CG  ND1  sing Y N 140 
HIS CG  CD2  doub Y N 141 
HIS ND1 CE1  doub Y N 142 
HIS ND1 HD1  sing N N 143 
HIS CD2 NE2  sing Y N 144 
HIS CD2 HD2  sing N N 145 
HIS CE1 NE2  sing Y N 146 
HIS CE1 HE1  sing N N 147 
HIS NE2 HE2  sing N N 148 
HIS OXT HXT  sing N N 149 
HOH O   H1   sing N N 150 
HOH O   H2   sing N N 151 
ILE N   CA   sing N N 152 
ILE N   H    sing N N 153 
ILE N   H2   sing N N 154 
ILE CA  C    sing N N 155 
ILE CA  CB   sing N N 156 
ILE CA  HA   sing N N 157 
ILE C   O    doub N N 158 
ILE C   OXT  sing N N 159 
ILE CB  CG1  sing N N 160 
ILE CB  CG2  sing N N 161 
ILE CB  HB   sing N N 162 
ILE CG1 CD1  sing N N 163 
ILE CG1 HG12 sing N N 164 
ILE CG1 HG13 sing N N 165 
ILE CG2 HG21 sing N N 166 
ILE CG2 HG22 sing N N 167 
ILE CG2 HG23 sing N N 168 
ILE CD1 HD11 sing N N 169 
ILE CD1 HD12 sing N N 170 
ILE CD1 HD13 sing N N 171 
ILE OXT HXT  sing N N 172 
LEU N   CA   sing N N 173 
LEU N   H    sing N N 174 
LEU N   H2   sing N N 175 
LEU CA  C    sing N N 176 
LEU CA  CB   sing N N 177 
LEU CA  HA   sing N N 178 
LEU C   O    doub N N 179 
LEU C   OXT  sing N N 180 
LEU CB  CG   sing N N 181 
LEU CB  HB2  sing N N 182 
LEU CB  HB3  sing N N 183 
LEU CG  CD1  sing N N 184 
LEU CG  CD2  sing N N 185 
LEU CG  HG   sing N N 186 
LEU CD1 HD11 sing N N 187 
LEU CD1 HD12 sing N N 188 
LEU CD1 HD13 sing N N 189 
LEU CD2 HD21 sing N N 190 
LEU CD2 HD22 sing N N 191 
LEU CD2 HD23 sing N N 192 
LEU OXT HXT  sing N N 193 
LYS N   CA   sing N N 194 
LYS N   H    sing N N 195 
LYS N   H2   sing N N 196 
LYS CA  C    sing N N 197 
LYS CA  CB   sing N N 198 
LYS CA  HA   sing N N 199 
LYS C   O    doub N N 200 
LYS C   OXT  sing N N 201 
LYS CB  CG   sing N N 202 
LYS CB  HB2  sing N N 203 
LYS CB  HB3  sing N N 204 
LYS CG  CD   sing N N 205 
LYS CG  HG2  sing N N 206 
LYS CG  HG3  sing N N 207 
LYS CD  CE   sing N N 208 
LYS CD  HD2  sing N N 209 
LYS CD  HD3  sing N N 210 
LYS CE  NZ   sing N N 211 
LYS CE  HE2  sing N N 212 
LYS CE  HE3  sing N N 213 
LYS NZ  HZ1  sing N N 214 
LYS NZ  HZ2  sing N N 215 
LYS NZ  HZ3  sing N N 216 
LYS OXT HXT  sing N N 217 
MET N   CA   sing N N 218 
MET N   H    sing N N 219 
MET N   H2   sing N N 220 
MET CA  C    sing N N 221 
MET CA  CB   sing N N 222 
MET CA  HA   sing N N 223 
MET C   O    doub N N 224 
MET C   OXT  sing N N 225 
MET CB  CG   sing N N 226 
MET CB  HB2  sing N N 227 
MET CB  HB3  sing N N 228 
MET CG  SD   sing N N 229 
MET CG  HG2  sing N N 230 
MET CG  HG3  sing N N 231 
MET SD  CE   sing N N 232 
MET CE  HE1  sing N N 233 
MET CE  HE2  sing N N 234 
MET CE  HE3  sing N N 235 
MET OXT HXT  sing N N 236 
PHE N   CA   sing N N 237 
PHE N   H    sing N N 238 
PHE N   H2   sing N N 239 
PHE CA  C    sing N N 240 
PHE CA  CB   sing N N 241 
PHE CA  HA   sing N N 242 
PHE C   O    doub N N 243 
PHE C   OXT  sing N N 244 
PHE CB  CG   sing N N 245 
PHE CB  HB2  sing N N 246 
PHE CB  HB3  sing N N 247 
PHE CG  CD1  doub Y N 248 
PHE CG  CD2  sing Y N 249 
PHE CD1 CE1  sing Y N 250 
PHE CD1 HD1  sing N N 251 
PHE CD2 CE2  doub Y N 252 
PHE CD2 HD2  sing N N 253 
PHE CE1 CZ   doub Y N 254 
PHE CE1 HE1  sing N N 255 
PHE CE2 CZ   sing Y N 256 
PHE CE2 HE2  sing N N 257 
PHE CZ  HZ   sing N N 258 
PHE OXT HXT  sing N N 259 
PRO N   CA   sing N N 260 
PRO N   CD   sing N N 261 
PRO N   H    sing N N 262 
PRO CA  C    sing N N 263 
PRO CA  CB   sing N N 264 
PRO CA  HA   sing N N 265 
PRO C   O    doub N N 266 
PRO C   OXT  sing N N 267 
PRO CB  CG   sing N N 268 
PRO CB  HB2  sing N N 269 
PRO CB  HB3  sing N N 270 
PRO CG  CD   sing N N 271 
PRO CG  HG2  sing N N 272 
PRO CG  HG3  sing N N 273 
PRO CD  HD2  sing N N 274 
PRO CD  HD3  sing N N 275 
PRO OXT HXT  sing N N 276 
SER N   CA   sing N N 277 
SER N   H    sing N N 278 
SER N   H2   sing N N 279 
SER CA  C    sing N N 280 
SER CA  CB   sing N N 281 
SER CA  HA   sing N N 282 
SER C   O    doub N N 283 
SER C   OXT  sing N N 284 
SER CB  OG   sing N N 285 
SER CB  HB2  sing N N 286 
SER CB  HB3  sing N N 287 
SER OG  HG   sing N N 288 
SER OXT HXT  sing N N 289 
THR N   CA   sing N N 290 
THR N   H    sing N N 291 
THR N   H2   sing N N 292 
THR CA  C    sing N N 293 
THR CA  CB   sing N N 294 
THR CA  HA   sing N N 295 
THR C   O    doub N N 296 
THR C   OXT  sing N N 297 
THR CB  OG1  sing N N 298 
THR CB  CG2  sing N N 299 
THR CB  HB   sing N N 300 
THR OG1 HG1  sing N N 301 
THR CG2 HG21 sing N N 302 
THR CG2 HG22 sing N N 303 
THR CG2 HG23 sing N N 304 
THR OXT HXT  sing N N 305 
TYR N   CA   sing N N 306 
TYR N   H    sing N N 307 
TYR N   H2   sing N N 308 
TYR CA  C    sing N N 309 
TYR CA  CB   sing N N 310 
TYR CA  HA   sing N N 311 
TYR C   O    doub N N 312 
TYR C   OXT  sing N N 313 
TYR CB  CG   sing N N 314 
TYR CB  HB2  sing N N 315 
TYR CB  HB3  sing N N 316 
TYR CG  CD1  doub Y N 317 
TYR CG  CD2  sing Y N 318 
TYR CD1 CE1  sing Y N 319 
TYR CD1 HD1  sing N N 320 
TYR CD2 CE2  doub Y N 321 
TYR CD2 HD2  sing N N 322 
TYR CE1 CZ   doub Y N 323 
TYR CE1 HE1  sing N N 324 
TYR CE2 CZ   sing Y N 325 
TYR CE2 HE2  sing N N 326 
TYR CZ  OH   sing N N 327 
TYR OH  HH   sing N N 328 
TYR OXT HXT  sing N N 329 
VAL N   CA   sing N N 330 
VAL N   H    sing N N 331 
VAL N   H2   sing N N 332 
VAL CA  C    sing N N 333 
VAL CA  CB   sing N N 334 
VAL CA  HA   sing N N 335 
VAL C   O    doub N N 336 
VAL C   OXT  sing N N 337 
VAL CB  CG1  sing N N 338 
VAL CB  CG2  sing N N 339 
VAL CB  HB   sing N N 340 
VAL CG1 HG11 sing N N 341 
VAL CG1 HG12 sing N N 342 
VAL CG1 HG13 sing N N 343 
VAL CG2 HG21 sing N N 344 
VAL CG2 HG22 sing N N 345 
VAL CG2 HG23 sing N N 346 
VAL OXT HXT  sing N N 347 
# 
_atom_sites.entry_id                    6IVD 
_atom_sites.fract_transf_matrix[1][1]   0.01740595 
_atom_sites.fract_transf_matrix[1][2]   -0.01022710 
_atom_sites.fract_transf_matrix[1][3]   0.02241228 
_atom_sites.fract_transf_matrix[2][1]   -0.01378023 
_atom_sites.fract_transf_matrix[2][2]   -0.00359244 
_atom_sites.fract_transf_matrix[2][3]   0.00906278 
_atom_sites.fract_transf_matrix[3][1]   0.00091846 
_atom_sites.fract_transf_matrix[3][2]   -0.01681307 
_atom_sites.fract_transf_matrix[3][3]   -0.00526807 
_atom_sites.fract_transf_vector[1]      0.183342 
_atom_sites.fract_transf_vector[2]      -0.000498 
_atom_sites.fract_transf_vector[3]      0.385141 
# 
loop_
_atom_type.symbol 
C 
N 
O 
S 
# 
loop_
_atom_site.group_PDB 
_atom_site.id 
_atom_site.type_symbol 
_atom_site.label_atom_id 
_atom_site.label_alt_id 
_atom_site.label_comp_id 
_atom_site.label_asym_id 
_atom_site.label_entity_id 
_atom_site.label_seq_id 
_atom_site.pdbx_PDB_ins_code 
_atom_site.Cartn_x 
_atom_site.Cartn_y 
_atom_site.Cartn_z 
_atom_site.occupancy 
_atom_site.B_iso_or_equiv 
_atom_site.pdbx_formal_charge 
_atom_site.auth_seq_id 
_atom_site.auth_comp_id 
_atom_site.auth_asym_id 
_atom_site.auth_atom_id 
_atom_site.pdbx_PDB_model_num 
ATOM   1    N N   . HIS A 1 1   ? 7.227   -5.711  14.257  1.00 26.93 ? -1  HIS A N   1 
ATOM   2    C CA  . HIS A 1 1   ? 7.476   -6.168  12.889  1.00 31.03 ? -1  HIS A CA  1 
ATOM   3    C C   . HIS A 1 1   ? 7.096   -5.082  11.879  1.00 31.67 ? -1  HIS A C   1 
ATOM   4    O O   . HIS A 1 1   ? 6.047   -4.451  12.000  1.00 28.36 ? -1  HIS A O   1 
ATOM   5    C CB  . HIS A 1 1   ? 6.700   -7.462  12.604  1.00 26.96 ? -1  HIS A CB  1 
ATOM   6    C CG  . HIS A 1 1   ? 7.231   -8.254  11.443  1.00 26.85 ? -1  HIS A CG  1 
ATOM   7    N ND1 . HIS A 1 1   ? 7.168   -7.808  10.140  1.00 27.06 ? -1  HIS A ND1 1 
ATOM   8    C CD2 . HIS A 1 1   ? 7.812   -9.480  11.390  1.00 30.84 ? -1  HIS A CD2 1 
ATOM   9    C CE1 . HIS A 1 1   ? 7.696   -8.718  9.336   1.00 30.51 ? -1  HIS A CE1 1 
ATOM   10   N NE2 . HIS A 1 1   ? 8.095   -9.741  10.069  1.00 27.66 ? -1  HIS A NE2 1 
ATOM   11   N N   . HIS A 1 2   ? 7.948   -4.880  10.873  1.00 26.25 ? 0   HIS A N   1 
ATOM   12   C CA  . HIS A 1 2   ? 7.727   -3.816  9.897   1.00 33.56 ? 0   HIS A CA  1 
ATOM   13   C C   . HIS A 1 2   ? 6.509   -4.072  9.018   1.00 35.51 ? 0   HIS A C   1 
ATOM   14   O O   . HIS A 1 2   ? 6.005   -3.131  8.387   1.00 29.87 ? 0   HIS A O   1 
ATOM   15   C CB  . HIS A 1 2   ? 8.979   -3.622  9.029   1.00 31.22 ? 0   HIS A CB  1 
ATOM   16   C CG  . HIS A 1 2   ? 9.096   -4.595  7.893   1.00 37.08 ? 0   HIS A CG  1 
ATOM   17   N ND1 . HIS A 1 2   ? 8.599   -4.333  6.634   1.00 41.95 ? 0   HIS A ND1 1 
ATOM   18   C CD2 . HIS A 1 2   ? 9.673   -5.817  7.820   1.00 37.85 ? 0   HIS A CD2 1 
ATOM   19   C CE1 . HIS A 1 2   ? 8.852   -5.360  5.839   1.00 45.21 ? 0   HIS A CE1 1 
ATOM   20   N NE2 . HIS A 1 2   ? 9.501   -6.276  6.536   1.00 43.23 ? 0   HIS A NE2 1 
ATOM   21   N N   . MET A 1 3   ? 6.027   -5.319  8.957   1.00 29.24 ? 1   MET A N   1 
ATOM   22   C CA  . MET A 1 3   ? 4.822   -5.632  8.201   1.00 31.20 ? 1   MET A CA  1 
ATOM   23   C C   . MET A 1 3   ? 3.551   -5.337  8.980   1.00 30.40 ? 1   MET A C   1 
ATOM   24   O O   . MET A 1 3   ? 2.475   -5.272  8.376   1.00 31.21 ? 1   MET A O   1 
ATOM   25   C CB  . MET A 1 3   ? 4.825   -7.105  7.785   1.00 28.03 ? 1   MET A CB  1 
ATOM   26   C CG  . MET A 1 3   ? 5.943   -7.461  6.815   1.00 33.20 ? 1   MET A CG  1 
ATOM   27   S SD  . MET A 1 3   ? 5.527   -7.111  5.102   1.00 45.62 ? 1   MET A SD  1 
ATOM   28   C CE  . MET A 1 3   ? 4.353   -8.411  4.707   1.00 34.00 ? 1   MET A CE  1 
ATOM   29   N N   . SER A 1 4   ? 3.651   -5.146  10.295  1.00 30.86 ? 2   SER A N   1 
ATOM   30   C CA  . SER A 1 4   ? 2.476   -4.921  11.124  1.00 33.18 ? 2   SER A CA  1 
ATOM   31   C C   . SER A 1 4   ? 1.956   -3.502  10.919  1.00 29.28 ? 2   SER A C   1 
ATOM   32   O O   . SER A 1 4   ? 2.730   -2.549  10.816  1.00 30.68 ? 2   SER A O   1 
ATOM   33   C CB  . SER A 1 4   ? 2.806   -5.164  12.602  1.00 32.45 ? 2   SER A CB  1 
ATOM   34   O OG  . SER A 1 4   ? 3.061   -6.553  12.860  1.00 38.73 ? 2   SER A OG  1 
ATOM   35   N N   . SER A 1 5   ? 0.639   -3.370  10.849  1.00 29.99 ? 3   SER A N   1 
ATOM   36   C CA  . SER A 1 5   ? -0.014  -2.088  10.641  1.00 26.90 ? 3   SER A CA  1 
ATOM   37   C C   . SER A 1 5   ? -0.849  -1.732  11.857  1.00 28.05 ? 3   SER A C   1 
ATOM   38   O O   . SER A 1 5   ? -1.090  -2.558  12.740  1.00 26.41 ? 3   SER A O   1 
ATOM   39   C CB  . SER A 1 5   ? -0.900  -2.116  9.391   1.00 24.91 ? 3   SER A CB  1 
ATOM   40   O OG  . SER A 1 5   ? -2.047  -2.924  9.589   1.00 28.84 ? 3   SER A OG  1 
ATOM   41   N N   . LYS A 1 6   ? -1.296  -0.478  11.886  1.00 22.34 ? 4   LYS A N   1 
ATOM   42   C CA  . LYS A 1 6   ? -2.185  0.026   12.919  1.00 23.75 ? 4   LYS A CA  1 
ATOM   43   C C   . LYS A 1 6   ? -3.307  0.813   12.259  1.00 24.31 ? 4   LYS A C   1 
ATOM   44   O O   . LYS A 1 6   ? -3.138  1.377   11.172  1.00 25.14 ? 4   LYS A O   1 
ATOM   45   C CB  . LYS A 1 6   ? -1.434  0.926   13.920  1.00 26.61 ? 4   LYS A CB  1 
ATOM   46   C CG  . LYS A 1 6   ? -1.602  0.538   15.386  1.00 39.92 ? 4   LYS A CG  1 
ATOM   47   C CD  . LYS A 1 6   ? -0.590  1.252   16.297  1.00 39.23 ? 4   LYS A CD  1 
ATOM   48   C CE  . LYS A 1 6   ? -1.047  2.661   16.647  1.00 34.72 ? 4   LYS A CE  1 
ATOM   49   N NZ  . LYS A 1 6   ? -0.297  3.253   17.807  1.00 39.23 ? 4   LYS A NZ  1 
ATOM   50   N N   . GLN A 1 7   ? -4.452  0.864   12.927  1.00 24.29 ? 5   GLN A N   1 
ATOM   51   C CA  . GLN A 1 7   ? -5.602  1.614   12.440  1.00 26.88 ? 5   GLN A CA  1 
ATOM   52   C C   . GLN A 1 7   ? -5.656  2.966   13.141  1.00 24.42 ? 5   GLN A C   1 
ATOM   53   O O   . GLN A 1 7   ? -5.434  3.058   14.353  1.00 23.73 ? 5   GLN A O   1 
ATOM   54   C CB  . GLN A 1 7   ? -6.902  0.830   12.666  1.00 31.65 ? 5   GLN A CB  1 
ATOM   55   C CG  . GLN A 1 7   ? -6.833  -0.623  12.166  1.00 37.80 ? 5   GLN A CG  1 
ATOM   56   C CD  . GLN A 1 7   ? -6.030  -1.542  13.091  1.00 43.93 ? 5   GLN A CD  1 
ATOM   57   O OE1 . GLN A 1 7   ? -6.310  -1.635  14.288  1.00 50.78 ? 5   GLN A OE1 1 
ATOM   58   N NE2 . GLN A 1 7   ? -5.012  -2.202  12.538  1.00 41.54 ? 5   GLN A NE2 1 
ATOM   59   N N   . PHE A 1 8   ? -5.925  4.019   12.360  1.00 22.38 ? 6   PHE A N   1 
ATOM   60   C CA  . PHE A 1 8   ? -5.971  5.388   12.855  1.00 21.79 ? 6   PHE A CA  1 
ATOM   61   C C   . PHE A 1 8   ? -7.179  6.091   12.269  1.00 23.80 ? 6   PHE A C   1 
ATOM   62   O O   . PHE A 1 8   ? -7.516  5.881   11.102  1.00 23.30 ? 6   PHE A O   1 
ATOM   63   C CB  . PHE A 1 8   ? -4.730  6.213   12.460  1.00 20.93 ? 6   PHE A CB  1 
ATOM   64   C CG  . PHE A 1 8   ? -3.423  5.622   12.892  1.00 23.37 ? 6   PHE A CG  1 
ATOM   65   C CD1 . PHE A 1 8   ? -2.746  4.722   12.075  1.00 19.67 ? 6   PHE A CD1 1 
ATOM   66   C CD2 . PHE A 1 8   ? -2.840  6.004   14.092  1.00 25.84 ? 6   PHE A CD2 1 
ATOM   67   C CE1 . PHE A 1 8   ? -1.518  4.195   12.463  1.00 19.70 ? 6   PHE A CE1 1 
ATOM   68   C CE2 . PHE A 1 8   ? -1.617  5.479   14.486  1.00 26.11 ? 6   PHE A CE2 1 
ATOM   69   C CZ  . PHE A 1 8   ? -0.963  4.562   13.674  1.00 26.00 ? 6   PHE A CZ  1 
ATOM   70   N N   . LYS A 1 9   ? -7.794  6.961   13.064  1.00 18.95 ? 7   LYS A N   1 
ATOM   71   C CA  . LYS A 1 9   ? -8.815  7.880   12.587  1.00 21.04 ? 7   LYS A CA  1 
ATOM   72   C C   . LYS A 1 9   ? -8.153  9.218   12.275  1.00 24.38 ? 7   LYS A C   1 
ATOM   73   O O   . LYS A 1 9   ? -7.460  9.776   13.131  1.00 22.45 ? 7   LYS A O   1 
ATOM   74   C CB  . LYS A 1 9   ? -9.900  8.078   13.646  1.00 27.16 ? 7   LYS A CB  1 
ATOM   75   C CG  . LYS A 1 9   ? -11.123 7.212   13.459  1.00 32.64 ? 7   LYS A CG  1 
ATOM   76   C CD  . LYS A 1 9   ? -12.164 7.522   14.525  1.00 37.53 ? 7   LYS A CD  1 
ATOM   77   C CE  . LYS A 1 9   ? -13.132 6.365   14.668  1.00 37.93 ? 7   LYS A CE  1 
ATOM   78   N NZ  . LYS A 1 9   ? -13.347 5.695   13.363  1.00 41.35 ? 7   LYS A NZ  1 
ATOM   79   N N   . ILE A 1 10  ? -8.354  9.729   11.059  1.00 15.59 ? 8   ILE A N   1 
ATOM   80   C CA  . ILE A 1 10  ? -7.741  11.002  10.660  1.00 15.77 ? 8   ILE A CA  1 
ATOM   81   C C   . ILE A 1 10  ? -8.791  11.877  9.995   1.00 19.06 ? 8   ILE A C   1 
ATOM   82   O O   . ILE A 1 10  ? -9.614  11.389  9.209   1.00 17.39 ? 8   ILE A O   1 
ATOM   83   C CB  . ILE A 1 10  ? -6.543  10.793  9.704   1.00 15.07 ? 8   ILE A CB  1 
ATOM   84   C CG1 . ILE A 1 10  ? -5.572  9.749   10.247  1.00 18.55 ? 8   ILE A CG1 1 
ATOM   85   C CG2 . ILE A 1 10  ? -5.795  12.097  9.475   1.00 17.33 ? 8   ILE A CG2 1 
ATOM   86   C CD1 . ILE A 1 10  ? -4.507  9.343   9.193   1.00 20.43 ? 8   ILE A CD1 1 
ATOM   87   N N   . LEU A 1 11  ? -8.752  13.174  10.297  1.00 15.41 ? 9   LEU A N   1 
ATOM   88   C CA  . LEU A 1 11  ? -9.606  14.131  9.607   1.00 15.89 ? 9   LEU A CA  1 
ATOM   89   C C   . LEU A 1 11  ? -9.162  14.284  8.153   1.00 14.74 ? 9   LEU A C   1 
ATOM   90   O O   . LEU A 1 11  ? -7.972  14.346  7.856   1.00 16.78 ? 9   LEU A O   1 
ATOM   91   C CB  . LEU A 1 11  ? -9.560  15.480  10.327  1.00 16.88 ? 9   LEU A CB  1 
ATOM   92   C CG  . LEU A 1 11  ? -10.440 16.601  9.785   1.00 20.09 ? 9   LEU A CG  1 
ATOM   93   C CD1 . LEU A 1 11  ? -11.904 16.211  9.919   1.00 20.76 ? 9   LEU A CD1 1 
ATOM   94   C CD2 . LEU A 1 11  ? -10.144 17.883  10.554  1.00 22.92 ? 9   LEU A CD2 1 
ATOM   95   N N   . VAL A 1 12  ? -10.124 14.307  7.236   1.00 15.41 ? 10  VAL A N   1 
ATOM   96   C CA  . VAL A 1 12  ? -9.842  14.386  5.803   1.00 15.40 ? 10  VAL A CA  1 
ATOM   97   C C   . VAL A 1 12  ? -10.178 15.792  5.343   1.00 18.98 ? 10  VAL A C   1 
ATOM   98   O O   . VAL A 1 12  ? -11.206 16.354  5.742   1.00 14.22 ? 10  VAL A O   1 
ATOM   99   C CB  . VAL A 1 12  ? -10.644 13.343  4.999   1.00 17.15 ? 10  VAL A CB  1 
ATOM   100  C CG1 . VAL A 1 12  ? -10.406 13.504  3.484   1.00 22.10 ? 10  VAL A CG1 1 
ATOM   101  C CG2 . VAL A 1 12  ? -10.290 11.940  5.450   1.00 19.70 ? 10  VAL A CG2 1 
ATOM   102  N N   . ASN A 1 13  ? -9.300  16.372  4.522   1.00 13.72 ? 11  ASN A N   1 
ATOM   103  C CA  . ASN A 1 13  ? -9.526  17.698  3.964   1.00 17.44 ? 11  ASN A CA  1 
ATOM   104  C C   . ASN A 1 13  ? -9.563  17.613  2.442   1.00 20.85 ? 11  ASN A C   1 
ATOM   105  O O   . ASN A 1 13  ? -8.516  17.476  1.794   1.00 20.81 ? 11  ASN A O   1 
ATOM   106  C CB  . ASN A 1 13  ? -8.456  18.701  4.419   1.00 16.71 ? 11  ASN A CB  1 
ATOM   107  C CG  . ASN A 1 13  ? -8.580  20.016  3.691   1.00 19.51 ? 11  ASN A CG  1 
ATOM   108  O OD1 . ASN A 1 13  ? -9.685  20.403  3.305   1.00 19.66 ? 11  ASN A OD1 1 
ATOM   109  N ND2 . ASN A 1 13  ? -7.458  20.709  3.482   1.00 18.41 ? 11  ASN A ND2 1 
ATOM   110  N N   . GLU A 1 14  ? -10.761 17.762  1.876   1.00 17.39 ? 12  GLU A N   1 
ATOM   111  C CA  . GLU A 1 14  ? -10.948 17.911  0.439   1.00 24.86 ? 12  GLU A CA  1 
ATOM   112  C C   . GLU A 1 14  ? -11.396 19.309  0.045   1.00 23.42 ? 12  GLU A C   1 
ATOM   113  O O   . GLU A 1 14  ? -11.612 19.562  -1.139  1.00 27.46 ? 12  GLU A O   1 
ATOM   114  C CB  . GLU A 1 14  ? -11.988 16.912  -0.082  1.00 28.79 ? 12  GLU A CB  1 
ATOM   115  C CG  . GLU A 1 14  ? -11.638 15.462  0.066   1.00 29.60 ? 12  GLU A CG  1 
ATOM   116  C CD  . GLU A 1 14  ? -12.346 14.620  -0.977  1.00 36.55 ? 12  GLU A CD  1 
ATOM   117  O OE1 . GLU A 1 14  ? -13.249 15.163  -1.653  1.00 40.27 ? 12  GLU A OE1 1 
ATOM   118  O OE2 . GLU A 1 14  ? -11.998 13.430  -1.128  1.00 41.07 ? 12  GLU A OE2 1 
ATOM   119  N N   . ASP A 1 15  ? -11.561 20.223  0.995   1.00 21.42 ? 13  ASP A N   1 
ATOM   120  C CA  . ASP A 1 15  ? -12.244 21.465  0.677   1.00 25.28 ? 13  ASP A CA  1 
ATOM   121  C C   . ASP A 1 15  ? -11.449 22.722  0.955   1.00 24.92 ? 13  ASP A C   1 
ATOM   122  O O   . ASP A 1 15  ? -11.759 23.753  0.352   1.00 29.96 ? 13  ASP A O   1 
ATOM   123  C CB  . ASP A 1 15  ? -13.572 21.542  1.440   1.00 26.44 ? 13  ASP A CB  1 
ATOM   124  C CG  . ASP A 1 15  ? -14.532 20.453  1.014   1.00 33.02 ? 13  ASP A CG  1 
ATOM   125  O OD1 . ASP A 1 15  ? -14.918 20.443  -0.178  1.00 32.58 ? 13  ASP A OD1 1 
ATOM   126  O OD2 . ASP A 1 15  ? -14.855 19.586  1.849   1.00 29.05 ? 13  ASP A OD2 1 
ATOM   127  N N   . TYR A 1 16  ? -10.442 22.680  1.828   1.00 18.75 ? 14  TYR A N   1 
ATOM   128  C CA  . TYR A 1 16  ? -9.865  23.891  2.399   1.00 20.82 ? 14  TYR A CA  1 
ATOM   129  C C   . TYR A 1 16  ? -8.425  24.067  1.955   1.00 20.33 ? 14  TYR A C   1 
ATOM   130  O O   . TYR A 1 16  ? -7.627  23.127  2.041   1.00 17.41 ? 14  TYR A O   1 
ATOM   131  C CB  . TYR A 1 16  ? -9.935  23.853  3.920   1.00 19.79 ? 14  TYR A CB  1 
ATOM   132  C CG  . TYR A 1 16  ? -11.357 23.764  4.384   1.00 25.61 ? 14  TYR A CG  1 
ATOM   133  C CD1 . TYR A 1 16  ? -12.195 24.867  4.291   1.00 27.08 ? 14  TYR A CD1 1 
ATOM   134  C CD2 . TYR A 1 16  ? -11.886 22.566  4.844   1.00 23.37 ? 14  TYR A CD2 1 
ATOM   135  C CE1 . TYR A 1 16  ? -13.501 24.801  4.686   1.00 29.40 ? 14  TYR A CE1 1 
ATOM   136  C CE2 . TYR A 1 16  ? -13.205 22.484  5.241   1.00 24.24 ? 14  TYR A CE2 1 
ATOM   137  C CZ  . TYR A 1 16  ? -14.007 23.607  5.155   1.00 30.78 ? 14  TYR A CZ  1 
ATOM   138  O OH  . TYR A 1 16  ? -15.320 23.552  5.544   1.00 25.27 ? 14  TYR A OH  1 
ATOM   139  N N   . GLN A 1 17  ? -8.101  25.277  1.492   1.00 17.99 ? 15  GLN A N   1 
ATOM   140  C CA  . GLN A 1 17  ? -6.715  25.627  1.216   1.00 17.90 ? 15  GLN A CA  1 
ATOM   141  C C   . GLN A 1 17  ? -5.966  25.681  2.536   1.00 24.39 ? 15  GLN A C   1 
ATOM   142  O O   . GLN A 1 17  ? -6.393  26.361  3.473   1.00 23.42 ? 15  GLN A O   1 
ATOM   143  C CB  . GLN A 1 17  ? -6.636  26.976  0.496   1.00 25.11 ? 15  GLN A CB  1 
ATOM   144  C CG  . GLN A 1 17  ? -5.360  27.198  -0.314  1.00 28.73 ? 15  GLN A CG  1 
ATOM   145  C CD  . GLN A 1 17  ? -4.132  27.446  0.557   1.00 32.99 ? 15  GLN A CD  1 
ATOM   146  O OE1 . GLN A 1 17  ? -4.155  28.281  1.467   1.00 36.86 ? 15  GLN A OE1 1 
ATOM   147  N NE2 . GLN A 1 17  ? -3.047  26.730  0.268   1.00 30.65 ? 15  GLN A NE2 1 
ATOM   148  N N   . VAL A 1 18  ? -4.863  24.949  2.631   1.00 19.29 ? 16  VAL A N   1 
ATOM   149  C CA  . VAL A 1 18  ? -4.149  24.830  3.890   1.00 17.43 ? 16  VAL A CA  1 
ATOM   150  C C   . VAL A 1 18  ? -2.690  25.180  3.666   1.00 22.74 ? 16  VAL A C   1 
ATOM   151  O O   . VAL A 1 18  ? -2.074  24.713  2.702   1.00 21.26 ? 16  VAL A O   1 
ATOM   152  C CB  . VAL A 1 18  ? -4.281  23.424  4.512   1.00 22.58 ? 16  VAL A CB  1 
ATOM   153  C CG1 . VAL A 1 18  ? -5.707  23.210  5.027   1.00 24.36 ? 16  VAL A CG1 1 
ATOM   154  C CG2 . VAL A 1 18  ? -3.900  22.344  3.508   1.00 16.41 ? 16  VAL A CG2 1 
ATOM   155  N N   . ASN A 1 19  ? -2.154  26.017  4.554   1.00 20.15 ? 17  ASN A N   1 
ATOM   156  C CA  . ASN A 1 19  ? -0.735  26.332  4.625   1.00 20.03 ? 17  ASN A CA  1 
ATOM   157  C C   . ASN A 1 19  ? -0.128  25.459  5.711   1.00 18.35 ? 17  ASN A C   1 
ATOM   158  O O   . ASN A 1 19  ? -0.570  25.504  6.862   1.00 20.58 ? 17  ASN A O   1 
ATOM   159  C CB  . ASN A 1 19  ? -0.536  27.812  4.944   1.00 15.02 ? 17  ASN A CB  1 
ATOM   160  C CG  . ASN A 1 19  ? -1.092  28.706  3.867   1.00 23.03 ? 17  ASN A CG  1 
ATOM   161  O OD1 . ASN A 1 19  ? -1.000  28.386  2.685   1.00 25.48 ? 17  ASN A OD1 1 
ATOM   162  N ND2 . ASN A 1 19  ? -1.675  29.837  4.265   1.00 28.38 ? 17  ASN A ND2 1 
ATOM   163  N N   . VAL A 1 20  ? 0.861   24.651  5.351   1.00 14.41 ? 18  VAL A N   1 
ATOM   164  C CA  . VAL A 1 20  ? 1.354   23.630  6.268   1.00 18.11 ? 18  VAL A CA  1 
ATOM   165  C C   . VAL A 1 20  ? 2.874   23.680  6.310   1.00 20.12 ? 18  VAL A C   1 
ATOM   166  O O   . VAL A 1 20  ? 3.533   24.164  5.372   1.00 20.13 ? 18  VAL A O   1 
ATOM   167  C CB  . VAL A 1 20  ? 0.860   22.219  5.864   1.00 16.52 ? 18  VAL A CB  1 
ATOM   168  C CG1 . VAL A 1 20  ? -0.663  22.192  5.768   1.00 17.90 ? 18  VAL A CG1 1 
ATOM   169  C CG2 . VAL A 1 20  ? 1.473   21.803  4.538   1.00 15.65 ? 18  VAL A CG2 1 
ATOM   170  N N   . PRO A 1 21  ? 3.466   23.161  7.382   1.00 20.09 ? 19  PRO A N   1 
ATOM   171  C CA  . PRO A 1 21  ? 4.924   23.048  7.427   1.00 19.78 ? 19  PRO A CA  1 
ATOM   172  C C   . PRO A 1 21  ? 5.423   21.910  6.547   1.00 19.72 ? 19  PRO A C   1 
ATOM   173  O O   . PRO A 1 21  ? 4.774   20.868  6.412   1.00 17.55 ? 19  PRO A O   1 
ATOM   174  C CB  . PRO A 1 21  ? 5.211   22.781  8.910   1.00 23.11 ? 19  PRO A CB  1 
ATOM   175  C CG  . PRO A 1 21  ? 3.933   22.176  9.439   1.00 23.85 ? 19  PRO A CG  1 
ATOM   176  C CD  . PRO A 1 21  ? 2.830   22.813  8.668   1.00 17.73 ? 19  PRO A CD  1 
ATOM   177  N N   . SER A 1 22  ? 6.574   22.131  5.919   1.00 19.10 ? 20  SER A N   1 
ATOM   178  C CA  . SER A 1 22  ? 7.344   21.073  5.278   1.00 20.63 ? 20  SER A CA  1 
ATOM   179  C C   . SER A 1 22  ? 8.745   21.107  5.866   1.00 22.89 ? 20  SER A C   1 
ATOM   180  O O   . SER A 1 22  ? 9.240   22.173  6.238   1.00 22.52 ? 20  SER A O   1 
ATOM   181  C CB  . SER A 1 22  ? 7.410   21.253  3.772   1.00 18.19 ? 20  SER A CB  1 
ATOM   182  O OG  . SER A 1 22  ? 8.046   22.488  3.452   1.00 24.39 ? 20  SER A OG  1 
ATOM   183  N N   . LEU A 1 23  ? 9.378   19.947  5.959   1.00 20.04 ? 21  LEU A N   1 
ATOM   184  C CA  . LEU A 1 23  ? 10.523  19.770  6.835   1.00 18.91 ? 21  LEU A CA  1 
ATOM   185  C C   . LEU A 1 23  ? 11.600  18.947  6.144   1.00 23.98 ? 21  LEU A C   1 
ATOM   186  O O   . LEU A 1 23  ? 11.310  18.211  5.195   1.00 16.47 ? 21  LEU A O   1 
ATOM   187  C CB  . LEU A 1 23  ? 10.119  19.068  8.137   1.00 19.77 ? 21  LEU A CB  1 
ATOM   188  C CG  . LEU A 1 23  ? 8.949   19.656  8.936   1.00 25.07 ? 21  LEU A CG  1 
ATOM   189  C CD1 . LEU A 1 23  ? 8.614   18.756  10.118  1.00 31.16 ? 21  LEU A CD1 1 
ATOM   190  C CD2 . LEU A 1 23  ? 9.280   21.057  9.402   1.00 30.78 ? 21  LEU A CD2 1 
ATOM   191  N N   . PRO A 1 24  ? 12.849  19.047  6.614   1.00 23.06 ? 22  PRO A N   1 
ATOM   192  C CA  . PRO A 1 24  ? 13.892  18.137  6.131   1.00 28.67 ? 22  PRO A CA  1 
ATOM   193  C C   . PRO A 1 24  ? 13.480  16.693  6.349   1.00 25.73 ? 22  PRO A C   1 
ATOM   194  O O   . PRO A 1 24  ? 12.702  16.375  7.254   1.00 25.16 ? 22  PRO A O   1 
ATOM   195  C CB  . PRO A 1 24  ? 15.111  18.508  6.985   1.00 30.63 ? 22  PRO A CB  1 
ATOM   196  C CG  . PRO A 1 24  ? 14.880  19.917  7.378   1.00 26.61 ? 22  PRO A CG  1 
ATOM   197  C CD  . PRO A 1 24  ? 13.383  20.056  7.548   1.00 26.57 ? 22  PRO A CD  1 
ATOM   198  N N   . ILE A 1 25  ? 14.023  15.812  5.507   1.00 29.52 ? 23  ILE A N   1 
ATOM   199  C CA  . ILE A 1 25  ? 13.522  14.440  5.444   1.00 27.82 ? 23  ILE A CA  1 
ATOM   200  C C   . ILE A 1 25  ? 13.664  13.737  6.793   1.00 33.40 ? 23  ILE A C   1 
ATOM   201  O O   . ILE A 1 25  ? 12.780  12.969  7.200   1.00 27.05 ? 23  ILE A O   1 
ATOM   202  C CB  . ILE A 1 25  ? 14.215  13.677  4.299   1.00 30.26 ? 23  ILE A CB  1 
ATOM   203  C CG1 . ILE A 1 25  ? 13.622  12.270  4.154   1.00 32.16 ? 23  ILE A CG1 1 
ATOM   204  C CG2 . ILE A 1 25  ? 15.736  13.664  4.484   1.00 33.82 ? 23  ILE A CG2 1 
ATOM   205  C CD1 . ILE A 1 25  ? 13.504  11.818  2.712   1.00 37.32 ? 23  ILE A CD1 1 
ATOM   206  N N   . ARG A 1 26  ? 14.742  14.023  7.535   1.00 29.55 ? 24  ARG A N   1 
ATOM   207  C CA  . ARG A 1 26  ? 14.921  13.345  8.817   1.00 33.32 ? 24  ARG A CA  1 
ATOM   208  C C   . ARG A 1 26  ? 13.921  13.825  9.860   1.00 36.46 ? 24  ARG A C   1 
ATOM   209  O O   . ARG A 1 26  ? 13.553  13.062  10.761  1.00 34.58 ? 24  ARG A O   1 
ATOM   210  C CB  . ARG A 1 26  ? 16.350  13.530  9.329   1.00 42.48 ? 24  ARG A CB  1 
ATOM   211  C CG  . ARG A 1 26  ? 16.499  14.549  10.455  1.00 44.61 ? 24  ARG A CG  1 
ATOM   212  C CD  . ARG A 1 26  ? 17.879  14.484  11.122  1.00 51.26 ? 24  ARG A CD  1 
ATOM   213  N NE  . ARG A 1 26  ? 18.967  14.823  10.203  1.00 53.45 ? 24  ARG A NE  1 
ATOM   214  C CZ  . ARG A 1 26  ? 19.617  13.942  9.443   1.00 58.94 ? 24  ARG A CZ  1 
ATOM   215  N NH1 . ARG A 1 26  ? 19.298  12.652  9.489   1.00 54.80 ? 24  ARG A NH1 1 
ATOM   216  N NH2 . ARG A 1 26  ? 20.588  14.350  8.639   1.00 62.13 ? 24  ARG A NH2 1 
ATOM   217  N N   . ASP A 1 27  ? 13.473  15.077  9.771   1.00 30.29 ? 25  ASP A N   1 
ATOM   218  C CA  . ASP A 1 27  ? 12.448  15.514  10.703  1.00 32.11 ? 25  ASP A CA  1 
ATOM   219  C C   . ASP A 1 27  ? 11.106  14.861  10.388  1.00 28.15 ? 25  ASP A C   1 
ATOM   220  O O   . ASP A 1 27  ? 10.333  14.569  11.304  1.00 28.32 ? 25  ASP A O   1 
ATOM   221  C CB  . ASP A 1 27  ? 12.327  17.037  10.684  1.00 32.76 ? 25  ASP A CB  1 
ATOM   222  C CG  . ASP A 1 27  ? 13.619  17.736  11.116  1.00 39.12 ? 25  ASP A CG  1 
ATOM   223  O OD1 . ASP A 1 27  ? 14.592  17.739  10.330  1.00 40.65 ? 25  ASP A OD1 1 
ATOM   224  O OD2 . ASP A 1 27  ? 13.655  18.287  12.238  1.00 49.65 ? 25  ASP A OD2 1 
ATOM   225  N N   . VAL A 1 28  ? 10.819  14.622  9.106   1.00 26.56 ? 26  VAL A N   1 
ATOM   226  C CA  . VAL A 1 28  ? 9.556   13.986  8.738   1.00 24.45 ? 26  VAL A CA  1 
ATOM   227  C C   . VAL A 1 28  ? 9.568   12.509  9.120   1.00 25.04 ? 26  VAL A C   1 
ATOM   228  O O   . VAL A 1 28  ? 8.552   11.966  9.575   1.00 25.78 ? 26  VAL A O   1 
ATOM   229  C CB  . VAL A 1 28  ? 9.271   14.193  7.239   1.00 25.20 ? 26  VAL A CB  1 
ATOM   230  C CG1 . VAL A 1 28  ? 7.962   13.521  6.845   1.00 19.45 ? 26  VAL A CG1 1 
ATOM   231  C CG2 . VAL A 1 28  ? 9.209   15.680  6.928   1.00 19.61 ? 26  VAL A CG2 1 
ATOM   232  N N   . LEU A 1 29  ? 10.709  11.837  8.951   1.00 25.08 ? 27  LEU A N   1 
ATOM   233  C CA  . LEU A 1 29  ? 10.840  10.475  9.459   1.00 26.29 ? 27  LEU A CA  1 
ATOM   234  C C   . LEU A 1 29  ? 10.508  10.414  10.951  1.00 28.33 ? 27  LEU A C   1 
ATOM   235  O O   . LEU A 1 29  ? 9.824   9.488   11.409  1.00 24.39 ? 27  LEU A O   1 
ATOM   236  C CB  . LEU A 1 29  ? 12.252  9.947   9.186   1.00 27.87 ? 27  LEU A CB  1 
ATOM   237  C CG  . LEU A 1 29  ? 12.688  9.659   7.743   1.00 29.82 ? 27  LEU A CG  1 
ATOM   238  C CD1 . LEU A 1 29  ? 14.198  9.413   7.665   1.00 31.71 ? 27  LEU A CD1 1 
ATOM   239  C CD2 . LEU A 1 29  ? 11.918  8.463   7.163   1.00 28.43 ? 27  LEU A CD2 1 
ATOM   240  N N   . GLN A 1 30  ? 10.948  11.417  11.720  1.00 30.13 ? 28  GLN A N   1 
ATOM   241  C CA  . GLN A 1 30  ? 10.678  11.431  13.158  1.00 30.42 ? 28  GLN A CA  1 
ATOM   242  C C   . GLN A 1 30  ? 9.212   11.721  13.451  1.00 28.76 ? 28  GLN A C   1 
ATOM   243  O O   . GLN A 1 30  ? 8.638   11.143  14.383  1.00 27.57 ? 28  GLN A O   1 
ATOM   244  C CB  . GLN A 1 30  ? 11.575  12.455  13.861  1.00 35.33 ? 28  GLN A CB  1 
ATOM   245  C CG  . GLN A 1 30  ? 11.982  12.042  15.270  1.00 40.69 ? 28  GLN A CG  1 
ATOM   246  C CD  . GLN A 1 30  ? 13.091  12.907  15.858  1.00 48.29 ? 28  GLN A CD  1 
ATOM   247  O OE1 . GLN A 1 30  ? 12.841  13.765  16.711  1.00 52.46 ? 28  GLN A OE1 1 
ATOM   248  N NE2 . GLN A 1 30  ? 14.326  12.676  15.412  1.00 51.66 ? 28  GLN A NE2 1 
ATOM   249  N N   . GLU A 1 31  ? 8.586   12.620  12.681  1.00 26.97 ? 29  GLU A N   1 
ATOM   250  C CA  . GLU A 1 31  ? 7.159   12.875  12.870  1.00 22.10 ? 29  GLU A CA  1 
ATOM   251  C C   . GLU A 1 31  ? 6.331   11.634  12.548  1.00 23.90 ? 29  GLU A C   1 
ATOM   252  O O   . GLU A 1 31  ? 5.331   11.355  13.224  1.00 22.72 ? 29  GLU A O   1 
ATOM   253  C CB  . GLU A 1 31  ? 6.704   14.064  12.009  1.00 26.13 ? 29  GLU A CB  1 
ATOM   254  C CG  . GLU A 1 31  ? 6.946   15.445  12.658  1.00 32.27 ? 29  GLU A CG  1 
ATOM   255  C CD  . GLU A 1 31  ? 6.161   16.594  12.003  1.00 41.35 ? 29  GLU A CD  1 
ATOM   256  O OE1 . GLU A 1 31  ? 5.368   16.345  11.057  1.00 37.02 ? 29  GLU A OE1 1 
ATOM   257  O OE2 . GLU A 1 31  ? 6.340   17.758  12.447  1.00 41.97 ? 29  GLU A OE2 1 
ATOM   258  N N   . ILE A 1 32  ? 6.737   10.871  11.526  1.00 20.62 ? 30  ILE A N   1 
ATOM   259  C CA  . ILE A 1 32  ? 6.006   9.650   11.181  1.00 22.27 ? 30  ILE A CA  1 
ATOM   260  C C   . ILE A 1 32  ? 6.068   8.666   12.340  1.00 26.89 ? 30  ILE A C   1 
ATOM   261  O O   . ILE A 1 32  ? 5.048   8.109   12.763  1.00 26.92 ? 30  ILE A O   1 
ATOM   262  C CB  . ILE A 1 32  ? 6.561   9.038   9.882   1.00 22.53 ? 30  ILE A CB  1 
ATOM   263  C CG1 . ILE A 1 32  ? 6.198   9.928   8.687   1.00 16.56 ? 30  ILE A CG1 1 
ATOM   264  C CG2 . ILE A 1 32  ? 6.037   7.591   9.668   1.00 19.36 ? 30  ILE A CG2 1 
ATOM   265  C CD1 . ILE A 1 32  ? 6.885   9.505   7.395   1.00 17.27 ? 30  ILE A CD1 1 
ATOM   266  N N   . LYS A 1 33  ? 7.265   8.459   12.891  1.00 24.73 ? 31  LYS A N   1 
ATOM   267  C CA  . LYS A 1 33  ? 7.387   7.566   14.038  1.00 27.11 ? 31  LYS A CA  1 
ATOM   268  C C   . LYS A 1 33  ? 6.570   8.081   15.210  1.00 26.84 ? 31  LYS A C   1 
ATOM   269  O O   . LYS A 1 33  ? 5.883   7.303   15.881  1.00 28.03 ? 31  LYS A O   1 
ATOM   270  C CB  . LYS A 1 33  ? 8.857   7.405   14.427  1.00 27.15 ? 31  LYS A CB  1 
ATOM   271  C CG  . LYS A 1 33  ? 9.696   6.694   13.374  1.00 29.57 ? 31  LYS A CG  1 
ATOM   272  C CD  . LYS A 1 33  ? 11.174  6.679   13.753  1.00 36.69 ? 31  LYS A CD  1 
ATOM   273  C CE  . LYS A 1 33  ? 11.393  5.936   15.068  1.00 36.96 ? 31  LYS A CE  1 
ATOM   274  N NZ  . LYS A 1 33  ? 12.798  6.037   15.588  1.00 38.08 ? 31  LYS A NZ  1 
ATOM   275  N N   . TYR A 1 34  ? 6.614   9.397   15.456  1.00 24.83 ? 32  TYR A N   1 
ATOM   276  C CA  . TYR A 1 34  ? 5.834   9.974   16.541  1.00 26.00 ? 32  TYR A CA  1 
ATOM   277  C C   . TYR A 1 34  ? 4.344   9.729   16.335  1.00 25.21 ? 32  TYR A C   1 
ATOM   278  O O   . TYR A 1 34  ? 3.638   9.323   17.264  1.00 26.21 ? 32  TYR A O   1 
ATOM   279  C CB  . TYR A 1 34  ? 6.118   11.474  16.668  1.00 28.36 ? 32  TYR A CB  1 
ATOM   280  C CG  . TYR A 1 34  ? 5.298   12.140  17.754  1.00 29.11 ? 32  TYR A CG  1 
ATOM   281  C CD1 . TYR A 1 34  ? 4.000   12.575  17.504  1.00 29.20 ? 32  TYR A CD1 1 
ATOM   282  C CD2 . TYR A 1 34  ? 5.814   12.324  19.032  1.00 29.53 ? 32  TYR A CD2 1 
ATOM   283  C CE1 . TYR A 1 34  ? 3.239   13.170  18.489  1.00 34.64 ? 32  TYR A CE1 1 
ATOM   284  C CE2 . TYR A 1 34  ? 5.055   12.931  20.031  1.00 34.03 ? 32  TYR A CE2 1 
ATOM   285  C CZ  . TYR A 1 34  ? 3.770   13.352  19.750  1.00 36.12 ? 32  TYR A CZ  1 
ATOM   286  O OH  . TYR A 1 34  ? 3.002   13.952  20.725  1.00 45.57 ? 32  TYR A OH  1 
ATOM   287  N N   . CYS A 1 35  ? 3.840   9.997   15.125  1.00 25.04 ? 33  CYS A N   1 
ATOM   288  C CA  . CYS A 1 35  ? 2.408   9.838   14.875  1.00 24.44 ? 33  CYS A CA  1 
ATOM   289  C C   . CYS A 1 35  ? 1.998   8.373   14.872  1.00 23.51 ? 33  CYS A C   1 
ATOM   290  O O   . CYS A 1 35  ? 0.868   8.043   15.249  1.00 26.70 ? 33  CYS A O   1 
ATOM   291  C CB  . CYS A 1 35  ? 2.031   10.483  13.539  1.00 25.34 ? 33  CYS A CB  1 
ATOM   292  S SG  . CYS A 1 35  ? 1.989   12.284  13.575  1.00 29.58 ? 33  CYS A SG  1 
ATOM   293  N N   . TYR A 1 36  ? 2.887   7.484   14.439  1.00 26.20 ? 34  TYR A N   1 
ATOM   294  C CA  . TYR A 1 36  ? 2.541   6.071   14.446  1.00 23.07 ? 34  TYR A CA  1 
ATOM   295  C C   . TYR A 1 36  ? 2.328   5.563   15.866  1.00 29.91 ? 34  TYR A C   1 
ATOM   296  O O   . TYR A 1 36  ? 1.449   4.724   16.094  1.00 26.91 ? 34  TYR A O   1 
ATOM   297  C CB  . TYR A 1 36  ? 3.626   5.282   13.717  1.00 26.57 ? 34  TYR A CB  1 
ATOM   298  C CG  . TYR A 1 36  ? 3.262   3.839   13.465  1.00 28.41 ? 34  TYR A CG  1 
ATOM   299  C CD1 . TYR A 1 36  ? 2.455   3.482   12.389  1.00 28.46 ? 34  TYR A CD1 1 
ATOM   300  C CD2 . TYR A 1 36  ? 3.737   2.830   14.294  1.00 29.67 ? 34  TYR A CD2 1 
ATOM   301  C CE1 . TYR A 1 36  ? 2.131   2.160   12.147  1.00 29.54 ? 34  TYR A CE1 1 
ATOM   302  C CE2 . TYR A 1 36  ? 3.414   1.502   14.061  1.00 32.10 ? 34  TYR A CE2 1 
ATOM   303  C CZ  . TYR A 1 36  ? 2.611   1.174   12.986  1.00 34.34 ? 34  TYR A CZ  1 
ATOM   304  O OH  . TYR A 1 36  ? 2.280   -0.142  12.748  1.00 40.90 ? 34  TYR A OH  1 
ATOM   305  N N   . ARG A 1 37  ? 3.074   6.097   16.843  1.00 29.24 ? 35  ARG A N   1 
ATOM   306  C CA  . ARG A 1 37  ? 2.869   5.699   18.233  1.00 26.95 ? 35  ARG A CA  1 
ATOM   307  C C   . ARG A 1 37  ? 1.653   6.378   18.856  1.00 29.78 ? 35  ARG A C   1 
ATOM   308  O O   . ARG A 1 37  ? 0.891   5.732   19.580  1.00 28.23 ? 35  ARG A O   1 
ATOM   309  C CB  . ARG A 1 37  ? 4.105   6.020   19.077  1.00 32.17 ? 35  ARG A CB  1 
ATOM   310  C CG  . ARG A 1 37  ? 5.358   5.253   18.712  1.00 36.38 ? 35  ARG A CG  1 
ATOM   311  C CD  . ARG A 1 37  ? 6.467   5.502   19.736  1.00 34.26 ? 35  ARG A CD  1 
ATOM   312  N NE  . ARG A 1 37  ? 6.671   6.929   20.009  1.00 32.24 ? 35  ARG A NE  1 
ATOM   313  C CZ  . ARG A 1 37  ? 7.545   7.697   19.362  1.00 34.92 ? 35  ARG A CZ  1 
ATOM   314  N NH1 . ARG A 1 37  ? 8.294   7.180   18.390  1.00 33.36 ? 35  ARG A NH1 1 
ATOM   315  N NH2 . ARG A 1 37  ? 7.671   8.980   19.681  1.00 32.39 ? 35  ARG A NH2 1 
ATOM   316  N N   . ASN A 1 38  ? 1.459   7.674   18.602  1.00 28.03 ? 36  ASN A N   1 
ATOM   317  C CA  . ASN A 1 38  ? 0.534   8.487   19.383  1.00 26.63 ? 36  ASN A CA  1 
ATOM   318  C C   . ASN A 1 38  ? -0.686  8.980   18.614  1.00 30.76 ? 36  ASN A C   1 
ATOM   319  O O   . ASN A 1 38  ? -1.509  9.701   19.190  1.00 30.84 ? 36  ASN A O   1 
ATOM   320  C CB  . ASN A 1 38  ? 1.274   9.692   19.968  1.00 29.25 ? 36  ASN A CB  1 
ATOM   321  C CG  . ASN A 1 38  ? 2.472   9.284   20.787  1.00 33.95 ? 36  ASN A CG  1 
ATOM   322  O OD1 . ASN A 1 38  ? 3.619   9.595   20.445  1.00 33.77 ? 36  ASN A OD1 1 
ATOM   323  N ND2 . ASN A 1 38  ? 2.219   8.568   21.873  1.00 31.50 ? 36  ASN A ND2 1 
ATOM   324  N N   . GLY A 1 39  ? -0.836  8.633   17.346  1.00 28.17 ? 37  GLY A N   1 
ATOM   325  C CA  . GLY A 1 39  ? -1.992  9.109   16.613  1.00 24.95 ? 37  GLY A CA  1 
ATOM   326  C C   . GLY A 1 39  ? -1.739  10.438  15.929  1.00 25.70 ? 37  GLY A C   1 
ATOM   327  O O   . GLY A 1 39  ? -0.686  11.074  16.066  1.00 25.13 ? 37  GLY A O   1 
ATOM   328  N N   . PHE A 1 40  ? -2.751  10.880  15.184  1.00 20.72 ? 38  PHE A N   1 
ATOM   329  C CA  . PHE A 1 40  ? -2.596  11.978  14.239  1.00 23.50 ? 38  PHE A CA  1 
ATOM   330  C C   . PHE A 1 40  ? -3.373  13.227  14.640  1.00 20.08 ? 38  PHE A C   1 
ATOM   331  O O   . PHE A 1 40  ? -3.790  14.004  13.776  1.00 18.93 ? 38  PHE A O   1 
ATOM   332  C CB  . PHE A 1 40  ? -3.011  11.535  12.839  1.00 21.26 ? 38  PHE A CB  1 
ATOM   333  C CG  . PHE A 1 40  ? -2.015  10.622  12.178  1.00 22.06 ? 38  PHE A CG  1 
ATOM   334  C CD1 . PHE A 1 40  ? -2.085  9.251   12.375  1.00 23.36 ? 38  PHE A CD1 1 
ATOM   335  C CD2 . PHE A 1 40  ? -1.002  11.137  11.383  1.00 23.49 ? 38  PHE A CD2 1 
ATOM   336  C CE1 . PHE A 1 40  ? -1.177  8.406   11.774  1.00 23.93 ? 38  PHE A CE1 1 
ATOM   337  C CE2 . PHE A 1 40  ? -0.080  10.302  10.786  1.00 25.01 ? 38  PHE A CE2 1 
ATOM   338  C CZ  . PHE A 1 40  ? -0.180  8.924   10.976  1.00 24.28 ? 38  PHE A CZ  1 
ATOM   339  N N   . GLU A 1 41  ? -3.581  13.437  15.932  1.00 25.45 ? 39  GLU A N   1 
ATOM   340  C CA  . GLU A 1 41  ? -4.194  14.680  16.373  1.00 22.96 ? 39  GLU A CA  1 
ATOM   341  C C   . GLU A 1 41  ? -3.396  15.859  15.827  1.00 22.83 ? 39  GLU A C   1 
ATOM   342  O O   . GLU A 1 41  ? -2.166  15.868  15.905  1.00 21.90 ? 39  GLU A O   1 
ATOM   343  C CB  . GLU A 1 41  ? -4.242  14.720  17.901  1.00 27.68 ? 39  GLU A CB  1 
ATOM   344  C CG  . GLU A 1 41  ? -4.795  16.023  18.473  1.00 35.15 ? 39  GLU A CG  1 
ATOM   345  C CD  . GLU A 1 41  ? -6.226  16.297  18.043  1.00 40.28 ? 39  GLU A CD  1 
ATOM   346  O OE1 . GLU A 1 41  ? -6.619  17.486  18.028  1.00 51.63 ? 39  GLU A OE1 1 
ATOM   347  O OE2 . GLU A 1 41  ? -6.962  15.327  17.729  1.00 47.00 ? 39  GLU A OE2 1 
ATOM   348  N N   . GLY A 1 42  ? -4.095  16.814  15.206  1.00 19.86 ? 40  GLY A N   1 
ATOM   349  C CA  . GLY A 1 42  ? -3.452  17.987  14.628  1.00 24.06 ? 40  GLY A CA  1 
ATOM   350  C C   . GLY A 1 42  ? -3.036  17.860  13.168  1.00 20.69 ? 40  GLY A C   1 
ATOM   351  O O   . GLY A 1 42  ? -2.484  18.820  12.608  1.00 19.09 ? 40  GLY A O   1 
ATOM   352  N N   . TYR A 1 43  ? -3.271  16.712  12.544  1.00 17.87 ? 41  TYR A N   1 
ATOM   353  C CA  . TYR A 1 43  ? -2.994  16.458  11.135  1.00 18.61 ? 41  TYR A CA  1 
ATOM   354  C C   . TYR A 1 43  ? -4.302  16.225  10.383  1.00 17.78 ? 41  TYR A C   1 
ATOM   355  O O   . TYR A 1 43  ? -5.318  15.843  10.968  1.00 17.44 ? 41  TYR A O   1 
ATOM   356  C CB  . TYR A 1 43  ? -2.086  15.229  10.960  1.00 17.41 ? 41  TYR A CB  1 
ATOM   357  C CG  . TYR A 1 43  ? -0.684  15.438  11.457  1.00 19.95 ? 41  TYR A CG  1 
ATOM   358  C CD1 . TYR A 1 43  ? -0.389  15.371  12.806  1.00 22.01 ? 41  TYR A CD1 1 
ATOM   359  C CD2 . TYR A 1 43  ? 0.350   15.753  10.566  1.00 21.64 ? 41  TYR A CD2 1 
ATOM   360  C CE1 . TYR A 1 43  ? 0.910   15.590  13.270  1.00 26.18 ? 41  TYR A CE1 1 
ATOM   361  C CE2 . TYR A 1 43  ? 1.646   15.980  11.015  1.00 21.51 ? 41  TYR A CE2 1 
ATOM   362  C CZ  . TYR A 1 43  ? 1.920   15.893  12.362  1.00 30.22 ? 41  TYR A CZ  1 
ATOM   363  O OH  . TYR A 1 43  ? 3.203   16.118  12.802  1.00 32.74 ? 41  TYR A OH  1 
ATOM   364  N N   . VAL A 1 44  ? -4.273  16.464  9.072   1.00 14.44 ? 42  VAL A N   1 
ATOM   365  C CA  . VAL A 1 44  ? -5.379  16.099  8.196   1.00 15.10 ? 42  VAL A CA  1 
ATOM   366  C C   . VAL A 1 44  ? -4.814  15.338  7.005   1.00 17.48 ? 42  VAL A C   1 
ATOM   367  O O   . VAL A 1 44  ? -3.665  15.544  6.602   1.00 14.73 ? 42  VAL A O   1 
ATOM   368  C CB  . VAL A 1 44  ? -6.184  17.321  7.717   1.00 17.75 ? 42  VAL A CB  1 
ATOM   369  C CG1 . VAL A 1 44  ? -6.862  18.024  8.914   1.00 18.20 ? 42  VAL A CG1 1 
ATOM   370  C CG2 . VAL A 1 44  ? -5.269  18.289  6.953   1.00 19.08 ? 42  VAL A CG2 1 
ATOM   371  N N   . PHE A 1 45  ? -5.628  14.443  6.451   1.00 13.81 ? 43  PHE A N   1 
ATOM   372  C CA  . PHE A 1 45  ? -5.289  13.749  5.218   1.00 13.63 ? 43  PHE A CA  1 
ATOM   373  C C   . PHE A 1 45  ? -5.840  14.526  4.026   1.00 16.43 ? 43  PHE A C   1 
ATOM   374  O O   . PHE A 1 45  ? -7.033  14.830  3.965   1.00 14.48 ? 43  PHE A O   1 
ATOM   375  C CB  . PHE A 1 45  ? -5.853  12.326  5.233   1.00 14.91 ? 43  PHE A CB  1 
ATOM   376  C CG  . PHE A 1 45  ? -5.686  11.588  3.930   1.00 17.21 ? 43  PHE A CG  1 
ATOM   377  C CD1 . PHE A 1 45  ? -4.470  11.010  3.600   1.00 18.40 ? 43  PHE A CD1 1 
ATOM   378  C CD2 . PHE A 1 45  ? -6.747  11.475  3.036   1.00 18.50 ? 43  PHE A CD2 1 
ATOM   379  C CE1 . PHE A 1 45  ? -4.312  10.307  2.401   1.00 18.63 ? 43  PHE A CE1 1 
ATOM   380  C CE2 . PHE A 1 45  ? -6.591  10.788  1.825   1.00 19.61 ? 43  PHE A CE2 1 
ATOM   381  C CZ  . PHE A 1 45  ? -5.379  10.206  1.517   1.00 16.24 ? 43  PHE A CZ  1 
ATOM   382  N N   . VAL A 1 46  ? -4.972  14.839  3.074   1.00 13.70 ? 44  VAL A N   1 
ATOM   383  C CA  . VAL A 1 46  ? -5.372  15.544  1.862   1.00 15.02 ? 44  VAL A CA  1 
ATOM   384  C C   . VAL A 1 46  ? -5.225  14.560  0.704   1.00 16.88 ? 44  VAL A C   1 
ATOM   385  O O   . VAL A 1 46  ? -4.092  14.166  0.379   1.00 13.74 ? 44  VAL A O   1 
ATOM   386  C CB  . VAL A 1 46  ? -4.523  16.799  1.620   1.00 18.15 ? 44  VAL A CB  1 
ATOM   387  C CG1 . VAL A 1 46  ? -4.911  17.450  0.278   1.00 15.82 ? 44  VAL A CG1 1 
ATOM   388  C CG2 . VAL A 1 46  ? -4.643  17.788  2.793   1.00 14.31 ? 44  VAL A CG2 1 
ATOM   389  N N   . PRO A 1 47  ? -6.316  14.116  0.075   1.00 19.97 ? 45  PRO A N   1 
ATOM   390  C CA  . PRO A 1 47  ? -6.190  13.157  -1.028  1.00 18.03 ? 45  PRO A CA  1 
ATOM   391  C C   . PRO A 1 47  ? -5.354  13.731  -2.165  1.00 19.69 ? 45  PRO A C   1 
ATOM   392  O O   . PRO A 1 47  ? -5.330  14.940  -2.402  1.00 20.39 ? 45  PRO A O   1 
ATOM   393  C CB  . PRO A 1 47  ? -7.641  12.924  -1.471  1.00 20.05 ? 45  PRO A CB  1 
ATOM   394  C CG  . PRO A 1 47  ? -8.464  13.264  -0.271  1.00 23.19 ? 45  PRO A CG  1 
ATOM   395  C CD  . PRO A 1 47  ? -7.723  14.363  0.444   1.00 19.54 ? 45  PRO A CD  1 
ATOM   396  N N   . GLU A 1 48  ? -4.673  12.832  -2.879  1.00 20.02 ? 46  GLU A N   1 
ATOM   397  C CA  . GLU A 1 48  ? -3.739  13.238  -3.927  1.00 19.76 ? 46  GLU A CA  1 
ATOM   398  C C   . GLU A 1 48  ? -4.412  14.135  -4.958  1.00 20.92 ? 46  GLU A C   1 
ATOM   399  O O   . GLU A 1 48  ? -3.792  15.066  -5.492  1.00 23.72 ? 46  GLU A O   1 
ATOM   400  C CB  . GLU A 1 48  ? -3.156  11.983  -4.589  1.00 24.38 ? 46  GLU A CB  1 
ATOM   401  C CG  . GLU A 1 48  ? -2.475  12.197  -5.924  1.00 32.27 ? 46  GLU A CG  1 
ATOM   402  C CD  . GLU A 1 48  ? -3.443  12.274  -7.102  1.00 32.04 ? 46  GLU A CD  1 
ATOM   403  O OE1 . GLU A 1 48  ? -4.449  11.526  -7.112  1.00 36.86 ? 46  GLU A OE1 1 
ATOM   404  O OE2 . GLU A 1 48  ? -3.197  13.103  -8.005  1.00 36.50 ? 46  GLU A OE2 1 
ATOM   405  N N   . TYR A 1 49  ? -5.683  13.884  -5.247  1.00 21.85 ? 47  TYR A N   1 
ATOM   406  C CA  . TYR A 1 49  ? -6.347  14.693  -6.258  1.00 24.40 ? 47  TYR A CA  1 
ATOM   407  C C   . TYR A 1 49  ? -6.707  16.083  -5.753  1.00 27.33 ? 47  TYR A C   1 
ATOM   408  O O   . TYR A 1 49  ? -7.162  16.912  -6.550  1.00 31.32 ? 47  TYR A O   1 
ATOM   409  C CB  . TYR A 1 49  ? -7.591  13.967  -6.761  1.00 27.82 ? 47  TYR A CB  1 
ATOM   410  C CG  . TYR A 1 49  ? -8.458  13.373  -5.674  1.00 22.85 ? 47  TYR A CG  1 
ATOM   411  C CD1 . TYR A 1 49  ? -9.314  14.171  -4.938  1.00 25.48 ? 47  TYR A CD1 1 
ATOM   412  C CD2 . TYR A 1 49  ? -8.441  12.006  -5.402  1.00 26.37 ? 47  TYR A CD2 1 
ATOM   413  C CE1 . TYR A 1 49  ? -10.132 13.643  -3.955  1.00 27.93 ? 47  TYR A CE1 1 
ATOM   414  C CE2 . TYR A 1 49  ? -9.262  11.461  -4.412  1.00 25.09 ? 47  TYR A CE2 1 
ATOM   415  C CZ  . TYR A 1 49  ? -10.104 12.290  -3.694  1.00 28.31 ? 47  TYR A CZ  1 
ATOM   416  O OH  . TYR A 1 49  ? -10.922 11.793  -2.699  1.00 33.16 ? 47  TYR A OH  1 
ATOM   417  N N   . CYS A 1 50  ? -6.523  16.356  -4.460  1.00 18.71 ? 48  CYS A N   1 
ATOM   418  C CA  . CYS A 1 50  ? -6.701  17.693  -3.899  1.00 20.33 ? 48  CYS A CA  1 
ATOM   419  C C   . CYS A 1 50  ? -5.373  18.363  -3.581  1.00 23.25 ? 48  CYS A C   1 
ATOM   420  O O   . CYS A 1 50  ? -5.344  19.352  -2.839  1.00 22.99 ? 48  CYS A O   1 
ATOM   421  C CB  . CYS A 1 50  ? -7.554  17.633  -2.633  1.00 23.72 ? 48  CYS A CB  1 
ATOM   422  S SG  . CYS A 1 50  ? -9.212  17.122  -2.954  1.00 32.47 ? 48  CYS A SG  1 
ATOM   423  N N   . ARG A 1 51  ? -4.275  17.853  -4.140  1.00 24.61 ? 49  ARG A N   1 
ATOM   424  C CA  . ARG A 1 51  ? -2.960  18.285  -3.684  1.00 21.86 ? 49  ARG A CA  1 
ATOM   425  C C   . ARG A 1 51  ? -2.731  19.770  -3.907  1.00 23.21 ? 49  ARG A C   1 
ATOM   426  O O   . ARG A 1 51  ? -1.916  20.362  -3.200  1.00 19.41 ? 49  ARG A O   1 
ATOM   427  C CB  . ARG A 1 51  ? -1.864  17.447  -4.355  1.00 27.00 ? 49  ARG A CB  1 
ATOM   428  C CG  . ARG A 1 51  ? -1.450  17.878  -5.753  1.00 29.11 ? 49  ARG A CG  1 
ATOM   429  C CD  . ARG A 1 51  ? -0.144  17.174  -6.162  1.00 29.60 ? 49  ARG A CD  1 
ATOM   430  N NE  . ARG A 1 51  ? -0.384  15.776  -6.518  1.00 29.37 ? 49  ARG A NE  1 
ATOM   431  C CZ  . ARG A 1 51  ? 0.556   14.832  -6.592  1.00 28.71 ? 49  ARG A CZ  1 
ATOM   432  N NH1 . ARG A 1 51  ? 1.824   15.106  -6.324  1.00 28.95 ? 49  ARG A NH1 1 
ATOM   433  N NH2 . ARG A 1 51  ? 0.217   13.595  -6.934  1.00 29.08 ? 49  ARG A NH2 1 
ATOM   434  N N   . ASP A 1 52  ? -3.464  20.401  -4.831  1.00 24.38 ? 50  ASP A N   1 
ATOM   435  C CA  . ASP A 1 52  ? -3.297  21.836  -5.045  1.00 24.76 ? 50  ASP A CA  1 
ATOM   436  C C   . ASP A 1 52  ? -3.812  22.672  -3.877  1.00 24.67 ? 50  ASP A C   1 
ATOM   437  O O   . ASP A 1 52  ? -3.571  23.887  -3.854  1.00 22.82 ? 50  ASP A O   1 
ATOM   438  C CB  . ASP A 1 52  ? -4.001  22.259  -6.337  1.00 31.07 ? 50  ASP A CB  1 
ATOM   439  C CG  . ASP A 1 52  ? -3.239  21.841  -7.590  1.00 41.67 ? 50  ASP A CG  1 
ATOM   440  O OD1 . ASP A 1 52  ? -2.049  21.452  -7.483  1.00 42.52 ? 50  ASP A OD1 1 
ATOM   441  O OD2 . ASP A 1 52  ? -3.834  21.903  -8.690  1.00 48.62 ? 50  ASP A OD2 1 
ATOM   442  N N   . LEU A 1 53  ? -4.514  22.059  -2.915  1.00 16.46 ? 51  LEU A N   1 
ATOM   443  C CA  . LEU A 1 53  ? -4.981  22.764  -1.725  1.00 21.91 ? 51  LEU A CA  1 
ATOM   444  C C   . LEU A 1 53  ? -3.847  23.092  -0.776  1.00 21.13 ? 51  LEU A C   1 
ATOM   445  O O   . LEU A 1 53  ? -4.013  23.941  0.109   1.00 20.88 ? 51  LEU A O   1 
ATOM   446  C CB  . LEU A 1 53  ? -6.001  21.912  -0.962  1.00 19.25 ? 51  LEU A CB  1 
ATOM   447  C CG  . LEU A 1 53  ? -7.388  21.797  -1.569  1.00 20.66 ? 51  LEU A CG  1 
ATOM   448  C CD1 . LEU A 1 53  ? -8.255  20.876  -0.712  1.00 18.20 ? 51  LEU A CD1 1 
ATOM   449  C CD2 . LEU A 1 53  ? -7.986  23.194  -1.658  1.00 25.97 ? 51  LEU A CD2 1 
ATOM   450  N N   . VAL A 1 54  ? -2.708  22.423  -0.928  1.00 18.25 ? 52  VAL A N   1 
ATOM   451  C CA  . VAL A 1 54  ? -1.654  22.440  0.069   1.00 18.02 ? 52  VAL A CA  1 
ATOM   452  C C   . VAL A 1 54  ? -0.574  23.421  -0.370  1.00 24.35 ? 52  VAL A C   1 
ATOM   453  O O   . VAL A 1 54  ? -0.066  23.336  -1.493  1.00 19.06 ? 52  VAL A O   1 
ATOM   454  C CB  . VAL A 1 54  ? -1.049  21.047  0.273   1.00 18.26 ? 52  VAL A CB  1 
ATOM   455  C CG1 . VAL A 1 54  ? 0.012   21.124  1.369   1.00 18.53 ? 52  VAL A CG1 1 
ATOM   456  C CG2 . VAL A 1 54  ? -2.140  20.008  0.607   1.00 19.52 ? 52  VAL A CG2 1 
ATOM   457  N N   . ASP A 1 55  ? -0.192  24.317  0.525   1.00 20.10 ? 53  ASP A N   1 
ATOM   458  C CA  . ASP A 1 55  ? 0.933   25.206  0.267   1.00 21.77 ? 53  ASP A CA  1 
ATOM   459  C C   . ASP A 1 55  ? 1.896   25.147  1.442   1.00 21.83 ? 53  ASP A C   1 
ATOM   460  O O   . ASP A 1 55  ? 1.507   24.844  2.574   1.00 19.40 ? 53  ASP A O   1 
ATOM   461  C CB  . ASP A 1 55  ? 0.463   26.645  0.016   1.00 23.11 ? 53  ASP A CB  1 
ATOM   462  C CG  . ASP A 1 55  ? 1.518   27.498  -0.701  1.00 33.62 ? 53  ASP A CG  1 
ATOM   463  O OD1 . ASP A 1 55  ? 2.435   26.938  -1.349  1.00 30.86 ? 53  ASP A OD1 1 
ATOM   464  O OD2 . ASP A 1 55  ? 1.416   28.739  -0.615  1.00 34.55 ? 53  ASP A OD2 1 
ATOM   465  N N   . CYS A 1 56  ? 3.165   25.440  1.159   1.00 18.18 ? 54  CYS A N   1 
ATOM   466  C CA  . CYS A 1 56  ? 4.212   25.468  2.167   1.00 19.32 ? 54  CYS A CA  1 
ATOM   467  C C   . CYS A 1 56  ? 5.290   26.443  1.705   1.00 20.90 ? 54  CYS A C   1 
ATOM   468  O O   . CYS A 1 56  ? 5.312   26.867  0.552   1.00 20.77 ? 54  CYS A O   1 
ATOM   469  C CB  . CYS A 1 56  ? 4.809   24.082  2.394   1.00 20.60 ? 54  CYS A CB  1 
ATOM   470  S SG  . CYS A 1 56  ? 5.453   23.354  0.890   1.00 31.86 ? 54  CYS A SG  1 
ATOM   471  N N   . ASP A 1 57  ? 6.185   26.800  2.629   1.00 19.85 ? 55  ASP A N   1 
ATOM   472  C CA  . ASP A 1 57  ? 7.228   27.767  2.296   1.00 23.13 ? 55  ASP A CA  1 
ATOM   473  C C   . ASP A 1 57  ? 8.260   27.159  1.355   1.00 25.77 ? 55  ASP A C   1 
ATOM   474  O O   . ASP A 1 57  ? 8.650   27.793  0.370   1.00 27.61 ? 55  ASP A O   1 
ATOM   475  C CB  . ASP A 1 57  ? 7.900   28.274  3.565   1.00 22.16 ? 55  ASP A CB  1 
ATOM   476  C CG  . ASP A 1 57  ? 7.038   29.274  4.316   1.00 26.26 ? 55  ASP A CG  1 
ATOM   477  O OD1 . ASP A 1 57  ? 6.288   30.038  3.659   1.00 20.88 ? 55  ASP A OD1 1 
ATOM   478  O OD2 . ASP A 1 57  ? 7.123   29.289  5.561   1.00 27.01 ? 55  ASP A OD2 1 
ATOM   479  N N   . ARG A 1 58  ? 8.686   25.925  1.622   1.00 27.07 ? 56  ARG A N   1 
ATOM   480  C CA  . ARG A 1 58  ? 9.752   25.269  0.863   1.00 25.27 ? 56  ARG A CA  1 
ATOM   481  C C   . ARG A 1 58  ? 9.183   24.067  0.122   1.00 26.83 ? 56  ARG A C   1 
ATOM   482  O O   . ARG A 1 58  ? 8.864   23.044  0.742   1.00 21.58 ? 56  ARG A O   1 
ATOM   483  C CB  . ARG A 1 58  ? 10.883  24.863  1.799   1.00 25.83 ? 56  ARG A CB  1 
ATOM   484  C CG  . ARG A 1 58  ? 11.473  26.038  2.555   1.00 29.41 ? 56  ARG A CG  1 
ATOM   485  C CD  . ARG A 1 58  ? 12.852  25.721  3.033   1.00 28.55 ? 56  ARG A CD  1 
ATOM   486  N NE  . ARG A 1 58  ? 13.647  25.042  2.008   1.00 28.51 ? 56  ARG A NE  1 
ATOM   487  C CZ  . ARG A 1 58  ? 14.974  24.996  2.022   1.00 30.84 ? 56  ARG A CZ  1 
ATOM   488  N NH1 . ARG A 1 58  ? 15.632  25.604  2.997   1.00 32.39 ? 56  ARG A NH1 1 
ATOM   489  N NH2 . ARG A 1 58  ? 15.644  24.360  1.058   1.00 31.96 ? 56  ARG A NH2 1 
ATOM   490  N N   . LYS A 1 59  ? 9.066   24.195  -1.207  1.00 26.55 ? 57  LYS A N   1 
ATOM   491  C CA  . LYS A 1 59  ? 8.550   23.123  -2.052  1.00 33.05 ? 57  LYS A CA  1 
ATOM   492  C C   . LYS A 1 59  ? 9.525   21.963  -2.165  1.00 25.85 ? 57  LYS A C   1 
ATOM   493  O O   . LYS A 1 59  ? 9.122   20.867  -2.564  1.00 28.90 ? 57  LYS A O   1 
ATOM   494  C CB  . LYS A 1 59  ? 8.222   23.655  -3.458  1.00 34.79 ? 57  LYS A CB  1 
ATOM   495  C CG  . LYS A 1 59  ? 7.239   24.846  -3.499  1.00 43.15 ? 57  LYS A CG  1 
ATOM   496  C CD  . LYS A 1 59  ? 7.881   26.185  -3.101  1.00 36.18 ? 57  LYS A CD  1 
ATOM   497  C CE  . LYS A 1 59  ? 6.871   27.315  -3.100  1.00 37.32 ? 57  LYS A CE  1 
ATOM   498  N NZ  . LYS A 1 59  ? 5.577   26.928  -2.495  1.00 39.79 ? 57  LYS A NZ  1 
ATOM   499  N N   . ASP A 1 60  ? 10.789  22.185  -1.826  1.00 22.42 ? 58  ASP A N   1 
ATOM   500  C CA  . ASP A 1 60  ? 11.812  21.153  -1.847  1.00 25.99 ? 58  ASP A CA  1 
ATOM   501  C C   . ASP A 1 60  ? 11.916  20.398  -0.528  1.00 24.22 ? 58  ASP A C   1 
ATOM   502  O O   . ASP A 1 60  ? 12.801  19.547  -0.386  1.00 21.58 ? 58  ASP A O   1 
ATOM   503  C CB  . ASP A 1 60  ? 13.176  21.765  -2.198  1.00 23.14 ? 58  ASP A CB  1 
ATOM   504  C CG  . ASP A 1 60  ? 13.599  22.852  -1.225  1.00 26.52 ? 58  ASP A CG  1 
ATOM   505  O OD1 . ASP A 1 60  ? 12.718  23.429  -0.549  1.00 27.82 ? 58  ASP A OD1 1 
ATOM   506  O OD2 . ASP A 1 60  ? 14.811  23.135  -1.130  1.00 26.41 ? 58  ASP A OD2 1 
ATOM   507  N N   . HIS A 1 61  ? 11.046  20.682  0.438   1.00 21.00 ? 59  HIS A N   1 
ATOM   508  C CA  . HIS A 1 61  ? 11.048  19.969  1.707   1.00 20.93 ? 59  HIS A CA  1 
ATOM   509  C C   . HIS A 1 61  ? 9.836   19.044  1.773   1.00 18.36 ? 59  HIS A C   1 
ATOM   510  O O   . HIS A 1 61  ? 8.943   19.095  0.922   1.00 17.45 ? 59  HIS A O   1 
ATOM   511  C CB  . HIS A 1 61  ? 11.069  20.957  2.878   1.00 19.80 ? 59  HIS A CB  1 
ATOM   512  C CG  . HIS A 1 61  ? 12.447  21.407  3.250   1.00 25.33 ? 59  HIS A CG  1 
ATOM   513  N ND1 . HIS A 1 61  ? 12.719  22.096  4.412   1.00 25.57 ? 59  HIS A ND1 1 
ATOM   514  C CD2 . HIS A 1 61  ? 13.636  21.256  2.616   1.00 28.12 ? 59  HIS A CD2 1 
ATOM   515  C CE1 . HIS A 1 61  ? 14.015  22.351  4.477   1.00 31.20 ? 59  HIS A CE1 1 
ATOM   516  N NE2 . HIS A 1 61  ? 14.595  21.855  3.398   1.00 32.63 ? 59  HIS A NE2 1 
ATOM   517  N N   . TYR A 1 62  ? 9.804   18.205  2.806   1.00 15.13 ? 60  TYR A N   1 
ATOM   518  C CA  . TYR A 1 62  ? 8.985   17.002  2.811   1.00 17.09 ? 60  TYR A CA  1 
ATOM   519  C C   . TYR A 1 62  ? 7.760   17.117  3.713   1.00 17.32 ? 60  TYR A C   1 
ATOM   520  O O   . TYR A 1 62  ? 7.734   17.880  4.683   1.00 16.68 ? 60  TYR A O   1 
ATOM   521  C CB  . TYR A 1 62  ? 9.838   15.795  3.224   1.00 20.37 ? 60  TYR A CB  1 
ATOM   522  C CG  . TYR A 1 62  ? 10.914  15.504  2.192   1.00 20.77 ? 60  TYR A CG  1 
ATOM   523  C CD1 . TYR A 1 62  ? 12.091  16.261  2.153   1.00 26.19 ? 60  TYR A CD1 1 
ATOM   524  C CD2 . TYR A 1 62  ? 10.736  14.518  1.230   1.00 20.70 ? 60  TYR A CD2 1 
ATOM   525  C CE1 . TYR A 1 62  ? 13.071  16.025  1.204   1.00 23.73 ? 60  TYR A CE1 1 
ATOM   526  C CE2 . TYR A 1 62  ? 11.715  14.275  0.265   1.00 28.11 ? 60  TYR A CE2 1 
ATOM   527  C CZ  . TYR A 1 62  ? 12.878  15.040  0.258   1.00 31.73 ? 60  TYR A CZ  1 
ATOM   528  O OH  . TYR A 1 62  ? 13.853  14.808  -0.687  1.00 33.14 ? 60  TYR A OH  1 
ATOM   529  N N   . VAL A 1 63  ? 6.730   16.346  3.360   1.00 14.95 ? 61  VAL A N   1 
ATOM   530  C CA  . VAL A 1 63  ? 5.551   16.139  4.186   1.00 16.53 ? 61  VAL A CA  1 
ATOM   531  C C   . VAL A 1 63  ? 5.328   14.637  4.243   1.00 17.06 ? 61  VAL A C   1 
ATOM   532  O O   . VAL A 1 63  ? 6.017   13.869  3.578   1.00 14.50 ? 61  VAL A O   1 
ATOM   533  C CB  . VAL A 1 63  ? 4.305   16.859  3.635   1.00 16.65 ? 61  VAL A CB  1 
ATOM   534  C CG1 . VAL A 1 63  ? 4.550   18.385  3.544   1.00 15.69 ? 61  VAL A CG1 1 
ATOM   535  C CG2 . VAL A 1 63  ? 3.925   16.277  2.277   1.00 14.29 ? 61  VAL A CG2 1 
ATOM   536  N N   . ILE A 1 64  ? 4.368   14.214  5.056   1.00 15.62 ? 62  ILE A N   1 
ATOM   537  C CA  . ILE A 1 64  ? 4.075   12.784  5.173   1.00 15.45 ? 62  ILE A CA  1 
ATOM   538  C C   . ILE A 1 64  ? 3.303   12.335  3.943   1.00 17.64 ? 62  ILE A C   1 
ATOM   539  O O   . ILE A 1 64  ? 2.242   12.887  3.637   1.00 16.29 ? 62  ILE A O   1 
ATOM   540  C CB  . ILE A 1 64  ? 3.289   12.475  6.449   1.00 15.42 ? 62  ILE A CB  1 
ATOM   541  C CG1 . ILE A 1 64  ? 4.143   12.825  7.671   1.00 13.12 ? 62  ILE A CG1 1 
ATOM   542  C CG2 . ILE A 1 64  ? 2.894   10.964  6.462   1.00 14.40 ? 62  ILE A CG2 1 
ATOM   543  C CD1 . ILE A 1 64  ? 3.386   12.846  8.957   1.00 21.24 ? 62  ILE A CD1 1 
ATOM   544  N N   . GLY A 1 65  ? 3.825   11.327  3.235   1.00 16.25 ? 63  GLY A N   1 
ATOM   545  C CA  . GLY A 1 65  ? 3.112   10.710  2.135   1.00 16.76 ? 63  GLY A CA  1 
ATOM   546  C C   . GLY A 1 65  ? 2.455   9.392   2.515   1.00 17.26 ? 63  GLY A C   1 
ATOM   547  O O   . GLY A 1 65  ? 2.946   8.665   3.370   1.00 18.38 ? 63  GLY A O   1 
ATOM   548  N N   . VAL A 1 66  ? 1.320   9.104   1.876   1.00 13.69 ? 64  VAL A N   1 
ATOM   549  C CA  . VAL A 1 66  ? 0.537   7.880   2.101   1.00 17.57 ? 64  VAL A CA  1 
ATOM   550  C C   . VAL A 1 66  ? 0.552   7.089   0.800   1.00 19.59 ? 64  VAL A C   1 
ATOM   551  O O   . VAL A 1 66  ? -0.049  7.519   -0.194  1.00 19.42 ? 64  VAL A O   1 
ATOM   552  C CB  . VAL A 1 66  ? -0.909  8.191   2.522   1.00 16.99 ? 64  VAL A CB  1 
ATOM   553  C CG1 . VAL A 1 66  ? -1.697  6.912   2.675   1.00 18.16 ? 64  VAL A CG1 1 
ATOM   554  C CG2 . VAL A 1 66  ? -0.940  9.014   3.822   1.00 14.97 ? 64  VAL A CG2 1 
ATOM   555  N N   . LEU A 1 67  ? 1.217   5.934   0.796   1.00 16.92 ? 65  LEU A N   1 
ATOM   556  C CA  . LEU A 1 67  ? 1.473   5.197   -0.439  1.00 19.97 ? 65  LEU A CA  1 
ATOM   557  C C   . LEU A 1 67  ? 0.860   3.806   -0.359  1.00 22.85 ? 65  LEU A C   1 
ATOM   558  O O   . LEU A 1 67  ? 1.103   3.069   0.603   1.00 18.51 ? 65  LEU A O   1 
ATOM   559  C CB  . LEU A 1 67  ? 2.977   5.108   -0.714  1.00 22.86 ? 65  LEU A CB  1 
ATOM   560  C CG  . LEU A 1 67  ? 3.520   6.524   -0.957  1.00 25.08 ? 65  LEU A CG  1 
ATOM   561  C CD1 . LEU A 1 67  ? 4.556   6.917   0.081   1.00 30.63 ? 65  LEU A CD1 1 
ATOM   562  C CD2 . LEU A 1 67  ? 4.057   6.659   -2.363  1.00 29.95 ? 65  LEU A CD2 1 
ATOM   563  N N   . GLY A 1 68  ? 0.101   3.449   -1.388  1.00 26.26 ? 66  GLY A N   1 
ATOM   564  C CA  . GLY A 1 68  ? -0.568  2.161   -1.477  1.00 30.00 ? 66  GLY A CA  1 
ATOM   565  C C   . GLY A 1 68  ? -1.999  2.233   -0.993  1.00 28.77 ? 66  GLY A C   1 
ATOM   566  O O   . GLY A 1 68  ? -2.371  3.069   -0.173  1.00 27.21 ? 66  GLY A O   1 
ATOM   567  N N   . ASN A 1 69  ? -2.824  1.337   -1.520  1.00 34.12 ? 67  ASN A N   1 
ATOM   568  C CA  . ASN A 1 69  ? -4.212  1.235   -1.105  1.00 34.35 ? 67  ASN A CA  1 
ATOM   569  C C   . ASN A 1 69  ? -4.400  0.027   -0.199  1.00 35.44 ? 67  ASN A C   1 
ATOM   570  O O   . ASN A 1 69  ? -3.657  -0.957  -0.267  1.00 32.77 ? 67  ASN A O   1 
ATOM   571  C CB  . ASN A 1 69  ? -5.158  1.136   -2.306  1.00 43.20 ? 67  ASN A CB  1 
ATOM   572  C CG  . ASN A 1 69  ? -6.502  1.796   -2.032  1.00 48.33 ? 67  ASN A CG  1 
ATOM   573  O OD1 . ASN A 1 69  ? -6.627  2.605   -1.106  1.00 48.29 ? 67  ASN A OD1 1 
ATOM   574  N ND2 . ASN A 1 69  ? -7.516  1.441   -2.817  1.00 50.63 ? 67  ASN A ND2 1 
ATOM   575  N N   . GLY A 1 70  ? -5.426  0.117   0.645   1.00 37.54 ? 68  GLY A N   1 
ATOM   576  C CA  . GLY A 1 70  ? -5.651  -0.878  1.670   1.00 38.27 ? 68  GLY A CA  1 
ATOM   577  C C   . GLY A 1 70  ? -4.860  -0.516  2.906   1.00 31.14 ? 68  GLY A C   1 
ATOM   578  O O   . GLY A 1 70  ? -5.261  0.362   3.675   1.00 36.29 ? 68  GLY A O   1 
ATOM   579  N N   . VAL A 1 71  ? -3.732  -1.186  3.094   1.00 28.14 ? 69  VAL A N   1 
ATOM   580  C CA  . VAL A 1 71  ? -2.768  -0.866  4.136   1.00 27.93 ? 69  VAL A CA  1 
ATOM   581  C C   . VAL A 1 71  ? -1.675  -0.023  3.478   1.00 26.64 ? 69  VAL A C   1 
ATOM   582  O O   . VAL A 1 71  ? -0.930  -0.507  2.619   1.00 29.10 ? 69  VAL A O   1 
ATOM   583  C CB  . VAL A 1 71  ? -2.208  -2.137  4.786   1.00 28.06 ? 69  VAL A CB  1 
ATOM   584  C CG1 . VAL A 1 71  ? -1.207  -1.784  5.865   1.00 30.74 ? 69  VAL A CG1 1 
ATOM   585  C CG2 . VAL A 1 71  ? -3.357  -2.984  5.362   1.00 29.45 ? 69  VAL A CG2 1 
ATOM   586  N N   . SER A 1 72  ? -1.588  1.247   3.845   1.00 23.01 ? 70  SER A N   1 
ATOM   587  C CA  . SER A 1 72  ? -0.682  2.174   3.177   1.00 21.91 ? 70  SER A CA  1 
ATOM   588  C C   . SER A 1 72  ? 0.617   2.325   3.954   1.00 22.94 ? 70  SER A C   1 
ATOM   589  O O   . SER A 1 72  ? 0.634   2.232   5.182   1.00 24.46 ? 70  SER A O   1 
ATOM   590  C CB  . SER A 1 72  ? -1.321  3.552   3.018   1.00 26.12 ? 70  SER A CB  1 
ATOM   591  O OG  . SER A 1 72  ? -2.535  3.505   2.287   1.00 22.86 ? 70  SER A OG  1 
ATOM   592  N N   . ASP A 1 73  ? 1.707   2.587   3.228   1.00 20.28 ? 71  ASP A N   1 
ATOM   593  C CA  . ASP A 1 73  ? 2.974   2.903   3.871   1.00 20.94 ? 71  ASP A CA  1 
ATOM   594  C C   . ASP A 1 73  ? 3.065   4.408   4.100   1.00 23.78 ? 71  ASP A C   1 
ATOM   595  O O   . ASP A 1 73  ? 2.667   5.203   3.240   1.00 20.86 ? 71  ASP A O   1 
ATOM   596  C CB  . ASP A 1 73  ? 4.170   2.462   3.021   1.00 25.89 ? 71  ASP A CB  1 
ATOM   597  C CG  . ASP A 1 73  ? 4.248   0.956   2.829   1.00 36.60 ? 71  ASP A CG  1 
ATOM   598  O OD1 . ASP A 1 73  ? 3.825   0.208   3.735   1.00 40.04 ? 71  ASP A OD1 1 
ATOM   599  O OD2 . ASP A 1 73  ? 4.752   0.519   1.766   1.00 44.07 ? 71  ASP A OD2 1 
ATOM   600  N N   . LEU A 1 74  ? 3.613   4.792   5.250   1.00 20.31 ? 72  LEU A N   1 
ATOM   601  C CA  . LEU A 1 74  ? 3.945   6.187   5.526   1.00 19.48 ? 72  LEU A CA  1 
ATOM   602  C C   . LEU A 1 74  ? 5.393   6.459   5.135   1.00 21.55 ? 72  LEU A C   1 
ATOM   603  O O   . LEU A 1 74  ? 6.304   5.778   5.617   1.00 19.29 ? 72  LEU A O   1 
ATOM   604  C CB  . LEU A 1 74  ? 3.737   6.497   7.003   1.00 17.88 ? 72  LEU A CB  1 
ATOM   605  C CG  . LEU A 1 74  ? 2.310   6.242   7.490   1.00 19.17 ? 72  LEU A CG  1 
ATOM   606  C CD1 . LEU A 1 74  ? 2.167   6.539   8.965   1.00 18.88 ? 72  LEU A CD1 1 
ATOM   607  C CD2 . LEU A 1 74  ? 1.335   7.070   6.649   1.00 19.72 ? 72  LEU A CD2 1 
ATOM   608  N N   . LYS A 1 75  ? 5.606   7.482   4.299   1.00 18.97 ? 73  LYS A N   1 
ATOM   609  C CA  . LYS A 1 75  ? 6.940   7.853   3.803   1.00 18.28 ? 73  LYS A CA  1 
ATOM   610  C C   . LYS A 1 75  ? 7.037   9.353   3.552   1.00 20.37 ? 73  LYS A C   1 
ATOM   611  O O   . LYS A 1 75  ? 6.076   9.937   3.041   1.00 16.58 ? 73  LYS A O   1 
ATOM   612  C CB  . LYS A 1 75  ? 7.233   7.107   2.498   1.00 22.53 ? 73  LYS A CB  1 
ATOM   613  C CG  . LYS A 1 75  ? 8.673   7.057   2.099   1.00 27.52 ? 73  LYS A CG  1 
ATOM   614  C CD  . LYS A 1 75  ? 8.814   6.252   0.806   1.00 33.15 ? 73  LYS A CD  1 
ATOM   615  C CE  . LYS A 1 75  ? 10.013  6.720   0.007   1.00 34.69 ? 73  LYS A CE  1 
ATOM   616  N NZ  . LYS A 1 75  ? 11.274  6.097   0.497   1.00 38.57 ? 73  LYS A NZ  1 
ATOM   617  N N   . PRO A 1 76  ? 8.172   9.991   3.854   1.00 18.93 ? 74  PRO A N   1 
ATOM   618  C CA  . PRO A 1 76  ? 8.335   11.409  3.487   1.00 19.31 ? 74  PRO A CA  1 
ATOM   619  C C   . PRO A 1 76  ? 8.336   11.574  1.978   1.00 21.23 ? 74  PRO A C   1 
ATOM   620  O O   . PRO A 1 76  ? 9.026   10.846  1.256   1.00 16.69 ? 74  PRO A O   1 
ATOM   621  C CB  . PRO A 1 76  ? 9.691   11.793  4.098   1.00 21.81 ? 74  PRO A CB  1 
ATOM   622  C CG  . PRO A 1 76  ? 9.948   10.758  5.171   1.00 21.53 ? 74  PRO A CG  1 
ATOM   623  C CD  . PRO A 1 76  ? 9.331   9.481   4.608   1.00 21.27 ? 74  PRO A CD  1 
ATOM   624  N N   . VAL A 1 77  ? 7.529   12.519  1.499   1.00 15.40 ? 75  VAL A N   1 
ATOM   625  C CA  . VAL A 1 77  ? 7.445   12.825  0.081   1.00 19.15 ? 75  VAL A CA  1 
ATOM   626  C C   . VAL A 1 77  ? 7.426   14.338  -0.100  1.00 17.89 ? 75  VAL A C   1 
ATOM   627  O O   . VAL A 1 77  ? 7.146   15.095  0.830   1.00 14.53 ? 75  VAL A O   1 
ATOM   628  C CB  . VAL A 1 77  ? 6.197   12.206  -0.577  1.00 18.54 ? 75  VAL A CB  1 
ATOM   629  C CG1 . VAL A 1 77  ? 6.184   10.682  -0.388  1.00 19.54 ? 75  VAL A CG1 1 
ATOM   630  C CG2 . VAL A 1 77  ? 4.940   12.843  -0.012  1.00 15.48 ? 75  VAL A CG2 1 
ATOM   631  N N   . LEU A 1 78  ? 7.729   14.766  -1.321  1.00 17.45 ? 76  LEU A N   1 
ATOM   632  C CA  . LEU A 1 78  ? 7.509   16.143  -1.742  1.00 22.76 ? 76  LEU A CA  1 
ATOM   633  C C   . LEU A 1 78  ? 6.085   16.262  -2.269  1.00 22.57 ? 76  LEU A C   1 
ATOM   634  O O   . LEU A 1 78  ? 5.505   15.281  -2.731  1.00 20.93 ? 76  LEU A O   1 
ATOM   635  C CB  . LEU A 1 78  ? 8.502   16.561  -2.837  1.00 23.77 ? 76  LEU A CB  1 
ATOM   636  C CG  . LEU A 1 78  ? 10.005  16.365  -2.617  1.00 23.29 ? 76  LEU A CG  1 
ATOM   637  C CD1 . LEU A 1 78  ? 10.780  16.727  -3.882  1.00 25.80 ? 76  LEU A CD1 1 
ATOM   638  C CD2 . LEU A 1 78  ? 10.478  17.206  -1.462  1.00 24.21 ? 76  LEU A CD2 1 
ATOM   639  N N   . LEU A 1 79  ? 5.527   17.478  -2.202  1.00 20.71 ? 77  LEU A N   1 
ATOM   640  C CA  . LEU A 1 79  ? 4.165   17.715  -2.680  1.00 23.56 ? 77  LEU A CA  1 
ATOM   641  C C   . LEU A 1 79  ? 4.028   17.496  -4.184  1.00 27.65 ? 77  LEU A C   1 
ATOM   642  O O   . LEU A 1 79  ? 2.903   17.388  -4.685  1.00 30.79 ? 77  LEU A O   1 
ATOM   643  C CB  . LEU A 1 79  ? 3.723   19.143  -2.320  1.00 25.27 ? 77  LEU A CB  1 
ATOM   644  C CG  . LEU A 1 79  ? 3.378   19.361  -0.848  1.00 27.98 ? 77  LEU A CG  1 
ATOM   645  C CD1 . LEU A 1 79  ? 3.088   20.841  -0.537  1.00 25.40 ? 77  LEU A CD1 1 
ATOM   646  C CD2 . LEU A 1 79  ? 2.193   18.478  -0.447  1.00 26.01 ? 77  LEU A CD2 1 
ATOM   647  N N   . THR A 1 80  ? 5.139   17.434  -4.915  1.00 26.92 ? 78  THR A N   1 
ATOM   648  C CA  . THR A 1 80  ? 5.144   17.139  -6.341  1.00 28.57 ? 78  THR A CA  1 
ATOM   649  C C   . THR A 1 80  ? 5.289   15.654  -6.645  1.00 34.52 ? 78  THR A C   1 
ATOM   650  O O   . THR A 1 80  ? 5.353   15.291  -7.825  1.00 36.30 ? 78  THR A O   1 
ATOM   651  C CB  . THR A 1 80  ? 6.294   17.887  -7.019  1.00 33.35 ? 78  THR A CB  1 
ATOM   652  O OG1 . THR A 1 80  ? 7.519   17.482  -6.402  1.00 30.56 ? 78  THR A OG1 1 
ATOM   653  C CG2 . THR A 1 80  ? 6.133   19.391  -6.865  1.00 37.67 ? 78  THR A CG2 1 
ATOM   654  N N   . GLU A 1 81  ? 5.366   14.792  -5.612  1.00 31.62 ? 79  GLU A N   1 
ATOM   655  C CA  . GLU A 1 81  ? 5.601   13.353  -5.733  1.00 26.17 ? 79  GLU A CA  1 
ATOM   656  C C   . GLU A 1 81  ? 4.769   12.747  -6.861  1.00 36.50 ? 79  GLU A C   1 
ATOM   657  O O   . GLU A 1 81  ? 3.533   12.748  -6.803  1.00 30.11 ? 79  GLU A O   1 
ATOM   658  C CB  . GLU A 1 81  ? 5.299   12.652  -4.406  1.00 30.89 ? 79  GLU A CB  1 
ATOM   659  C CG  . GLU A 1 81  ? 5.207   11.124  -4.477  1.00 27.58 ? 79  GLU A CG  1 
ATOM   660  C CD  . GLU A 1 81  ? 6.522   10.486  -4.865  1.00 40.87 ? 79  GLU A CD  1 
ATOM   661  O OE1 . GLU A 1 81  ? 7.521   10.705  -4.141  1.00 37.35 ? 79  GLU A OE1 1 
ATOM   662  O OE2 . GLU A 1 81  ? 6.559   9.779   -5.899  1.00 34.93 ? 79  GLU A OE2 1 
ATOM   663  N N   . PRO A 1 82  ? 5.411   12.224  -7.911  1.00 40.85 ? 80  PRO A N   1 
ATOM   664  C CA  . PRO A 1 82  ? 4.652   11.762  -9.081  1.00 39.77 ? 80  PRO A CA  1 
ATOM   665  C C   . PRO A 1 82  ? 4.122   10.335  -8.989  1.00 37.88 ? 80  PRO A C   1 
ATOM   666  O O   . PRO A 1 82  ? 3.329   9.943   -9.858  1.00 43.31 ? 80  PRO A O   1 
ATOM   667  C CB  . PRO A 1 82  ? 5.673   11.905  -10.223 1.00 38.21 ? 80  PRO A CB  1 
ATOM   668  C CG  . PRO A 1 82  ? 6.996   11.695  -9.559  1.00 36.14 ? 80  PRO A CG  1 
ATOM   669  C CD  . PRO A 1 82  ? 6.870   12.191  -8.137  1.00 34.68 ? 80  PRO A CD  1 
ATOM   670  N N   . SER A 1 83  ? 4.513   9.561   -7.975  1.00 33.33 ? 81  SER A N   1 
ATOM   671  C CA  . SER A 1 83  ? 4.196   8.135   -7.924  1.00 34.44 ? 81  SER A CA  1 
ATOM   672  C C   . SER A 1 83  ? 2.704   7.860   -8.090  1.00 39.62 ? 81  SER A C   1 
ATOM   673  O O   . SER A 1 83  ? 1.854   8.573   -7.547  1.00 32.33 ? 81  SER A O   1 
ATOM   674  C CB  . SER A 1 83  ? 4.668   7.535   -6.597  1.00 37.32 ? 81  SER A CB  1 
ATOM   675  O OG  . SER A 1 83  ? 3.924   6.374   -6.274  1.00 36.65 ? 81  SER A OG  1 
ATOM   676  N N   . VAL A 1 84  ? 2.389   6.788   -8.824  1.00 34.77 ? 82  VAL A N   1 
ATOM   677  C CA  . VAL A 1 84  ? 0.991   6.444   -9.039  1.00 37.28 ? 82  VAL A CA  1 
ATOM   678  C C   . VAL A 1 84  ? 0.379   5.838   -7.782  1.00 33.81 ? 82  VAL A C   1 
ATOM   679  O O   . VAL A 1 84  ? -0.844  5.897   -7.600  1.00 34.49 ? 82  VAL A O   1 
ATOM   680  C CB  . VAL A 1 84  ? 0.864   5.515   -10.267 1.00 39.38 ? 82  VAL A CB  1 
ATOM   681  C CG1 . VAL A 1 84  ? 1.501   4.158   -10.006 1.00 34.90 ? 82  VAL A CG1 1 
ATOM   682  C CG2 . VAL A 1 84  ? -0.597  5.384   -10.693 1.00 36.86 ? 82  VAL A CG2 1 
ATOM   683  N N   . MET A 1 85  ? 1.206   5.307   -6.876  1.00 28.89 ? 83  MET A N   1 
ATOM   684  C CA  . MET A 1 85  ? 0.728   4.739   -5.622  1.00 29.08 ? 83  MET A CA  1 
ATOM   685  C C   . MET A 1 85  ? 0.373   5.787   -4.568  1.00 24.66 ? 83  MET A C   1 
ATOM   686  O O   . MET A 1 85  ? -0.115  5.416   -3.496  1.00 25.47 ? 83  MET A O   1 
ATOM   687  C CB  . MET A 1 85  ? 1.783   3.805   -5.045  1.00 30.15 ? 83  MET A CB  1 
ATOM   688  C CG  . MET A 1 85  ? 2.059   2.596   -5.925  1.00 36.96 ? 83  MET A CG  1 
ATOM   689  S SD  . MET A 1 85  ? 2.771   1.240   -4.996  1.00 50.34 ? 83  MET A SD  1 
ATOM   690  C CE  . MET A 1 85  ? 2.454   1.713   -3.296  1.00 31.61 ? 83  MET A CE  1 
ATOM   691  N N   . LEU A 1 86  ? 0.617   7.064   -4.830  1.00 30.06 ? 84  LEU A N   1 
ATOM   692  C CA  . LEU A 1 86  ? 0.382   8.094   -3.826  1.00 22.59 ? 84  LEU A CA  1 
ATOM   693  C C   . LEU A 1 86  ? -1.116  8.263   -3.583  1.00 21.81 ? 84  LEU A C   1 
ATOM   694  O O   . LEU A 1 86  ? -1.861  8.625   -4.500  1.00 23.33 ? 84  LEU A O   1 
ATOM   695  C CB  . LEU A 1 86  ? 1.011   9.404   -4.277  1.00 22.57 ? 84  LEU A CB  1 
ATOM   696  C CG  . LEU A 1 86  ? 0.897   10.552  -3.266  1.00 22.21 ? 84  LEU A CG  1 
ATOM   697  C CD1 . LEU A 1 86  ? 1.728   10.253  -2.027  1.00 20.37 ? 84  LEU A CD1 1 
ATOM   698  C CD2 . LEU A 1 86  ? 1.328   11.846  -3.893  1.00 24.41 ? 84  LEU A CD2 1 
ATOM   699  N N   . GLN A 1 87  ? -1.557  8.005   -2.349  1.00 16.88 ? 85  GLN A N   1 
ATOM   700  C CA  . GLN A 1 87  ? -2.963  8.218   -1.986  1.00 19.05 ? 85  GLN A CA  1 
ATOM   701  C C   . GLN A 1 87  ? -3.234  9.668   -1.599  1.00 17.50 ? 85  GLN A C   1 
ATOM   702  O O   . GLN A 1 87  ? -4.335  10.190  -1.838  1.00 16.65 ? 85  GLN A O   1 
ATOM   703  C CB  . GLN A 1 87  ? -3.353  7.317   -0.822  1.00 19.58 ? 85  GLN A CB  1 
ATOM   704  C CG  . GLN A 1 87  ? -3.193  5.850   -1.104  1.00 25.12 ? 85  GLN A CG  1 
ATOM   705  C CD  . GLN A 1 87  ? -3.935  5.440   -2.352  1.00 30.02 ? 85  GLN A CD  1 
ATOM   706  O OE1 . GLN A 1 87  ? -3.328  5.245   -3.415  1.00 32.54 ? 85  GLN A OE1 1 
ATOM   707  N NE2 . GLN A 1 87  ? -5.257  5.333   -2.246  1.00 29.86 ? 85  GLN A NE2 1 
ATOM   708  N N   . GLY A 1 88  ? -2.260  10.297  -0.956  1.00 17.77 ? 86  GLY A N   1 
ATOM   709  C CA  . GLY A 1 88  ? -2.408  11.661  -0.482  1.00 18.46 ? 86  GLY A CA  1 
ATOM   710  C C   . GLY A 1 88  ? -1.322  11.978  0.527   1.00 17.15 ? 86  GLY A C   1 
ATOM   711  O O   . GLY A 1 88  ? -0.336  11.245  0.649   1.00 14.49 ? 86  GLY A O   1 
ATOM   712  N N   . PHE A 1 89  ? -1.527  13.073  1.254   1.00 17.06 ? 87  PHE A N   1 
ATOM   713  C CA  . PHE A 1 89  ? -0.556  13.584  2.209   1.00 14.07 ? 87  PHE A CA  1 
ATOM   714  C C   . PHE A 1 89  ? -1.230  13.768  3.560   1.00 14.91 ? 87  PHE A C   1 
ATOM   715  O O   . PHE A 1 89  ? -2.402  14.133  3.642   1.00 15.06 ? 87  PHE A O   1 
ATOM   716  C CB  . PHE A 1 89  ? 0.026   14.931  1.753   1.00 16.78 ? 87  PHE A CB  1 
ATOM   717  C CG  . PHE A 1 89  ? 0.411   14.970  0.293   1.00 21.17 ? 87  PHE A CG  1 
ATOM   718  C CD1 . PHE A 1 89  ? 1.663   14.536  -0.120  1.00 21.01 ? 87  PHE A CD1 1 
ATOM   719  C CD2 . PHE A 1 89  ? -0.476  15.445  -0.662  1.00 25.52 ? 87  PHE A CD2 1 
ATOM   720  C CE1 . PHE A 1 89  ? 2.032   14.574  -1.461  1.00 23.05 ? 87  PHE A CE1 1 
ATOM   721  C CE2 . PHE A 1 89  ? -0.117  15.484  -2.009  1.00 26.08 ? 87  PHE A CE2 1 
ATOM   722  C CZ  . PHE A 1 89  ? 1.146   15.054  -2.403  1.00 25.11 ? 87  PHE A CZ  1 
ATOM   723  N N   . ILE A 1 90  ? -0.477  13.540  4.626   1.00 13.00 ? 88  ILE A N   1 
ATOM   724  C CA  . ILE A 1 90  ? -0.927  13.881  5.967   1.00 12.56 ? 88  ILE A CA  1 
ATOM   725  C C   . ILE A 1 90  ? -0.116  15.091  6.403   1.00 15.91 ? 88  ILE A C   1 
ATOM   726  O O   . ILE A 1 90  ? 1.115   15.013  6.496   1.00 14.77 ? 88  ILE A O   1 
ATOM   727  C CB  . ILE A 1 90  ? -0.750  12.708  6.938   1.00 16.72 ? 88  ILE A CB  1 
ATOM   728  C CG1 . ILE A 1 90  ? -1.649  11.531  6.510   1.00 14.40 ? 88  ILE A CG1 1 
ATOM   729  C CG2 . ILE A 1 90  ? -1.084  13.143  8.337   1.00 18.40 ? 88  ILE A CG2 1 
ATOM   730  C CD1 . ILE A 1 90  ? -1.266  10.217  7.130   1.00 18.57 ? 88  ILE A CD1 1 
ATOM   731  N N   . VAL A 1 91  ? -0.791  16.212  6.639   1.00 12.38 ? 89  VAL A N   1 
ATOM   732  C CA  . VAL A 1 91  ? -0.113  17.477  6.884   1.00 11.74 ? 89  VAL A CA  1 
ATOM   733  C C   . VAL A 1 91  ? -0.675  18.100  8.150   1.00 17.61 ? 89  VAL A C   1 
ATOM   734  O O   . VAL A 1 91  ? -1.820  17.847  8.532   1.00 15.33 ? 89  VAL A O   1 
ATOM   735  C CB  . VAL A 1 91  ? -0.259  18.431  5.683   1.00 14.68 ? 89  VAL A CB  1 
ATOM   736  C CG1 . VAL A 1 91  ? 0.491   17.847  4.469   1.00 12.70 ? 89  VAL A CG1 1 
ATOM   737  C CG2 . VAL A 1 91  ? -1.722  18.609  5.344   1.00 17.25 ? 89  VAL A CG2 1 
ATOM   738  N N   . ARG A 1 92  ? 0.152   18.906  8.818   1.00 18.66 ? 90  ARG A N   1 
ATOM   739  C CA  . ARG A 1 92  ? -0.247  19.489  10.091  1.00 19.81 ? 90  ARG A CA  1 
ATOM   740  C C   . ARG A 1 92  ? -1.201  20.640  9.822   1.00 20.96 ? 90  ARG A C   1 
ATOM   741  O O   . ARG A 1 92  ? -0.791  21.700  9.328   1.00 20.70 ? 90  ARG A O   1 
ATOM   742  C CB  . ARG A 1 92  ? 0.967   19.956  10.887  1.00 21.70 ? 90  ARG A CB  1 
ATOM   743  C CG  . ARG A 1 92  ? 0.591   20.668  12.183  1.00 27.06 ? 90  ARG A CG  1 
ATOM   744  C CD  . ARG A 1 92  ? 1.823   20.974  13.046  1.00 40.43 ? 90  ARG A CD  1 
ATOM   745  N NE  . ARG A 1 92  ? 2.530   19.768  13.472  1.00 39.81 ? 90  ARG A NE  1 
ATOM   746  C CZ  . ARG A 1 92  ? 2.219   19.080  14.569  1.00 41.62 ? 90  ARG A CZ  1 
ATOM   747  N NH1 . ARG A 1 92  ? 1.201   19.474  15.330  1.00 40.79 ? 90  ARG A NH1 1 
ATOM   748  N NH2 . ARG A 1 92  ? 2.910   17.994  14.898  1.00 39.96 ? 90  ARG A NH2 1 
ATOM   749  N N   . SER A 1 93  ? -2.471  20.438  10.161  1.00 18.44 ? 91  SER A N   1 
ATOM   750  C CA  . SER A 1 93  ? -3.511  21.443  9.989   1.00 22.66 ? 91  SER A CA  1 
ATOM   751  C C   . SER A 1 93  ? -4.732  20.950  10.747  1.00 24.73 ? 91  SER A C   1 
ATOM   752  O O   . SER A 1 93  ? -4.795  19.790  11.160  1.00 25.94 ? 91  SER A O   1 
ATOM   753  C CB  . SER A 1 93  ? -3.847  21.674  8.515   1.00 21.86 ? 91  SER A CB  1 
ATOM   754  O OG  . SER A 1 93  ? -5.064  22.395  8.364   1.00 24.82 ? 91  SER A OG  1 
ATOM   755  N N   . GLY A 1 94  ? -5.709  21.844  10.912  1.00 24.46 ? 92  GLY A N   1 
ATOM   756  C CA  . GLY A 1 94  ? -6.960  21.492  11.565  1.00 26.19 ? 92  GLY A CA  1 
ATOM   757  C C   . GLY A 1 94  ? -8.183  21.692  10.689  1.00 26.66 ? 92  GLY A C   1 
ATOM   758  O O   . GLY A 1 94  ? -9.321  21.542  11.151  1.00 25.29 ? 92  GLY A O   1 
ATOM   759  N N   . SER A 1 95  ? -7.965  22.024  9.420   1.00 19.39 ? 93  SER A N   1 
ATOM   760  C CA  . SER A 1 95  ? -9.054  22.278  8.485   1.00 20.94 ? 93  SER A CA  1 
ATOM   761  C C   . SER A 1 95  ? -9.434  20.974  7.786   1.00 24.71 ? 93  SER A C   1 
ATOM   762  O O   . SER A 1 95  ? -8.585  20.336  7.158   1.00 21.41 ? 93  SER A O   1 
ATOM   763  C CB  . SER A 1 95  ? -8.642  23.339  7.465   1.00 25.15 ? 93  SER A CB  1 
ATOM   764  O OG  . SER A 1 95  ? -8.412  24.582  8.101   1.00 29.50 ? 93  SER A OG  1 
ATOM   765  N N   . GLY A 1 96  ? -10.696 20.579  7.897   1.00 19.34 ? 94  GLY A N   1 
ATOM   766  C CA  . GLY A 1 96  ? -11.144 19.348  7.263   1.00 19.51 ? 94  GLY A CA  1 
ATOM   767  C C   . GLY A 1 96  ? -12.617 19.132  7.539   1.00 24.76 ? 94  GLY A C   1 
ATOM   768  O O   . GLY A 1 96  ? -13.271 19.939  8.211   1.00 21.92 ? 94  GLY A O   1 
ATOM   769  N N   . SER A 1 97  ? -13.135 18.022  7.003   1.00 21.54 ? 95  SER A N   1 
ATOM   770  C CA  . SER A 1 97  ? -14.563 17.716  7.090   1.00 21.94 ? 95  SER A CA  1 
ATOM   771  C C   . SER A 1 97  ? -14.830 16.439  7.877   1.00 24.66 ? 95  SER A C   1 
ATOM   772  O O   . SER A 1 97  ? -15.301 16.522  9.012   1.00 23.28 ? 95  SER A O   1 
ATOM   773  C CB  . SER A 1 97  ? -15.156 17.631  5.683   1.00 28.44 ? 95  SER A CB  1 
ATOM   774  O OG  . SER A 1 97  ? -14.493 16.629  4.923   1.00 30.56 ? 95  SER A OG  1 
ATOM   775  N N   . VAL A 1 98  ? -14.559 15.254  7.315   1.00 21.64 ? 96  VAL A N   1 
ATOM   776  C CA  . VAL A 1 98  ? -15.000 13.984  7.890   1.00 21.04 ? 96  VAL A CA  1 
ATOM   777  C C   . VAL A 1 98  ? -13.812 13.236  8.484   1.00 22.60 ? 96  VAL A C   1 
ATOM   778  O O   . VAL A 1 98  ? -12.665 13.386  8.043   1.00 19.00 ? 96  VAL A O   1 
ATOM   779  C CB  . VAL A 1 98  ? -15.716 13.100  6.843   1.00 24.40 ? 96  VAL A CB  1 
ATOM   780  C CG1 . VAL A 1 98  ? -16.909 13.832  6.236   1.00 24.93 ? 96  VAL A CG1 1 
ATOM   781  C CG2 . VAL A 1 98  ? -14.745 12.683  5.742   1.00 24.07 ? 96  VAL A CG2 1 
ATOM   782  N N   . LEU A 1 99  ? -14.091 12.427  9.506   1.00 18.35 ? 97  LEU A N   1 
ATOM   783  C CA  . LEU A 1 99  ? -13.089 11.537  10.082  1.00 23.67 ? 97  LEU A CA  1 
ATOM   784  C C   . LEU A 1 99  ? -13.141 10.211  9.344   1.00 26.20 ? 97  LEU A C   1 
ATOM   785  O O   . LEU A 1 99  ? -14.225 9.670   9.127   1.00 27.45 ? 97  LEU A O   1 
ATOM   786  C CB  . LEU A 1 99  ? -13.321 11.323  11.581  1.00 23.41 ? 97  LEU A CB  1 
ATOM   787  C CG  . LEU A 1 99  ? -12.583 12.236  12.557  1.00 27.30 ? 97  LEU A CG  1 
ATOM   788  C CD1 . LEU A 1 99  ? -11.136 11.824  12.751  1.00 27.25 ? 97  LEU A CD1 1 
ATOM   789  C CD2 . LEU A 1 99  ? -12.618 13.644  12.053  1.00 30.30 ? 97  LEU A CD2 1 
ATOM   790  N N   . GLU A 1 100 ? -11.978 9.703   8.937   1.00 23.51 ? 98  GLU A N   1 
ATOM   791  C CA  . GLU A 1 100 ? -11.902 8.458   8.186   1.00 25.16 ? 98  GLU A CA  1 
ATOM   792  C C   . GLU A 1 100 ? -10.921 7.507   8.854   1.00 25.71 ? 98  GLU A C   1 
ATOM   793  O O   . GLU A 1 100 ? -9.994  7.926   9.548   1.00 22.75 ? 98  GLU A O   1 
ATOM   794  C CB  . GLU A 1 100 ? -11.467 8.684   6.735   1.00 31.40 ? 98  GLU A CB  1 
ATOM   795  C CG  . GLU A 1 100 ? -12.585 9.025   5.769   1.00 33.08 ? 98  GLU A CG  1 
ATOM   796  C CD  . GLU A 1 100 ? -12.105 8.999   4.324   1.00 41.50 ? 98  GLU A CD  1 
ATOM   797  O OE1 . GLU A 1 100 ? -11.210 8.176   4.012   1.00 45.07 ? 98  GLU A OE1 1 
ATOM   798  O OE2 . GLU A 1 100 ? -12.607 9.811   3.510   1.00 41.26 ? 98  GLU A OE2 1 
ATOM   799  N N   . ASP A 1 101 ? -11.117 6.211   8.611   1.00 26.23 ? 99  ASP A N   1 
ATOM   800  C CA  . ASP A 1 101 ? -10.225 5.185   9.135   1.00 23.91 ? 99  ASP A CA  1 
ATOM   801  C C   . ASP A 1 101 ? -9.144  4.842   8.116   1.00 26.03 ? 99  ASP A C   1 
ATOM   802  O O   . ASP A 1 101 ? -9.430  4.633   6.931   1.00 26.86 ? 99  ASP A O   1 
ATOM   803  C CB  . ASP A 1 101 ? -11.007 3.925   9.506   1.00 30.04 ? 99  ASP A CB  1 
ATOM   804  C CG  . ASP A 1 101 ? -12.103 4.207   10.506  1.00 39.51 ? 99  ASP A CG  1 
ATOM   805  O OD1 . ASP A 1 101 ? -11.771 4.566   11.661  1.00 44.46 ? 99  ASP A OD1 1 
ATOM   806  O OD2 . ASP A 1 101 ? -13.289 4.092   10.132  1.00 46.83 ? 99  ASP A OD2 1 
ATOM   807  N N   . PHE A 1 102 ? -7.906  4.762   8.591   1.00 22.34 ? 100 PHE A N   1 
ATOM   808  C CA  . PHE A 1 102 ? -6.751  4.444   7.769   1.00 23.60 ? 100 PHE A CA  1 
ATOM   809  C C   . PHE A 1 102 ? -6.006  3.284   8.410   1.00 22.51 ? 100 PHE A C   1 
ATOM   810  O O   . PHE A 1 102 ? -5.836  3.260   9.632   1.00 26.03 ? 100 PHE A O   1 
ATOM   811  C CB  . PHE A 1 102 ? -5.790  5.641   7.634   1.00 20.03 ? 100 PHE A CB  1 
ATOM   812  C CG  . PHE A 1 102 ? -6.367  6.820   6.892   1.00 20.08 ? 100 PHE A CG  1 
ATOM   813  C CD1 . PHE A 1 102 ? -7.224  7.713   7.533   1.00 20.86 ? 100 PHE A CD1 1 
ATOM   814  C CD2 . PHE A 1 102 ? -6.034  7.052   5.562   1.00 21.49 ? 100 PHE A CD2 1 
ATOM   815  C CE1 . PHE A 1 102 ? -7.767  8.811   6.852   1.00 20.39 ? 100 PHE A CE1 1 
ATOM   816  C CE2 . PHE A 1 102 ? -6.563  8.150   4.869   1.00 24.38 ? 100 PHE A CE2 1 
ATOM   817  C CZ  . PHE A 1 102 ? -7.437  9.033   5.526   1.00 21.17 ? 100 PHE A CZ  1 
ATOM   818  N N   . ASP A 1 103 ? -5.555  2.339   7.591   1.00 22.09 ? 101 ASP A N   1 
ATOM   819  C CA  . ASP A 1 103 ? -4.651  1.276   8.033   1.00 26.87 ? 101 ASP A CA  1 
ATOM   820  C C   . ASP A 1 103 ? -3.264  1.565   7.477   1.00 21.19 ? 101 ASP A C   1 
ATOM   821  O O   . ASP A 1 103 ? -3.086  1.642   6.258   1.00 22.33 ? 101 ASP A O   1 
ATOM   822  C CB  . ASP A 1 103 ? -5.132  -0.102  7.583   1.00 26.92 ? 101 ASP A CB  1 
ATOM   823  C CG  . ASP A 1 103 ? -6.086  -0.729  8.576   1.00 40.03 ? 101 ASP A CG  1 
ATOM   824  O OD1 . ASP A 1 103 ? -7.011  -0.026  9.040   1.00 43.59 ? 101 ASP A OD1 1 
ATOM   825  O OD2 . ASP A 1 103 ? -5.895  -1.920  8.902   1.00 49.32 ? 101 ASP A OD2 1 
ATOM   826  N N   . LEU A 1 104 ? -2.297  1.742   8.370   1.00 19.02 ? 102 LEU A N   1 
ATOM   827  C CA  . LEU A 1 104 ? -1.038  2.360   7.987   1.00 18.22 ? 102 LEU A CA  1 
ATOM   828  C C   . LEU A 1 104 ? 0.116   1.619   8.639   1.00 22.19 ? 102 LEU A C   1 
ATOM   829  O O   . LEU A 1 104 ? -0.019  1.072   9.736   1.00 22.79 ? 102 LEU A O   1 
ATOM   830  C CB  . LEU A 1 104 ? -0.994  3.853   8.404   1.00 17.20 ? 102 LEU A CB  1 
ATOM   831  C CG  . LEU A 1 104 ? -2.126  4.765   7.920   1.00 19.54 ? 102 LEU A CG  1 
ATOM   832  C CD1 . LEU A 1 104 ? -2.106  6.094   8.679   1.00 16.37 ? 102 LEU A CD1 1 
ATOM   833  C CD2 . LEU A 1 104 ? -2.058  4.989   6.424   1.00 16.53 ? 102 LEU A CD2 1 
ATOM   834  N N   . LYS A 1 105 ? 1.261   1.623   7.957   1.00 17.98 ? 103 LYS A N   1 
ATOM   835  C CA  . LYS A 1 105 ? 2.517   1.216   8.565   1.00 23.53 ? 103 LYS A CA  1 
ATOM   836  C C   . LYS A 1 105 ? 3.618   2.149   8.076   1.00 22.60 ? 103 LYS A C   1 
ATOM   837  O O   . LYS A 1 105 ? 3.419   2.952   7.166   1.00 22.02 ? 103 LYS A O   1 
ATOM   838  C CB  . LYS A 1 105 ? 2.850   -0.240  8.251   1.00 24.79 ? 103 LYS A CB  1 
ATOM   839  C CG  . LYS A 1 105 ? 2.919   -0.562  6.781   1.00 28.79 ? 103 LYS A CG  1 
ATOM   840  C CD  . LYS A 1 105 ? 2.731   -2.065  6.580   1.00 35.80 ? 103 LYS A CD  1 
ATOM   841  C CE  . LYS A 1 105 ? 3.011   -2.470  5.149   1.00 42.49 ? 103 LYS A CE  1 
ATOM   842  N NZ  . LYS A 1 105 ? 4.437   -2.211  4.809   1.00 41.66 ? 103 LYS A NZ  1 
ATOM   843  N N   . ILE A 1 106 ? 4.786   2.036   8.689   1.00 22.57 ? 104 ILE A N   1 
ATOM   844  C CA  . ILE A 1 106 ? 5.919   2.905   8.371   1.00 28.16 ? 104 ILE A CA  1 
ATOM   845  C C   . ILE A 1 106 ? 6.716   2.265   7.244   1.00 27.86 ? 104 ILE A C   1 
ATOM   846  O O   . ILE A 1 106 ? 6.999   1.063   7.284   1.00 30.29 ? 104 ILE A O   1 
ATOM   847  C CB  . ILE A 1 106 ? 6.789   3.144   9.617   1.00 27.95 ? 104 ILE A CB  1 
ATOM   848  C CG1 . ILE A 1 106 ? 6.014   3.973   10.646  1.00 27.32 ? 104 ILE A CG1 1 
ATOM   849  C CG2 . ILE A 1 106 ? 8.120   3.788   9.241   1.00 27.97 ? 104 ILE A CG2 1 
ATOM   850  C CD1 . ILE A 1 106 ? 6.619   3.971   12.024  1.00 31.25 ? 104 ILE A CD1 1 
ATOM   851  N N   . ALA A 1 107 ? 7.054   3.054   6.222   1.00 26.83 ? 105 ALA A N   1 
ATOM   852  C CA  . ALA A 1 107 ? 7.802   2.541   5.073   1.00 30.66 ? 105 ALA A CA  1 
ATOM   853  C C   . ALA A 1 107 ? 9.144   1.934   5.498   1.00 33.38 ? 105 ALA A C   1 
ATOM   854  O O   . ALA A 1 107 ? 9.549   0.857   5.041   1.00 32.87 ? 105 ALA A O   1 
ATOM   855  C CB  . ALA A 1 107 ? 8.031   3.646   4.048   1.00 27.59 ? 105 ALA A CB  1 
ATOM   856  O OXT . ALA A 1 107 ? 9.854   2.527   6.305   1.00 30.49 ? 105 ALA A OXT 1 
ATOM   857  N N   . SER B 1 4   ? 2.172   -29.510 5.089   1.00 49.68 ? 2   SER B N   1 
ATOM   858  C CA  . SER B 1 4   ? 2.455   -29.394 3.662   1.00 48.00 ? 2   SER B CA  1 
ATOM   859  C C   . SER B 1 4   ? 1.837   -28.126 3.085   1.00 42.08 ? 2   SER B C   1 
ATOM   860  O O   . SER B 1 4   ? 2.547   -27.249 2.597   1.00 44.77 ? 2   SER B O   1 
ATOM   861  C CB  . SER B 1 4   ? 1.935   -30.612 2.902   1.00 42.08 ? 2   SER B CB  1 
ATOM   862  O OG  . SER B 1 4   ? 2.544   -30.706 1.627   1.00 46.27 ? 2   SER B OG  1 
ATOM   863  N N   . SER B 1 5   ? 0.510   -28.039 3.138   1.00 41.68 ? 3   SER B N   1 
ATOM   864  C CA  . SER B 1 5   ? -0.210  -26.881 2.636   1.00 33.60 ? 3   SER B CA  1 
ATOM   865  C C   . SER B 1 5   ? -1.066  -26.266 3.737   1.00 35.73 ? 3   SER B C   1 
ATOM   866  O O   . SER B 1 5   ? -1.337  -26.876 4.776   1.00 33.67 ? 3   SER B O   1 
ATOM   867  C CB  . SER B 1 5   ? -1.096  -27.235 1.435   1.00 30.81 ? 3   SER B CB  1 
ATOM   868  O OG  . SER B 1 5   ? -2.186  -28.069 1.785   1.00 37.54 ? 3   SER B OG  1 
ATOM   869  N N   . LYS B 1 6   ? -1.491  -25.035 3.490   1.00 28.97 ? 4   LYS B N   1 
ATOM   870  C CA  . LYS B 1 6   ? -2.391  -24.328 4.386   1.00 30.18 ? 4   LYS B CA  1 
ATOM   871  C C   . LYS B 1 6   ? -3.487  -23.664 3.567   1.00 27.26 ? 4   LYS B C   1 
ATOM   872  O O   . LYS B 1 6   ? -3.266  -23.260 2.422   1.00 24.85 ? 4   LYS B O   1 
ATOM   873  C CB  . LYS B 1 6   ? -1.635  -23.290 5.217   1.00 28.10 ? 4   LYS B CB  1 
ATOM   874  C CG  . LYS B 1 6   ? -2.412  -22.786 6.401   1.00 31.33 ? 4   LYS B CG  1 
ATOM   875  C CD  . LYS B 1 6   ? -1.592  -21.777 7.205   1.00 32.51 ? 4   LYS B CD  1 
ATOM   876  C CE  . LYS B 1 6   ? -0.103  -22.099 7.179   1.00 32.01 ? 4   LYS B CE  1 
ATOM   877  N NZ  . LYS B 1 6   ? 0.546   -21.677 8.468   1.00 45.92 ? 4   LYS B NZ  1 
ATOM   878  N N   . GLN B 1 7   ? -4.675  -23.585 4.145   1.00 32.12 ? 5   GLN B N   1 
ATOM   879  C CA  . GLN B 1 7   ? -5.802  -22.965 3.478   1.00 27.02 ? 5   GLN B CA  1 
ATOM   880  C C   . GLN B 1 7   ? -5.874  -21.503 3.893   1.00 26.56 ? 5   GLN B C   1 
ATOM   881  O O   . GLN B 1 7   ? -5.628  -21.159 5.052   1.00 25.87 ? 5   GLN B O   1 
ATOM   882  C CB  . GLN B 1 7   ? -7.099  -23.697 3.829   1.00 35.38 ? 5   GLN B CB  1 
ATOM   883  C CG  . GLN B 1 7   ? -8.321  -23.242 3.051   1.00 38.43 ? 5   GLN B CG  1 
ATOM   884  C CD  . GLN B 1 7   ? -9.274  -24.391 2.744   1.00 48.40 ? 5   GLN B CD  1 
ATOM   885  O OE1 . GLN B 1 7   ? -10.141 -24.733 3.554   1.00 48.35 ? 5   GLN B OE1 1 
ATOM   886  N NE2 . GLN B 1 7   ? -9.116  -24.992 1.567   1.00 46.25 ? 5   GLN B NE2 1 
ATOM   887  N N   . PHE B 1 8   ? -6.200  -20.642 2.934   1.00 22.55 ? 6   PHE B N   1 
ATOM   888  C CA  . PHE B 1 8   ? -6.286  -19.213 3.175   1.00 21.25 ? 6   PHE B CA  1 
ATOM   889  C C   . PHE B 1 8   ? -7.519  -18.665 2.481   1.00 23.68 ? 6   PHE B C   1 
ATOM   890  O O   . PHE B 1 8   ? -7.843  -19.080 1.366   1.00 28.66 ? 6   PHE B O   1 
ATOM   891  C CB  . PHE B 1 8   ? -5.055  -18.455 2.633   1.00 22.37 ? 6   PHE B CB  1 
ATOM   892  C CG  . PHE B 1 8   ? -3.752  -18.846 3.270   1.00 22.07 ? 6   PHE B CG  1 
ATOM   893  C CD1 . PHE B 1 8   ? -3.021  -19.920 2.786   1.00 19.69 ? 6   PHE B CD1 1 
ATOM   894  C CD2 . PHE B 1 8   ? -3.244  -18.121 4.342   1.00 20.11 ? 6   PHE B CD2 1 
ATOM   895  C CE1 . PHE B 1 8   ? -1.808  -20.271 3.359   1.00 20.58 ? 6   PHE B CE1 1 
ATOM   896  C CE2 . PHE B 1 8   ? -2.033  -18.473 4.920   1.00 24.96 ? 6   PHE B CE2 1 
ATOM   897  C CZ  . PHE B 1 8   ? -1.314  -19.556 4.416   1.00 22.64 ? 6   PHE B CZ  1 
ATOM   898  N N   . LYS B 1 9   ? -8.189  -17.717 3.126   1.00 21.30 ? 7   LYS B N   1 
ATOM   899  C CA  . LYS B 1 9   ? -9.188  -16.899 2.454   1.00 23.24 ? 7   LYS B CA  1 
ATOM   900  C C   . LYS B 1 9   ? -8.505  -15.636 1.959   1.00 23.75 ? 7   LYS B C   1 
ATOM   901  O O   . LYS B 1 9   ? -7.800  -14.965 2.720   1.00 24.84 ? 7   LYS B O   1 
ATOM   902  C CB  . LYS B 1 9   ? -10.339 -16.538 3.396   1.00 30.64 ? 7   LYS B CB  1 
ATOM   903  C CG  . LYS B 1 9   ? -11.135 -17.728 3.879   1.00 31.93 ? 7   LYS B CG  1 
ATOM   904  C CD  . LYS B 1 9   ? -12.440 -17.274 4.505   1.00 38.72 ? 7   LYS B CD  1 
ATOM   905  C CE  . LYS B 1 9   ? -13.616 -17.648 3.622   1.00 37.44 ? 7   LYS B CE  1 
ATOM   906  N NZ  . LYS B 1 9   ? -13.767 -19.131 3.535   1.00 41.93 ? 7   LYS B NZ  1 
ATOM   907  N N   . ILE B 1 10  ? -8.686  -15.321 0.687   1.00 20.52 ? 8   ILE B N   1 
ATOM   908  C CA  . ILE B 1 10  ? -8.063  -14.145 0.093   1.00 16.15 ? 8   ILE B CA  1 
ATOM   909  C C   . ILE B 1 10  ? -9.105  -13.419 -0.736  1.00 17.50 ? 8   ILE B C   1 
ATOM   910  O O   . ILE B 1 10  ? -9.867  -14.045 -1.479  1.00 16.56 ? 8   ILE B O   1 
ATOM   911  C CB  . ILE B 1 10  ? -6.836  -14.509 -0.773  1.00 15.36 ? 8   ILE B CB  1 
ATOM   912  C CG1 . ILE B 1 10  ? -5.862  -15.392 0.017   1.00 19.19 ? 8   ILE B CG1 1 
ATOM   913  C CG2 . ILE B 1 10  ? -6.103  -13.246 -1.258  1.00 15.38 ? 8   ILE B CG2 1 
ATOM   914  C CD1 . ILE B 1 10  ? -4.752  -15.999 -0.865  1.00 20.36 ? 8   ILE B CD1 1 
ATOM   915  N N   . LEU B 1 11  ? -9.146  -12.100 -0.589  1.00 17.66 ? 9   LEU B N   1 
ATOM   916  C CA  . LEU B 1 11  ? -10.037 -11.284 -1.396  1.00 17.61 ? 9   LEU B CA  1 
ATOM   917  C C   . LEU B 1 11  ? -9.591  -11.361 -2.848  1.00 20.84 ? 9   LEU B C   1 
ATOM   918  O O   . LEU B 1 11  ? -8.405  -11.220 -3.148  1.00 18.53 ? 9   LEU B O   1 
ATOM   919  C CB  . LEU B 1 11  ? -10.018 -9.841  -0.900  1.00 19.39 ? 9   LEU B CB  1 
ATOM   920  C CG  . LEU B 1 11  ? -11.063 -8.908  -1.497  1.00 23.89 ? 9   LEU B CG  1 
ATOM   921  C CD1 . LEU B 1 11  ? -12.462 -9.358  -1.079  1.00 23.62 ? 9   LEU B CD1 1 
ATOM   922  C CD2 . LEU B 1 11  ? -10.784 -7.468  -1.052  1.00 26.81 ? 9   LEU B CD2 1 
ATOM   923  N N   . VAL B 1 12  ? -10.529 -11.620 -3.749  1.00 18.39 ? 10  VAL B N   1 
ATOM   924  C CA  . VAL B 1 12  ? -10.226 -11.740 -5.170  1.00 18.54 ? 10  VAL B CA  1 
ATOM   925  C C   . VAL B 1 12  ? -10.564 -10.431 -5.866  1.00 18.29 ? 10  VAL B C   1 
ATOM   926  O O   . VAL B 1 12  ? -11.620 -9.835  -5.616  1.00 20.14 ? 10  VAL B O   1 
ATOM   927  C CB  . VAL B 1 12  ? -10.996 -12.916 -5.797  1.00 19.90 ? 10  VAL B CB  1 
ATOM   928  C CG1 . VAL B 1 12  ? -10.781 -12.949 -7.295  1.00 21.02 ? 10  VAL B CG1 1 
ATOM   929  C CG2 . VAL B 1 12  ? -10.551 -14.216 -5.160  1.00 18.89 ? 10  VAL B CG2 1 
ATOM   930  N N   . ASN B 1 13  ? -9.675  -9.978  -6.750  1.00 16.22 ? 11  ASN B N   1 
ATOM   931  C CA  . ASN B 1 13  ? -9.920  -8.772  -7.532  1.00 19.69 ? 11  ASN B CA  1 
ATOM   932  C C   . ASN B 1 13  ? -9.960  -9.130  -9.009  1.00 19.47 ? 11  ASN B C   1 
ATOM   933  O O   . ASN B 1 13  ? -8.916  -9.398  -9.611  1.00 18.94 ? 11  ASN B O   1 
ATOM   934  C CB  . ASN B 1 13  ? -8.862  -7.702  -7.294  1.00 19.61 ? 11  ASN B CB  1 
ATOM   935  C CG  . ASN B 1 13  ? -9.043  -6.503  -8.214  1.00 21.08 ? 11  ASN B CG  1 
ATOM   936  O OD1 . ASN B 1 13  ? -10.165 -6.201  -8.636  1.00 21.47 ? 11  ASN B OD1 1 
ATOM   937  N ND2 . ASN B 1 13  ? -7.945  -5.824  -8.542  1.00 18.11 ? 11  ASN B ND2 1 
ATOM   938  N N   . GLU B 1 14  ? -11.161 -9.097  -9.592  1.00 20.63 ? 12  GLU B N   1 
ATOM   939  C CA  . GLU B 1 14  ? -11.352 -9.261  -11.032 1.00 23.55 ? 12  GLU B CA  1 
ATOM   940  C C   . GLU B 1 14  ? -11.915 -8.007  -11.690 1.00 23.05 ? 12  GLU B C   1 
ATOM   941  O O   . GLU B 1 14  ? -12.232 -8.039  -12.882 1.00 23.84 ? 12  GLU B O   1 
ATOM   942  C CB  . GLU B 1 14  ? -12.288 -10.443 -11.327 1.00 25.18 ? 12  GLU B CB  1 
ATOM   943  C CG  . GLU B 1 14  ? -11.830 -11.774 -10.782 1.00 31.70 ? 12  GLU B CG  1 
ATOM   944  C CD  . GLU B 1 14  ? -12.896 -12.860 -10.913 1.00 40.18 ? 12  GLU B CD  1 
ATOM   945  O OE1 . GLU B 1 14  ? -13.769 -12.953 -10.022 1.00 40.70 ? 12  GLU B OE1 1 
ATOM   946  O OE2 . GLU B 1 14  ? -12.861 -13.621 -11.909 1.00 39.76 ? 12  GLU B OE2 1 
ATOM   947  N N   . ASP B 1 15  ? -12.056 -6.908  -10.951 1.00 21.17 ? 13  ASP B N   1 
ATOM   948  C CA  . ASP B 1 15  ? -12.824 -5.759  -11.420 1.00 22.94 ? 13  ASP B CA  1 
ATOM   949  C C   . ASP B 1 15  ? -12.085 -4.433  -11.382 1.00 25.72 ? 13  ASP B C   1 
ATOM   950  O O   . ASP B 1 15  ? -12.505 -3.508  -12.087 1.00 24.69 ? 13  ASP B O   1 
ATOM   951  C CB  . ASP B 1 15  ? -14.107 -5.595  -10.584 1.00 23.18 ? 13  ASP B CB  1 
ATOM   952  C CG  . ASP B 1 15  ? -15.084 -6.727  -10.800 1.00 26.20 ? 13  ASP B CG  1 
ATOM   953  O OD1 . ASP B 1 15  ? -15.479 -6.953  -11.971 1.00 25.63 ? 13  ASP B OD1 1 
ATOM   954  O OD2 . ASP B 1 15  ? -15.434 -7.407  -9.807  1.00 29.10 ? 13  ASP B OD2 1 
ATOM   955  N N   . TYR B 1 16  ? -11.046 -4.282  -10.565 1.00 18.80 ? 14  TYR B N   1 
ATOM   956  C CA  . TYR B 1 16  ? -10.519 -2.963  -10.245 1.00 19.36 ? 14  TYR B CA  1 
ATOM   957  C C   . TYR B 1 16  ? -9.070  -2.852  -10.674 1.00 24.49 ? 14  TYR B C   1 
ATOM   958  O O   . TYR B 1 16  ? -8.266  -3.752  -10.405 1.00 18.55 ? 14  TYR B O   1 
ATOM   959  C CB  . TYR B 1 16  ? -10.655 -2.691  -8.746  1.00 23.20 ? 14  TYR B CB  1 
ATOM   960  C CG  . TYR B 1 16  ? -12.078 -2.876  -8.297  1.00 24.62 ? 14  TYR B CG  1 
ATOM   961  C CD1 . TYR B 1 16  ? -13.085 -2.066  -8.809  1.00 33.70 ? 14  TYR B CD1 1 
ATOM   962  C CD2 . TYR B 1 16  ? -12.428 -3.874  -7.400  1.00 27.35 ? 14  TYR B CD2 1 
ATOM   963  C CE1 . TYR B 1 16  ? -14.400 -2.235  -8.427  1.00 33.07 ? 14  TYR B CE1 1 
ATOM   964  C CE2 . TYR B 1 16  ? -13.745 -4.050  -7.005  1.00 26.43 ? 14  TYR B CE2 1 
ATOM   965  C CZ  . TYR B 1 16  ? -14.725 -3.224  -7.524  1.00 34.03 ? 14  TYR B CZ  1 
ATOM   966  O OH  . TYR B 1 16  ? -16.045 -3.375  -7.148  1.00 36.35 ? 14  TYR B OH  1 
ATOM   967  N N   . GLN B 1 17  ? -8.742  -1.741  -11.334 1.00 23.39 ? 15  GLN B N   1 
ATOM   968  C CA  . GLN B 1 17  ? -7.354  -1.437  -11.649 1.00 22.39 ? 15  GLN B CA  1 
ATOM   969  C C   . GLN B 1 17  ? -6.638  -1.059  -10.363 1.00 28.49 ? 15  GLN B C   1 
ATOM   970  O O   . GLN B 1 17  ? -7.125  -0.223  -9.594  1.00 26.92 ? 15  GLN B O   1 
ATOM   971  C CB  . GLN B 1 17  ? -7.286  -0.307  -12.685 1.00 31.68 ? 15  GLN B CB  1 
ATOM   972  C CG  . GLN B 1 17  ? -7.736  -0.765  -14.083 1.00 27.88 ? 15  GLN B CG  1 
ATOM   973  C CD  . GLN B 1 17  ? -8.225  0.354   -15.004 1.00 35.23 ? 15  GLN B CD  1 
ATOM   974  O OE1 . GLN B 1 17  ? -8.472  1.482   -14.590 1.00 32.65 ? 15  GLN B OE1 1 
ATOM   975  N NE2 . GLN B 1 17  ? -8.368  0.022   -16.277 1.00 42.66 ? 15  GLN B NE2 1 
ATOM   976  N N   . VAL B 1 18  ? -5.506  -1.706  -10.094 1.00 24.41 ? 16  VAL B N   1 
ATOM   977  C CA  . VAL B 1 18  ? -4.761  -1.443  -8.873  1.00 23.77 ? 16  VAL B CA  1 
ATOM   978  C C   . VAL B 1 18  ? -3.318  -1.106  -9.230  1.00 28.69 ? 16  VAL B C   1 
ATOM   979  O O   . VAL B 1 18  ? -2.735  -1.702  -10.144 1.00 29.39 ? 16  VAL B O   1 
ATOM   980  C CB  . VAL B 1 18  ? -4.835  -2.627  -7.887  1.00 25.27 ? 16  VAL B CB  1 
ATOM   981  C CG1 . VAL B 1 18  ? -6.214  -2.682  -7.244  1.00 26.06 ? 16  VAL B CG1 1 
ATOM   982  C CG2 . VAL B 1 18  ? -4.519  -3.959  -8.581  1.00 22.48 ? 16  VAL B CG2 1 
ATOM   983  N N   . ASN B 1 19  ? -2.766  -0.112  -8.533  1.00 24.76 ? 17  ASN B N   1 
ATOM   984  C CA  . ASN B 1 19  ? -1.344  0.211   -8.561  1.00 32.08 ? 17  ASN B CA  1 
ATOM   985  C C   . ASN B 1 19  ? -0.728  -0.340  -7.285  1.00 23.54 ? 17  ASN B C   1 
ATOM   986  O O   . ASN B 1 19  ? -1.193  -0.022  -6.188  1.00 24.65 ? 17  ASN B O   1 
ATOM   987  C CB  . ASN B 1 19  ? -1.107  1.718   -8.648  1.00 30.08 ? 17  ASN B CB  1 
ATOM   988  C CG  . ASN B 1 19  ? -1.976  2.387   -9.683  1.00 34.02 ? 17  ASN B CG  1 
ATOM   989  O OD1 . ASN B 1 19  ? -1.767  2.224   -10.882 1.00 42.74 ? 17  ASN B OD1 1 
ATOM   990  N ND2 . ASN B 1 19  ? -2.954  3.166   -9.223  1.00 35.46 ? 17  ASN B ND2 1 
ATOM   991  N N   . VAL B 1 20  ? 0.302   -1.167  -7.428  1.00 30.02 ? 18  VAL B N   1 
ATOM   992  C CA  . VAL B 1 20  ? 0.786   -1.974  -6.310  1.00 28.40 ? 18  VAL B CA  1 
ATOM   993  C C   . VAL B 1 20  ? 2.304   -1.884  -6.199  1.00 24.19 ? 18  VAL B C   1 
ATOM   994  O O   . VAL B 1 20  ? 2.992   -1.640  -7.201  1.00 27.83 ? 18  VAL B O   1 
ATOM   995  C CB  . VAL B 1 20  ? 0.354   -3.441  -6.467  1.00 25.48 ? 18  VAL B CB  1 
ATOM   996  C CG1 . VAL B 1 20  ? -1.176  -3.542  -6.611  1.00 22.65 ? 18  VAL B CG1 1 
ATOM   997  C CG2 . VAL B 1 20  ? 1.064   -4.052  -7.644  1.00 20.30 ? 18  VAL B CG2 1 
ATOM   998  N N   . PRO B 1 21  ? 2.867   -2.097  -5.014  1.00 26.91 ? 19  PRO B N   1 
ATOM   999  C CA  . PRO B 1 21  ? 4.327   -2.099  -4.886  1.00 25.01 ? 19  PRO B CA  1 
ATOM   1000 C C   . PRO B 1 21  ? 4.917   -3.410  -5.377  1.00 26.62 ? 19  PRO B C   1 
ATOM   1001 O O   . PRO B 1 21  ? 4.356   -4.486  -5.163  1.00 20.95 ? 19  PRO B O   1 
ATOM   1002 C CB  . PRO B 1 21  ? 4.545   -1.923  -3.377  1.00 28.98 ? 19  PRO B CB  1 
ATOM   1003 C CG  . PRO B 1 21  ? 3.332   -2.546  -2.752  1.00 26.65 ? 19  PRO B CG  1 
ATOM   1004 C CD  . PRO B 1 21  ? 2.193   -2.351  -3.725  1.00 25.46 ? 19  PRO B CD  1 
ATOM   1005 N N   . SER B 1 22  ? 6.043   -3.307  -6.076  1.00 22.86 ? 20  SER B N   1 
ATOM   1006 C CA  . SER B 1 22  ? 6.896   -4.446  -6.369  1.00 21.72 ? 20  SER B CA  1 
ATOM   1007 C C   . SER B 1 22  ? 8.196   -4.269  -5.593  1.00 27.27 ? 20  SER B C   1 
ATOM   1008 O O   . SER B 1 22  ? 8.594   -3.140  -5.278  1.00 23.06 ? 20  SER B O   1 
ATOM   1009 C CB  . SER B 1 22  ? 7.178   -4.575  -7.868  1.00 25.86 ? 20  SER B CB  1 
ATOM   1010 O OG  . SER B 1 22  ? 7.597   -3.337  -8.436  1.00 26.90 ? 20  SER B OG  1 
ATOM   1011 N N   . LEU B 1 23  ? 8.854   -5.382  -5.288  1.00 22.86 ? 21  LEU B N   1 
ATOM   1012 C CA  . LEU B 1 23  ? 9.983   -5.390  -4.370  1.00 22.74 ? 21  LEU B CA  1 
ATOM   1013 C C   . LEU B 1 23  ? 11.094  -6.275  -4.909  1.00 22.49 ? 21  LEU B C   1 
ATOM   1014 O O   . LEU B 1 23  ? 10.854  -7.134  -5.765  1.00 20.61 ? 21  LEU B O   1 
ATOM   1015 C CB  . LEU B 1 23  ? 9.568   -5.893  -2.982  1.00 21.60 ? 21  LEU B CB  1 
ATOM   1016 C CG  . LEU B 1 23  ? 8.471   -5.173  -2.199  1.00 21.58 ? 21  LEU B CG  1 
ATOM   1017 C CD1 . LEU B 1 23  ? 8.040   -6.040  -1.023  1.00 27.43 ? 21  LEU B CD1 1 
ATOM   1018 C CD2 . LEU B 1 23  ? 8.950   -3.813  -1.714  1.00 33.62 ? 21  LEU B CD2 1 
ATOM   1019 N N   . PRO B 1 24  ? 12.327  -6.091  -4.426  1.00 26.08 ? 22  PRO B N   1 
ATOM   1020 C CA  . PRO B 1 24  ? 13.387  -7.077  -4.692  1.00 26.67 ? 22  PRO B CA  1 
ATOM   1021 C C   . PRO B 1 24  ? 12.967  -8.471  -4.237  1.00 26.26 ? 22  PRO B C   1 
ATOM   1022 O O   . PRO B 1 24  ? 12.108  -8.625  -3.371  1.00 23.53 ? 22  PRO B O   1 
ATOM   1023 C CB  . PRO B 1 24  ? 14.580  -6.561  -3.865  1.00 27.22 ? 22  PRO B CB  1 
ATOM   1024 C CG  . PRO B 1 24  ? 14.288  -5.112  -3.612  1.00 31.70 ? 22  PRO B CG  1 
ATOM   1025 C CD  . PRO B 1 24  ? 12.793  -4.959  -3.598  1.00 26.04 ? 22  PRO B CD  1 
ATOM   1026 N N   . ILE B 1 25  ? 13.601  -9.496  -4.819  1.00 24.55 ? 23  ILE B N   1 
ATOM   1027 C CA  . ILE B 1 25  ? 13.208  -10.877 -4.526  1.00 29.28 ? 23  ILE B CA  1 
ATOM   1028 C C   . ILE B 1 25  ? 13.293  -11.170 -3.033  1.00 29.79 ? 23  ILE B C   1 
ATOM   1029 O O   . ILE B 1 25  ? 12.399  -11.814 -2.465  1.00 27.65 ? 23  ILE B O   1 
ATOM   1030 C CB  . ILE B 1 25  ? 14.060  -11.876 -5.330  1.00 26.93 ? 23  ILE B CB  1 
ATOM   1031 C CG1 . ILE B 1 25  ? 13.862  -11.701 -6.826  1.00 34.83 ? 23  ILE B CG1 1 
ATOM   1032 C CG2 . ILE B 1 25  ? 13.682  -13.306 -4.970  1.00 31.00 ? 23  ILE B CG2 1 
ATOM   1033 C CD1 . ILE B 1 25  ? 14.518  -12.804 -7.664  1.00 34.48 ? 23  ILE B CD1 1 
ATOM   1034 N N   . ARG B 1 26  ? 14.367  -10.718 -2.376  1.00 28.68 ? 24  ARG B N   1 
ATOM   1035 C CA  . ARG B 1 26  ? 14.554  -11.034 -0.960  1.00 31.78 ? 24  ARG B CA  1 
ATOM   1036 C C   . ARG B 1 26  ? 13.419  -10.479 -0.108  1.00 28.96 ? 24  ARG B C   1 
ATOM   1037 O O   . ARG B 1 26  ? 12.969  -11.128 0.847   1.00 25.31 ? 24  ARG B O   1 
ATOM   1038 C CB  . ARG B 1 26  ? 15.895  -10.488 -0.466  1.00 34.27 ? 24  ARG B CB  1 
ATOM   1039 C CG  . ARG B 1 26  ? 17.110  -11.243 -0.981  1.00 42.96 ? 24  ARG B CG  1 
ATOM   1040 C CD  . ARG B 1 26  ? 18.409  -10.644 -0.446  1.00 53.60 ? 24  ARG B CD  1 
ATOM   1041 N NE  . ARG B 1 26  ? 19.589  -11.224 -1.088  1.00 62.03 ? 24  ARG B NE  1 
ATOM   1042 C CZ  . ARG B 1 26  ? 20.203  -12.332 -0.677  1.00 57.54 ? 24  ARG B CZ  1 
ATOM   1043 N NH1 . ARG B 1 26  ? 19.749  -12.994 0.381   1.00 58.53 ? 24  ARG B NH1 1 
ATOM   1044 N NH2 . ARG B 1 26  ? 21.270  -12.781 -1.324  1.00 52.60 ? 24  ARG B NH2 1 
ATOM   1045 N N   . ASP B 1 27  ? 12.946  -9.275  -0.429  1.00 24.15 ? 25  ASP B N   1 
ATOM   1046 C CA  . ASP B 1 27  ? 11.825  -8.722  0.319   1.00 26.34 ? 25  ASP B CA  1 
ATOM   1047 C C   . ASP B 1 27  ? 10.519  -9.456  0.029   1.00 24.19 ? 25  ASP B C   1 
ATOM   1048 O O   . ASP B 1 27  ? 9.669   -9.569  0.921   1.00 22.62 ? 25  ASP B O   1 
ATOM   1049 C CB  . ASP B 1 27  ? 11.673  -7.238  0.009   1.00 30.81 ? 25  ASP B CB  1 
ATOM   1050 C CG  . ASP B 1 27  ? 12.922  -6.452  0.328   1.00 34.53 ? 25  ASP B CG  1 
ATOM   1051 O OD1 . ASP B 1 27  ? 13.743  -6.943  1.135   1.00 40.00 ? 25  ASP B OD1 1 
ATOM   1052 O OD2 . ASP B 1 27  ? 13.078  -5.344  -0.222  1.00 48.63 ? 25  ASP B OD2 1 
ATOM   1053 N N   . VAL B 1 28  ? 10.324  -9.929  -1.207  1.00 22.80 ? 26  VAL B N   1 
ATOM   1054 C CA  . VAL B 1 28  ? 9.108   -10.682 -1.524  1.00 22.14 ? 26  VAL B CA  1 
ATOM   1055 C C   . VAL B 1 28  ? 9.125   -12.039 -0.834  1.00 23.72 ? 26  VAL B C   1 
ATOM   1056 O O   . VAL B 1 28  ? 8.092   -12.511 -0.343  1.00 22.32 ? 26  VAL B O   1 
ATOM   1057 C CB  . VAL B 1 28  ? 8.940   -10.849 -3.045  1.00 22.68 ? 26  VAL B CB  1 
ATOM   1058 C CG1 . VAL B 1 28  ? 7.666   -11.679 -3.342  1.00 22.27 ? 26  VAL B CG1 1 
ATOM   1059 C CG2 . VAL B 1 28  ? 8.883   -9.496  -3.745  1.00 22.51 ? 26  VAL B CG2 1 
ATOM   1060 N N   . LEU B 1 29  ? 10.286  -12.700 -0.808  1.00 20.79 ? 27  LEU B N   1 
ATOM   1061 C CA  . LEU B 1 29  ? 10.401  -13.959 -0.074  1.00 21.93 ? 27  LEU B CA  1 
ATOM   1062 C C   . LEU B 1 29  ? 9.959   -13.784 1.371   1.00 22.35 ? 27  LEU B C   1 
ATOM   1063 O O   . LEU B 1 29  ? 9.267   -14.644 1.932   1.00 23.63 ? 27  LEU B O   1 
ATOM   1064 C CB  . LEU B 1 29  ? 11.839  -14.476 -0.134  1.00 25.98 ? 27  LEU B CB  1 
ATOM   1065 C CG  . LEU B 1 29  ? 12.271  -15.005 -1.503  1.00 26.69 ? 27  LEU B CG  1 
ATOM   1066 C CD1 . LEU B 1 29  ? 13.764  -15.338 -1.522  1.00 32.21 ? 27  LEU B CD1 1 
ATOM   1067 C CD2 . LEU B 1 29  ? 11.440  -16.229 -1.897  1.00 22.69 ? 27  LEU B CD2 1 
ATOM   1068 N N   . GLN B 1 30  ? 10.331  -12.658 1.980   1.00 22.43 ? 28  GLN B N   1 
ATOM   1069 C CA  . GLN B 1 30  ? 9.976   -12.374 3.369   1.00 25.94 ? 28  GLN B CA  1 
ATOM   1070 C C   . GLN B 1 30  ? 8.499   -12.030 3.510   1.00 23.57 ? 28  GLN B C   1 
ATOM   1071 O O   . GLN B 1 30  ? 7.854   -12.441 4.486   1.00 21.37 ? 28  GLN B O   1 
ATOM   1072 C CB  . GLN B 1 30  ? 10.865  -11.236 3.900   1.00 29.97 ? 28  GLN B CB  1 
ATOM   1073 C CG  . GLN B 1 30  ? 10.622  -10.852 5.356   1.00 37.33 ? 28  GLN B CG  1 
ATOM   1074 C CD  . GLN B 1 30  ? 11.717  -9.946  5.914   1.00 43.57 ? 28  GLN B CD  1 
ATOM   1075 O OE1 . GLN B 1 30  ? 12.780  -9.790  5.308   1.00 46.45 ? 28  GLN B OE1 1 
ATOM   1076 N NE2 . GLN B 1 30  ? 11.445  -9.320  7.062   1.00 46.33 ? 28  GLN B NE2 1 
ATOM   1077 N N   . GLU B 1 31  ? 7.949   -11.267 2.557   1.00 20.90 ? 29  GLU B N   1 
ATOM   1078 C CA  . GLU B 1 31  ? 6.511   -11.016 2.574   1.00 22.49 ? 29  GLU B CA  1 
ATOM   1079 C C   . GLU B 1 31  ? 5.723   -12.325 2.489   1.00 16.73 ? 29  GLU B C   1 
ATOM   1080 O O   . GLU B 1 31  ? 4.721   -12.505 3.198   1.00 18.46 ? 29  GLU B O   1 
ATOM   1081 C CB  . GLU B 1 31  ? 6.107   -10.070 1.434   1.00 25.33 ? 29  GLU B CB  1 
ATOM   1082 C CG  . GLU B 1 31  ? 6.422   -8.591  1.725   1.00 31.91 ? 29  GLU B CG  1 
ATOM   1083 C CD  . GLU B 1 31  ? 5.558   -7.598  0.937   1.00 33.01 ? 29  GLU B CD  1 
ATOM   1084 O OE1 . GLU B 1 31  ? 4.742   -8.023  0.084   1.00 32.18 ? 29  GLU B OE1 1 
ATOM   1085 O OE2 . GLU B 1 31  ? 5.702   -6.376  1.182   1.00 36.28 ? 29  GLU B OE2 1 
ATOM   1086 N N   . ILE B 1 32  ? 6.174   -13.262 1.641   1.00 16.62 ? 30  ILE B N   1 
ATOM   1087 C CA  . ILE B 1 32  ? 5.477   -14.548 1.513   1.00 16.17 ? 30  ILE B CA  1 
ATOM   1088 C C   . ILE B 1 32  ? 5.477   -15.291 2.845   1.00 21.38 ? 30  ILE B C   1 
ATOM   1089 O O   . ILE B 1 32  ? 4.463   -15.878 3.252   1.00 18.82 ? 30  ILE B O   1 
ATOM   1090 C CB  . ILE B 1 32  ? 6.108   -15.400 0.390   1.00 17.72 ? 30  ILE B CB  1 
ATOM   1091 C CG1 . ILE B 1 32  ? 5.729   -14.839 -0.988  1.00 15.27 ? 30  ILE B CG1 1 
ATOM   1092 C CG2 . ILE B 1 32  ? 5.668   -16.873 0.484   1.00 21.14 ? 30  ILE B CG2 1 
ATOM   1093 C CD1 . ILE B 1 32  ? 6.490   -15.521 -2.150  1.00 16.60 ? 30  ILE B CD1 1 
ATOM   1094 N N   . LYS B 1 33  ? 6.611   -15.278 3.548   1.00 19.46 ? 31  LYS B N   1 
ATOM   1095 C CA  . LYS B 1 33  ? 6.667   -15.954 4.840   1.00 25.34 ? 31  LYS B CA  1 
ATOM   1096 C C   . LYS B 1 33  ? 5.762   -15.281 5.858   1.00 20.70 ? 31  LYS B C   1 
ATOM   1097 O O   . LYS B 1 33  ? 5.125   -15.958 6.671   1.00 24.85 ? 31  LYS B O   1 
ATOM   1098 C CB  . LYS B 1 33  ? 8.107   -15.998 5.349   1.00 27.13 ? 31  LYS B CB  1 
ATOM   1099 C CG  . LYS B 1 33  ? 9.039   -16.847 4.489   1.00 28.05 ? 31  LYS B CG  1 
ATOM   1100 C CD  . LYS B 1 33  ? 10.504  -16.505 4.775   1.00 34.05 ? 31  LYS B CD  1 
ATOM   1101 C CE  . LYS B 1 33  ? 11.084  -17.420 5.840   1.00 40.26 ? 31  LYS B CE  1 
ATOM   1102 N NZ  . LYS B 1 33  ? 11.191  -18.827 5.348   1.00 41.48 ? 31  LYS B NZ  1 
ATOM   1103 N N   . TYR B 1 34  ? 5.700   -13.948 5.841   1.00 20.29 ? 32  TYR B N   1 
ATOM   1104 C CA  . TYR B 1 34  ? 4.851   -13.238 6.790   1.00 20.00 ? 32  TYR B CA  1 
ATOM   1105 C C   . TYR B 1 34  ? 3.383   -13.554 6.554   1.00 19.94 ? 32  TYR B C   1 
ATOM   1106 O O   . TYR B 1 34  ? 2.629   -13.785 7.504   1.00 18.85 ? 32  TYR B O   1 
ATOM   1107 C CB  . TYR B 1 34  ? 5.092   -11.733 6.686   1.00 22.68 ? 32  TYR B CB  1 
ATOM   1108 C CG  . TYR B 1 34  ? 4.251   -10.935 7.645   1.00 25.33 ? 32  TYR B CG  1 
ATOM   1109 C CD1 . TYR B 1 34  ? 4.700   -10.661 8.930   1.00 25.18 ? 32  TYR B CD1 1 
ATOM   1110 C CD2 . TYR B 1 34  ? 2.993   -10.464 7.269   1.00 25.81 ? 32  TYR B CD2 1 
ATOM   1111 C CE1 . TYR B 1 34  ? 3.924   -9.934  9.817   1.00 24.85 ? 32  TYR B CE1 1 
ATOM   1112 C CE2 . TYR B 1 34  ? 2.212   -9.737  8.148   1.00 27.10 ? 32  TYR B CE2 1 
ATOM   1113 C CZ  . TYR B 1 34  ? 2.680   -9.474  9.416   1.00 24.29 ? 32  TYR B CZ  1 
ATOM   1114 O OH  . TYR B 1 34  ? 1.894   -8.747  10.279  1.00 32.44 ? 32  TYR B OH  1 
ATOM   1115 N N   . CYS B 1 35  ? 2.963   -13.573 5.291   1.00 21.38 ? 33  CYS B N   1 
ATOM   1116 C CA  . CYS B 1 35  ? 1.570   -13.854 4.970   1.00 18.27 ? 33  CYS B CA  1 
ATOM   1117 C C   . CYS B 1 35  ? 1.214   -15.308 5.237   1.00 21.91 ? 33  CYS B C   1 
ATOM   1118 O O   . CYS B 1 35  ? 0.086   -15.609 5.641   1.00 19.99 ? 33  CYS B O   1 
ATOM   1119 C CB  . CYS B 1 35  ? 1.295   -13.499 3.516   1.00 20.41 ? 33  CYS B CB  1 
ATOM   1120 S SG  . CYS B 1 35  ? 1.311   -11.727 3.198   1.00 25.59 ? 33  CYS B SG  1 
ATOM   1121 N N   . TYR B 1 36  ? 2.154   -16.221 4.987   1.00 22.63 ? 34  TYR B N   1 
ATOM   1122 C CA  . TYR B 1 36  ? 1.928   -17.633 5.283   1.00 20.36 ? 34  TYR B CA  1 
ATOM   1123 C C   . TYR B 1 36  ? 1.617   -17.856 6.759   1.00 24.93 ? 34  TYR B C   1 
ATOM   1124 O O   . TYR B 1 36  ? 0.807   -18.724 7.101   1.00 25.00 ? 34  TYR B O   1 
ATOM   1125 C CB  . TYR B 1 36  ? 3.148   -18.449 4.861   1.00 20.71 ? 34  TYR B CB  1 
ATOM   1126 C CG  . TYR B 1 36  ? 2.821   -19.903 4.665   1.00 24.87 ? 34  TYR B CG  1 
ATOM   1127 C CD1 . TYR B 1 36  ? 2.066   -20.323 3.576   1.00 26.94 ? 34  TYR B CD1 1 
ATOM   1128 C CD2 . TYR B 1 36  ? 3.242   -20.850 5.582   1.00 29.11 ? 34  TYR B CD2 1 
ATOM   1129 C CE1 . TYR B 1 36  ? 1.746   -21.662 3.395   1.00 28.29 ? 34  TYR B CE1 1 
ATOM   1130 C CE2 . TYR B 1 36  ? 2.938   -22.197 5.410   1.00 34.64 ? 34  TYR B CE2 1 
ATOM   1131 C CZ  . TYR B 1 36  ? 2.189   -22.595 4.317   1.00 33.71 ? 34  TYR B CZ  1 
ATOM   1132 O OH  . TYR B 1 36  ? 1.882   -23.933 4.158   1.00 38.43 ? 34  TYR B OH  1 
ATOM   1133 N N   . ARG B 1 37  ? 2.229   -17.063 7.640   1.00 23.16 ? 35  ARG B N   1 
ATOM   1134 C CA  . ARG B 1 37  ? 1.953   -17.165 9.070   1.00 22.05 ? 35  ARG B CA  1 
ATOM   1135 C C   . ARG B 1 37  ? 0.694   -16.400 9.469   1.00 26.03 ? 35  ARG B C   1 
ATOM   1136 O O   . ARG B 1 37  ? -0.091  -16.882 10.292  1.00 24.95 ? 35  ARG B O   1 
ATOM   1137 C CB  . ARG B 1 37  ? 3.154   -16.654 9.869   1.00 22.43 ? 35  ARG B CB  1 
ATOM   1138 C CG  . ARG B 1 37  ? 2.829   -16.336 11.332  1.00 26.38 ? 35  ARG B CG  1 
ATOM   1139 C CD  . ARG B 1 37  ? 3.801   -17.008 12.268  1.00 26.59 ? 35  ARG B CD  1 
ATOM   1140 N NE  . ARG B 1 37  ? 3.492   -16.738 13.669  1.00 29.57 ? 35  ARG B NE  1 
ATOM   1141 C CZ  . ARG B 1 37  ? 3.085   -17.658 14.541  1.00 34.26 ? 35  ARG B CZ  1 
ATOM   1142 N NH1 . ARG B 1 37  ? 2.932   -18.918 14.156  1.00 29.97 ? 35  ARG B NH1 1 
ATOM   1143 N NH2 . ARG B 1 37  ? 2.837   -17.313 15.809  1.00 31.31 ? 35  ARG B NH2 1 
ATOM   1144 N N   . ASN B 1 38  ? 0.482   -15.211 8.900   1.00 20.97 ? 36  ASN B N   1 
ATOM   1145 C CA  . ASN B 1 38  ? -0.556  -14.303 9.366   1.00 26.06 ? 36  ASN B CA  1 
ATOM   1146 C C   . ASN B 1 38  ? -1.789  -14.213 8.478   1.00 25.69 ? 36  ASN B C   1 
ATOM   1147 O O   . ASN B 1 38  ? -2.760  -13.562 8.877   1.00 27.00 ? 36  ASN B O   1 
ATOM   1148 C CB  . ASN B 1 38  ? 0.026   -12.894 9.534   1.00 23.73 ? 36  ASN B CB  1 
ATOM   1149 C CG  . ASN B 1 38  ? 1.093   -12.850 10.600  1.00 24.70 ? 36  ASN B CG  1 
ATOM   1150 O OD1 . ASN B 1 38  ? 2.280   -12.701 10.308  1.00 25.83 ? 36  ASN B OD1 1 
ATOM   1151 N ND2 . ASN B 1 38  ? 0.681   -13.032 11.836  1.00 20.79 ? 36  ASN B ND2 1 
ATOM   1152 N N   . GLY B 1 39  ? -1.789  -14.818 7.296   1.00 23.74 ? 37  GLY B N   1 
ATOM   1153 C CA  . GLY B 1 39  ? -2.891  -14.603 6.375   1.00 23.39 ? 37  GLY B CA  1 
ATOM   1154 C C   . GLY B 1 39  ? -2.634  -13.401 5.484   1.00 23.83 ? 37  GLY B C   1 
ATOM   1155 O O   . GLY B 1 39  ? -1.619  -12.710 5.591   1.00 20.72 ? 37  GLY B O   1 
ATOM   1156 N N   . PHE B 1 40  ? -3.587  -13.129 4.596   1.00 20.80 ? 38  PHE B N   1 
ATOM   1157 C CA  . PHE B 1 40  ? -3.385  -12.162 3.526   1.00 21.59 ? 38  PHE B CA  1 
ATOM   1158 C C   . PHE B 1 40  ? -4.225  -10.896 3.681   1.00 24.84 ? 38  PHE B C   1 
ATOM   1159 O O   . PHE B 1 40  ? -4.540  -10.234 2.688   1.00 19.59 ? 38  PHE B O   1 
ATOM   1160 C CB  . PHE B 1 40  ? -3.648  -12.834 2.180   1.00 20.76 ? 38  PHE B CB  1 
ATOM   1161 C CG  . PHE B 1 40  ? -2.580  -13.824 1.804   1.00 20.44 ? 38  PHE B CG  1 
ATOM   1162 C CD1 . PHE B 1 40  ? -1.457  -13.415 1.099   1.00 16.73 ? 38  PHE B CD1 1 
ATOM   1163 C CD2 . PHE B 1 40  ? -2.675  -15.150 2.196   1.00 20.20 ? 38  PHE B CD2 1 
ATOM   1164 C CE1 . PHE B 1 40  ? -0.470  -14.313 0.754   1.00 21.66 ? 38  PHE B CE1 1 
ATOM   1165 C CE2 . PHE B 1 40  ? -1.677  -16.061 1.863   1.00 20.34 ? 38  PHE B CE2 1 
ATOM   1166 C CZ  . PHE B 1 40  ? -0.576  -15.645 1.139   1.00 20.98 ? 38  PHE B CZ  1 
ATOM   1167 N N   . GLU B 1 41  ? -4.588  -10.528 4.911   1.00 22.39 ? 39  GLU B N   1 
ATOM   1168 C CA  . GLU B 1 41  ? -5.243  -9.239  5.098   1.00 25.47 ? 39  GLU B CA  1 
ATOM   1169 C C   . GLU B 1 41  ? -4.346  -8.151  4.528   1.00 23.03 ? 39  GLU B C   1 
ATOM   1170 O O   . GLU B 1 41  ? -3.132  -8.157  4.755   1.00 24.90 ? 39  GLU B O   1 
ATOM   1171 C CB  . GLU B 1 41  ? -5.555  -8.991  6.582   1.00 29.93 ? 39  GLU B CB  1 
ATOM   1172 C CG  . GLU B 1 41  ? -6.149  -7.604  6.855   1.00 35.57 ? 39  GLU B CG  1 
ATOM   1173 C CD  . GLU B 1 41  ? -6.849  -7.495  8.212   1.00 45.15 ? 39  GLU B CD  1 
ATOM   1174 O OE1 . GLU B 1 41  ? -6.445  -8.208  9.159   1.00 46.46 ? 39  GLU B OE1 1 
ATOM   1175 O OE2 . GLU B 1 41  ? -7.804  -6.697  8.329   1.00 49.34 ? 39  GLU B OE2 1 
ATOM   1176 N N   . GLY B 1 42  ? -4.932  -7.263  3.721   1.00 20.73 ? 40  GLY B N   1 
ATOM   1177 C CA  . GLY B 1 42  ? -4.179  -6.247  3.009   1.00 23.63 ? 40  GLY B CA  1 
ATOM   1178 C C   . GLY B 1 42  ? -3.742  -6.638  1.607   1.00 24.33 ? 40  GLY B C   1 
ATOM   1179 O O   . GLY B 1 42  ? -3.194  -5.797  0.884   1.00 21.28 ? 40  GLY B O   1 
ATOM   1180 N N   . TYR B 1 43  ? -3.963  -7.883  1.204   1.00 20.90 ? 41  TYR B N   1 
ATOM   1181 C CA  . TYR B 1 43  ? -3.604  -8.370  -0.117  1.00 18.49 ? 41  TYR B CA  1 
ATOM   1182 C C   . TYR B 1 43  ? -4.862  -8.802  -0.851  1.00 18.52 ? 41  TYR B C   1 
ATOM   1183 O O   . TYR B 1 43  ? -5.857  -9.183  -0.229  1.00 18.32 ? 41  TYR B O   1 
ATOM   1184 C CB  . TYR B 1 43  ? -2.631  -9.557  -0.035  1.00 17.49 ? 41  TYR B CB  1 
ATOM   1185 C CG  . TYR B 1 43  ? -1.246  -9.162  0.442   1.00 24.51 ? 41  TYR B CG  1 
ATOM   1186 C CD1 . TYR B 1 43  ? -0.986  -8.964  1.796   1.00 25.77 ? 41  TYR B CD1 1 
ATOM   1187 C CD2 . TYR B 1 43  ? -0.203  -8.977  -0.462  1.00 23.03 ? 41  TYR B CD2 1 
ATOM   1188 C CE1 . TYR B 1 43  ? 0.293   -8.587  2.241   1.00 25.49 ? 41  TYR B CE1 1 
ATOM   1189 C CE2 . TYR B 1 43  ? 1.072   -8.607  -0.037  1.00 21.73 ? 41  TYR B CE2 1 
ATOM   1190 C CZ  . TYR B 1 43  ? 1.316   -8.406  1.314   1.00 29.47 ? 41  TYR B CZ  1 
ATOM   1191 O OH  . TYR B 1 43  ? 2.583   -8.037  1.738   1.00 28.26 ? 41  TYR B OH  1 
ATOM   1192 N N   . VAL B 1 44  ? -4.809  -8.743  -2.176  1.00 15.14 ? 42  VAL B N   1 
ATOM   1193 C CA  . VAL B 1 44  ? -5.841  -9.331  -3.023  1.00 17.26 ? 42  VAL B CA  1 
ATOM   1194 C C   . VAL B 1 44  ? -5.169  -10.247 -4.038  1.00 15.94 ? 42  VAL B C   1 
ATOM   1195 O O   . VAL B 1 44  ? -4.005  -10.045 -4.411  1.00 13.76 ? 42  VAL B O   1 
ATOM   1196 C CB  . VAL B 1 44  ? -6.687  -8.263  -3.749  1.00 17.11 ? 42  VAL B CB  1 
ATOM   1197 C CG1 . VAL B 1 44  ? -7.357  -7.325  -2.745  1.00 19.31 ? 42  VAL B CG1 1 
ATOM   1198 C CG2 . VAL B 1 44  ? -5.819  -7.466  -4.723  1.00 18.39 ? 42  VAL B CG2 1 
ATOM   1199 N N   . PHE B 1 45  ? -5.915  -11.252 -4.481  1.00 14.21 ? 43  PHE B N   1 
ATOM   1200 C CA  . PHE B 1 45  ? -5.502  -12.149 -5.559  1.00 15.56 ? 43  PHE B CA  1 
ATOM   1201 C C   . PHE B 1 45  ? -6.084  -11.643 -6.871  1.00 16.68 ? 43  PHE B C   1 
ATOM   1202 O O   . PHE B 1 45  ? -7.295  -11.417 -6.965  1.00 15.74 ? 43  PHE B O   1 
ATOM   1203 C CB  . PHE B 1 45  ? -5.986  -13.576 -5.283  1.00 14.55 ? 43  PHE B CB  1 
ATOM   1204 C CG  . PHE B 1 45  ? -5.724  -14.555 -6.412  1.00 15.96 ? 43  PHE B CG  1 
ATOM   1205 C CD1 . PHE B 1 45  ? -4.468  -15.101 -6.596  1.00 15.46 ? 43  PHE B CD1 1 
ATOM   1206 C CD2 . PHE B 1 45  ? -6.743  -14.929 -7.273  1.00 17.59 ? 43  PHE B CD2 1 
ATOM   1207 C CE1 . PHE B 1 45  ? -4.222  -16.037 -7.639  1.00 15.34 ? 43  PHE B CE1 1 
ATOM   1208 C CE2 . PHE B 1 45  ? -6.516  -15.836 -8.306  1.00 19.27 ? 43  PHE B CE2 1 
ATOM   1209 C CZ  . PHE B 1 45  ? -5.242  -16.380 -8.495  1.00 17.09 ? 43  PHE B CZ  1 
ATOM   1210 N N   . VAL B 1 46  ? -5.228  -11.441 -7.867  1.00 12.81 ? 44  VAL B N   1 
ATOM   1211 C CA  . VAL B 1 46  ? -5.655  -11.048 -9.207  1.00 15.10 ? 44  VAL B CA  1 
ATOM   1212 C C   . VAL B 1 46  ? -5.442  -12.245 -10.129 1.00 15.59 ? 44  VAL B C   1 
ATOM   1213 O O   . VAL B 1 46  ? -4.297  -12.688 -10.304 1.00 13.02 ? 44  VAL B O   1 
ATOM   1214 C CB  . VAL B 1 46  ? -4.889  -9.822  -9.726  1.00 16.61 ? 44  VAL B CB  1 
ATOM   1215 C CG1 . VAL B 1 46  ? -5.388  -9.435  -11.115 1.00 18.40 ? 44  VAL B CG1 1 
ATOM   1216 C CG2 . VAL B 1 46  ? -5.041  -8.643  -8.762  1.00 15.25 ? 44  VAL B CG2 1 
ATOM   1217 N N   . PRO B 1 47  ? -6.493  -12.807 -10.713 1.00 17.95 ? 45  PRO B N   1 
ATOM   1218 C CA  . PRO B 1 47  ? -6.311  -13.965 -11.596 1.00 18.45 ? 45  PRO B CA  1 
ATOM   1219 C C   . PRO B 1 47  ? -5.476  -13.603 -12.814 1.00 18.56 ? 45  PRO B C   1 
ATOM   1220 O O   . PRO B 1 47  ? -5.476  -12.461 -13.272 1.00 19.59 ? 45  PRO B O   1 
ATOM   1221 C CB  . PRO B 1 47  ? -7.744  -14.337 -11.987 1.00 19.69 ? 45  PRO B CB  1 
ATOM   1222 C CG  . PRO B 1 47  ? -8.566  -13.876 -10.804 1.00 22.84 ? 45  PRO B CG  1 
ATOM   1223 C CD  . PRO B 1 47  ? -7.902  -12.601 -10.347 1.00 17.50 ? 45  PRO B CD  1 
ATOM   1224 N N   . GLU B 1 48  ? -4.775  -14.609 -13.347 1.00 17.48 ? 46  GLU B N   1 
ATOM   1225 C CA  . GLU B 1 48  ? -3.878  -14.388 -14.481 1.00 21.61 ? 46  GLU B CA  1 
ATOM   1226 C C   . GLU B 1 48  ? -4.601  -13.746 -15.658 1.00 21.95 ? 46  GLU B C   1 
ATOM   1227 O O   . GLU B 1 48  ? -4.039  -12.891 -16.347 1.00 21.49 ? 46  GLU B O   1 
ATOM   1228 C CB  . GLU B 1 48  ? -3.247  -15.710 -14.912 1.00 21.27 ? 46  GLU B CB  1 
ATOM   1229 C CG  . GLU B 1 48  ? -2.199  -15.573 -15.999 1.00 24.07 ? 46  GLU B CG  1 
ATOM   1230 C CD  . GLU B 1 48  ? -2.807  -15.477 -17.393 1.00 28.82 ? 46  GLU B CD  1 
ATOM   1231 O OE1 . GLU B 1 48  ? -3.954  -15.944 -17.571 1.00 29.20 ? 46  GLU B OE1 1 
ATOM   1232 O OE2 . GLU B 1 48  ? -2.146  -14.938 -18.306 1.00 30.47 ? 46  GLU B OE2 1 
ATOM   1233 N N   . TYR B 1 49  ? -5.830  -14.164 -15.933 1.00 23.84 ? 47  TYR B N   1 
ATOM   1234 C CA  . TYR B 1 49  ? -6.513  -13.548 -17.061 1.00 28.28 ? 47  TYR B CA  1 
ATOM   1235 C C   . TYR B 1 49  ? -6.855  -12.085 -16.800 1.00 30.60 ? 47  TYR B C   1 
ATOM   1236 O O   . TYR B 1 49  ? -7.238  -11.381 -17.740 1.00 31.31 ? 47  TYR B O   1 
ATOM   1237 C CB  . TYR B 1 49  ? -7.774  -14.342 -17.406 1.00 29.69 ? 47  TYR B CB  1 
ATOM   1238 C CG  . TYR B 1 49  ? -8.713  -14.561 -16.249 1.00 32.11 ? 47  TYR B CG  1 
ATOM   1239 C CD1 . TYR B 1 49  ? -9.628  -13.584 -15.876 1.00 37.68 ? 47  TYR B CD1 1 
ATOM   1240 C CD2 . TYR B 1 49  ? -8.696  -15.755 -15.539 1.00 37.68 ? 47  TYR B CD2 1 
ATOM   1241 C CE1 . TYR B 1 49  ? -10.494 -13.786 -14.815 1.00 36.45 ? 47  TYR B CE1 1 
ATOM   1242 C CE2 . TYR B 1 49  ? -9.553  -15.970 -14.482 1.00 38.58 ? 47  TYR B CE2 1 
ATOM   1243 C CZ  . TYR B 1 49  ? -10.450 -14.981 -14.122 1.00 40.92 ? 47  TYR B CZ  1 
ATOM   1244 O OH  . TYR B 1 49  ? -11.308 -15.199 -13.063 1.00 42.08 ? 47  TYR B OH  1 
ATOM   1245 N N   . CYS B 1 50  ? -6.705  -11.618 -15.554 1.00 23.68 ? 48  CYS B N   1 
ATOM   1246 C CA  . CYS B 1 50  ? -6.976  -10.241 -15.161 1.00 28.89 ? 48  CYS B CA  1 
ATOM   1247 C C   . CYS B 1 50  ? -5.709  -9.435  -14.943 1.00 25.70 ? 48  CYS B C   1 
ATOM   1248 O O   . CYS B 1 50  ? -5.762  -8.400  -14.281 1.00 23.49 ? 48  CYS B O   1 
ATOM   1249 C CB  . CYS B 1 50  ? -7.803  -10.203 -13.873 1.00 24.88 ? 48  CYS B CB  1 
ATOM   1250 S SG  . CYS B 1 50  ? -9.474  -10.547 -14.141 1.00 39.04 ? 48  CYS B SG  1 
ATOM   1251 N N   . ARG B 1 51  ? -4.566  -9.891  -15.470 1.00 23.46 ? 49  ARG B N   1 
ATOM   1252 C CA  . ARG B 1 51  ? -3.294  -9.303  -15.059 1.00 22.57 ? 49  ARG B CA  1 
ATOM   1253 C C   . ARG B 1 51  ? -3.169  -7.846  -15.488 1.00 23.32 ? 49  ARG B C   1 
ATOM   1254 O O   . ARG B 1 51  ? -2.494  -7.059  -14.816 1.00 24.29 ? 49  ARG B O   1 
ATOM   1255 C CB  . ARG B 1 51  ? -2.135  -10.116 -15.631 1.00 24.91 ? 49  ARG B CB  1 
ATOM   1256 C CG  . ARG B 1 51  ? -2.258  -10.362 -17.118 1.00 26.43 ? 49  ARG B CG  1 
ATOM   1257 C CD  . ARG B 1 51  ? -1.429  -11.562 -17.551 1.00 29.54 ? 49  ARG B CD  1 
ATOM   1258 N NE  . ARG B 1 51  ? -0.051  -11.462 -17.085 1.00 21.74 ? 49  ARG B NE  1 
ATOM   1259 C CZ  . ARG B 1 51  ? 0.809   -12.474 -17.077 1.00 21.55 ? 49  ARG B CZ  1 
ATOM   1260 N NH1 . ARG B 1 51  ? 0.428   -13.674 -17.489 1.00 23.76 ? 49  ARG B NH1 1 
ATOM   1261 N NH2 . ARG B 1 51  ? 2.049   -12.289 -16.653 1.00 18.91 ? 49  ARG B NH2 1 
ATOM   1262 N N   . ASP B 1 52  ? -3.820  -7.459  -16.588 1.00 28.34 ? 50  ASP B N   1 
ATOM   1263 C CA  . ASP B 1 52  ? -3.807  -6.062  -17.019 1.00 24.36 ? 50  ASP B CA  1 
ATOM   1264 C C   . ASP B 1 52  ? -4.352  -5.106  -15.961 1.00 28.68 ? 50  ASP B C   1 
ATOM   1265 O O   . ASP B 1 52  ? -4.140  -3.888  -16.062 1.00 27.25 ? 50  ASP B O   1 
ATOM   1266 C CB  . ASP B 1 52  ? -4.649  -5.926  -18.277 1.00 33.62 ? 50  ASP B CB  1 
ATOM   1267 C CG  . ASP B 1 52  ? -5.933  -6.704  -18.175 1.00 38.84 ? 50  ASP B CG  1 
ATOM   1268 O OD1 . ASP B 1 52  ? -7.017  -6.097  -18.336 1.00 48.69 ? 50  ASP B OD1 1 
ATOM   1269 O OD2 . ASP B 1 52  ? -5.852  -7.930  -17.920 1.00 42.92 ? 50  ASP B OD2 1 
ATOM   1270 N N   . LEU B 1 53  ? -5.090  -5.617  -14.973 1.00 24.82 ? 51  LEU B N   1 
ATOM   1271 C CA  . LEU B 1 53  ? -5.588  -4.753  -13.907 1.00 24.17 ? 51  LEU B CA  1 
ATOM   1272 C C   . LEU B 1 53  ? -4.470  -4.181  -13.044 1.00 24.97 ? 51  LEU B C   1 
ATOM   1273 O O   . LEU B 1 53  ? -4.674  -3.159  -12.380 1.00 22.24 ? 51  LEU B O   1 
ATOM   1274 C CB  . LEU B 1 53  ? -6.570  -5.529  -13.023 1.00 23.24 ? 51  LEU B CB  1 
ATOM   1275 C CG  . LEU B 1 53  ? -7.897  -5.926  -13.672 1.00 21.61 ? 51  LEU B CG  1 
ATOM   1276 C CD1 . LEU B 1 53  ? -8.821  -6.584  -12.637 1.00 19.58 ? 51  LEU B CD1 1 
ATOM   1277 C CD2 . LEU B 1 53  ? -8.556  -4.711  -14.301 1.00 24.83 ? 51  LEU B CD2 1 
ATOM   1278 N N   . VAL B 1 54  ? -3.300  -4.805  -13.044 1.00 20.65 ? 52  VAL B N   1 
ATOM   1279 C CA  . VAL B 1 54  ? -2.244  -4.517  -12.078 1.00 19.92 ? 52  VAL B CA  1 
ATOM   1280 C C   . VAL B 1 54  ? -1.156  -3.679  -12.739 1.00 25.69 ? 52  VAL B C   1 
ATOM   1281 O O   . VAL B 1 54  ? -0.630  -4.047  -13.792 1.00 27.29 ? 52  VAL B O   1 
ATOM   1282 C CB  . VAL B 1 54  ? -1.636  -5.811  -11.509 1.00 23.80 ? 52  VAL B CB  1 
ATOM   1283 C CG1 . VAL B 1 54  ? -0.631  -5.481  -10.422 1.00 22.93 ? 52  VAL B CG1 1 
ATOM   1284 C CG2 . VAL B 1 54  ? -2.725  -6.763  -10.997 1.00 22.19 ? 52  VAL B CG2 1 
ATOM   1285 N N   . ASP B 1 55  ? -0.785  -2.583  -12.083 1.00 29.24 ? 53  ASP B N   1 
ATOM   1286 C CA  . ASP B 1 55  ? 0.322   -1.721  -12.479 1.00 35.86 ? 53  ASP B CA  1 
ATOM   1287 C C   . ASP B 1 55  ? 1.273   -1.626  -11.289 1.00 35.89 ? 53  ASP B C   1 
ATOM   1288 O O   . ASP B 1 55  ? 0.837   -1.333  -10.171 1.00 34.62 ? 53  ASP B O   1 
ATOM   1289 C CB  . ASP B 1 55  ? -0.221  -0.339  -12.881 1.00 37.41 ? 53  ASP B CB  1 
ATOM   1290 C CG  . ASP B 1 55  ? 0.857   0.624   -13.384 1.00 48.38 ? 53  ASP B CG  1 
ATOM   1291 O OD1 . ASP B 1 55  ? 0.651   1.219   -14.468 1.00 52.36 ? 53  ASP B OD1 1 
ATOM   1292 O OD2 . ASP B 1 55  ? 1.884   0.821   -12.693 1.00 48.75 ? 53  ASP B OD2 1 
ATOM   1293 N N   . CYS B 1 56  ? 2.559   -1.885  -11.505 1.00 34.79 ? 54  CYS B N   1 
ATOM   1294 C CA  . CYS B 1 56  ? 3.505   -1.754  -10.405 1.00 35.69 ? 54  CYS B CA  1 
ATOM   1295 C C   . CYS B 1 56  ? 4.471   -0.600  -10.656 1.00 38.90 ? 54  CYS B C   1 
ATOM   1296 O O   . CYS B 1 56  ? 4.658   -0.147  -11.787 1.00 33.84 ? 54  CYS B O   1 
ATOM   1297 C CB  . CYS B 1 56  ? 4.270   -3.063  -10.154 1.00 32.02 ? 54  CYS B CB  1 
ATOM   1298 S SG  . CYS B 1 56  ? 5.371   -3.665  -11.460 1.00 46.99 ? 54  CYS B SG  1 
ATOM   1299 N N   . ASP B 1 57  ? 5.071   -0.109  -9.567  1.00 34.67 ? 55  ASP B N   1 
ATOM   1300 C CA  . ASP B 1 57  ? 5.943   1.054   -9.678  1.00 29.58 ? 55  ASP B CA  1 
ATOM   1301 C C   . ASP B 1 57  ? 7.240   0.705   -10.406 1.00 31.43 ? 55  ASP B C   1 
ATOM   1302 O O   . ASP B 1 57  ? 7.678   1.442   -11.296 1.00 28.85 ? 55  ASP B O   1 
ATOM   1303 C CB  . ASP B 1 57  ? 6.229   1.650   -8.294  1.00 35.08 ? 55  ASP B CB  1 
ATOM   1304 C CG  . ASP B 1 57  ? 6.650   0.602   -7.251  1.00 37.28 ? 55  ASP B CG  1 
ATOM   1305 O OD1 . ASP B 1 57  ? 6.727   -0.608  -7.570  1.00 31.06 ? 55  ASP B OD1 1 
ATOM   1306 O OD2 . ASP B 1 57  ? 6.919   1.010   -6.097  1.00 42.45 ? 55  ASP B OD2 1 
ATOM   1307 N N   . ARG B 1 58  ? 7.857   -0.424  -10.061 1.00 30.53 ? 56  ARG B N   1 
ATOM   1308 C CA  . ARG B 1 58  ? 9.109   -0.865  -10.675 1.00 26.39 ? 56  ARG B CA  1 
ATOM   1309 C C   . ARG B 1 58  ? 8.831   -2.106  -11.517 1.00 32.62 ? 56  ARG B C   1 
ATOM   1310 O O   . ARG B 1 58  ? 8.509   -3.170  -10.976 1.00 28.69 ? 56  ARG B O   1 
ATOM   1311 C CB  . ARG B 1 58  ? 10.167  -1.139  -9.608  1.00 25.52 ? 56  ARG B CB  1 
ATOM   1312 C CG  . ARG B 1 58  ? 10.721  0.156   -8.985  1.00 33.31 ? 56  ARG B CG  1 
ATOM   1313 C CD  . ARG B 1 58  ? 12.139  0.030   -8.421  1.00 32.68 ? 56  ARG B CD  1 
ATOM   1314 N NE  . ARG B 1 58  ? 13.139  -0.464  -9.372  1.00 34.45 ? 56  ARG B NE  1 
ATOM   1315 C CZ  . ARG B 1 58  ? 14.455  -0.352  -9.184  1.00 37.61 ? 56  ARG B CZ  1 
ATOM   1316 N NH1 . ARG B 1 58  ? 14.910  0.241   -8.086  1.00 36.81 ? 56  ARG B NH1 1 
ATOM   1317 N NH2 . ARG B 1 58  ? 15.318  -0.829  -10.085 1.00 36.94 ? 56  ARG B NH2 1 
ATOM   1318 N N   . LYS B 1 59  ? 8.971   -1.970  -12.839 1.00 30.83 ? 57  LYS B N   1 
ATOM   1319 C CA  . LYS B 1 59  ? 8.701   -3.086  -13.739 1.00 32.55 ? 57  LYS B CA  1 
ATOM   1320 C C   . LYS B 1 59  ? 9.722   -4.206  -13.597 1.00 27.64 ? 57  LYS B C   1 
ATOM   1321 O O   . LYS B 1 59  ? 9.442   -5.340  -13.996 1.00 32.31 ? 57  LYS B O   1 
ATOM   1322 C CB  . LYS B 1 59  ? 8.672   -2.604  -15.192 1.00 35.53 ? 57  LYS B CB  1 
ATOM   1323 C CG  . LYS B 1 59  ? 7.990   -1.272  -15.408 1.00 30.27 ? 57  LYS B CG  1 
ATOM   1324 C CD  . LYS B 1 59  ? 6.519   -1.322  -15.062 1.00 38.14 ? 57  LYS B CD  1 
ATOM   1325 C CE  . LYS B 1 59  ? 6.026   0.058   -14.642 1.00 38.45 ? 57  LYS B CE  1 
ATOM   1326 N NZ  . LYS B 1 59  ? 4.571   0.231   -14.863 1.00 40.46 ? 57  LYS B NZ  1 
ATOM   1327 N N   . ASP B 1 60  ? 10.884  -3.928  -13.027 1.00 26.67 ? 58  ASP B N   1 
ATOM   1328 C CA  . ASP B 1 60  ? 11.920  -4.937  -12.876 1.00 27.38 ? 58  ASP B CA  1 
ATOM   1329 C C   . ASP B 1 60  ? 11.907  -5.583  -11.501 1.00 24.04 ? 58  ASP B C   1 
ATOM   1330 O O   . ASP B 1 60  ? 12.786  -6.391  -11.206 1.00 21.19 ? 58  ASP B O   1 
ATOM   1331 C CB  . ASP B 1 60  ? 13.296  -4.327  -13.155 1.00 28.11 ? 58  ASP B CB  1 
ATOM   1332 C CG  . ASP B 1 60  ? 13.546  -3.076  -12.343 1.00 27.94 ? 58  ASP B CG  1 
ATOM   1333 O OD1 . ASP B 1 60  ? 12.558  -2.493  -11.862 1.00 27.88 ? 58  ASP B OD1 1 
ATOM   1334 O OD2 . ASP B 1 60  ? 14.723  -2.683  -12.189 1.00 34.61 ? 58  ASP B OD2 1 
ATOM   1335 N N   . HIS B 1 61  ? 10.930  -5.258  -10.666 1.00 22.08 ? 59  HIS B N   1 
ATOM   1336 C CA  . HIS B 1 61  ? 10.830  -5.796  -9.322  1.00 22.20 ? 59  HIS B CA  1 
ATOM   1337 C C   . HIS B 1 61  ? 9.649   -6.754  -9.240  1.00 23.24 ? 59  HIS B C   1 
ATOM   1338 O O   . HIS B 1 61  ? 8.861   -6.891  -10.178 1.00 18.89 ? 59  HIS B O   1 
ATOM   1339 C CB  . HIS B 1 61  ? 10.707  -4.667  -8.297  1.00 21.29 ? 59  HIS B CB  1 
ATOM   1340 C CG  . HIS B 1 61  ? 12.024  -4.060  -7.926  1.00 28.76 ? 59  HIS B CG  1 
ATOM   1341 N ND1 . HIS B 1 61  ? 12.174  -3.175  -6.878  1.00 31.34 ? 59  HIS B ND1 1 
ATOM   1342 C CD2 . HIS B 1 61  ? 13.255  -4.209  -8.472  1.00 31.34 ? 59  HIS B CD2 1 
ATOM   1343 C CE1 . HIS B 1 61  ? 13.442  -2.810  -6.792  1.00 34.89 ? 59  HIS B CE1 1 
ATOM   1344 N NE2 . HIS B 1 61  ? 14.119  -3.420  -7.749  1.00 32.84 ? 59  HIS B NE2 1 
ATOM   1345 N N   . TYR B 1 62  ? 9.520   -7.396  -8.087  1.00 18.94 ? 60  TYR B N   1 
ATOM   1346 C CA  . TYR B 1 62  ? 8.761   -8.627  -7.982  1.00 19.10 ? 60  TYR B CA  1 
ATOM   1347 C C   . TYR B 1 62  ? 7.511   -8.456  -7.132  1.00 17.97 ? 60  TYR B C   1 
ATOM   1348 O O   . TYR B 1 62  ? 7.424   -7.582  -6.258  1.00 15.65 ? 60  TYR B O   1 
ATOM   1349 C CB  . TYR B 1 62  ? 9.635   -9.746  -7.408  1.00 15.71 ? 60  TYR B CB  1 
ATOM   1350 C CG  . TYR B 1 62  ? 10.769  -10.152 -8.337  1.00 20.84 ? 60  TYR B CG  1 
ATOM   1351 C CD1 . TYR B 1 62  ? 11.895  -9.346  -8.484  1.00 24.89 ? 60  TYR B CD1 1 
ATOM   1352 C CD2 . TYR B 1 62  ? 10.707  -11.337 -9.071  1.00 23.44 ? 60  TYR B CD2 1 
ATOM   1353 C CE1 . TYR B 1 62  ? 12.937  -9.707  -9.345  1.00 27.24 ? 60  TYR B CE1 1 
ATOM   1354 C CE2 . TYR B 1 62  ? 11.744  -11.713 -9.933  1.00 28.82 ? 60  TYR B CE2 1 
ATOM   1355 C CZ  . TYR B 1 62  ? 12.854  -10.897 -10.060 1.00 32.77 ? 60  TYR B CZ  1 
ATOM   1356 O OH  . TYR B 1 62  ? 13.876  -11.266 -10.910 1.00 34.73 ? 60  TYR B OH  1 
ATOM   1357 N N   . VAL B 1 63  ? 6.543   -9.328  -7.408  1.00 14.88 ? 61  VAL B N   1 
ATOM   1358 C CA  . VAL B 1 63  ? 5.331   -9.468  -6.627  1.00 12.42 ? 61  VAL B CA  1 
ATOM   1359 C C   . VAL B 1 63  ? 5.156   -10.960 -6.354  1.00 15.15 ? 61  VAL B C   1 
ATOM   1360 O O   . VAL B 1 63  ? 5.903   -11.803 -6.863  1.00 15.42 ? 61  VAL B O   1 
ATOM   1361 C CB  . VAL B 1 63  ? 4.092   -8.891  -7.345  1.00 15.98 ? 61  VAL B CB  1 
ATOM   1362 C CG1 . VAL B 1 63  ? 4.356   -7.455  -7.827  1.00 19.34 ? 61  VAL B CG1 1 
ATOM   1363 C CG2 . VAL B 1 63  ? 3.695   -9.776  -8.511  1.00 14.19 ? 61  VAL B CG2 1 
ATOM   1364 N N   . ILE B 1 64  ? 4.165   -11.280 -5.532  1.00 14.47 ? 62  ILE B N   1 
ATOM   1365 C CA  . ILE B 1 64  ? 3.901   -12.666 -5.162  1.00 14.75 ? 62  ILE B CA  1 
ATOM   1366 C C   . ILE B 1 64  ? 3.151   -13.322 -6.309  1.00 17.35 ? 62  ILE B C   1 
ATOM   1367 O O   . ILE B 1 64  ? 2.071   -12.862 -6.694  1.00 15.37 ? 62  ILE B O   1 
ATOM   1368 C CB  . ILE B 1 64  ? 3.085   -12.757 -3.865  1.00 13.23 ? 62  ILE B CB  1 
ATOM   1369 C CG1 . ILE B 1 64  ? 3.876   -12.190 -2.678  1.00 15.34 ? 62  ILE B CG1 1 
ATOM   1370 C CG2 . ILE B 1 64  ? 2.665   -14.228 -3.604  1.00 13.87 ? 62  ILE B CG2 1 
ATOM   1371 C CD1 . ILE B 1 64  ? 3.021   -11.911 -1.468  1.00 20.55 ? 62  ILE B CD1 1 
ATOM   1372 N N   . GLY B 1 65  ? 3.712   -14.398 -6.847  1.00 16.56 ? 63  GLY B N   1 
ATOM   1373 C CA  . GLY B 1 65  ? 3.025   -15.213 -7.830  1.00 15.88 ? 63  GLY B CA  1 
ATOM   1374 C C   . GLY B 1 65  ? 2.447   -16.483 -7.227  1.00 16.49 ? 63  GLY B C   1 
ATOM   1375 O O   . GLY B 1 65  ? 2.975   -17.035 -6.263  1.00 16.37 ? 63  GLY B O   1 
ATOM   1376 N N   . VAL B 1 66  ? 1.332   -16.933 -7.799  1.00 14.80 ? 64  VAL B N   1 
ATOM   1377 C CA  . VAL B 1 66  ? 0.678   -18.179 -7.404  1.00 16.20 ? 64  VAL B CA  1 
ATOM   1378 C C   . VAL B 1 66  ? 0.822   -19.143 -8.574  1.00 16.19 ? 64  VAL B C   1 
ATOM   1379 O O   . VAL B 1 66  ? 0.292   -18.879 -9.662  1.00 14.96 ? 64  VAL B O   1 
ATOM   1380 C CB  . VAL B 1 66  ? -0.804  -17.962 -7.060  1.00 14.81 ? 64  VAL B CB  1 
ATOM   1381 C CG1 . VAL B 1 66  ? -1.439  -19.263 -6.590  1.00 16.24 ? 64  VAL B CG1 1 
ATOM   1382 C CG2 . VAL B 1 66  ? -0.970  -16.858 -5.992  1.00 14.03 ? 64  VAL B CG2 1 
ATOM   1383 N N   . LEU B 1 67  ? 1.512   -20.262 -8.356  1.00 16.26 ? 65  LEU B N   1 
ATOM   1384 C CA  . LEU B 1 67  ? 1.831   -21.182 -9.448  1.00 20.12 ? 65  LEU B CA  1 
ATOM   1385 C C   . LEU B 1 67  ? 1.392   -22.608 -9.140  1.00 20.29 ? 65  LEU B C   1 
ATOM   1386 O O   . LEU B 1 67  ? 1.611   -23.110 -8.037  1.00 18.91 ? 65  LEU B O   1 
ATOM   1387 C CB  . LEU B 1 67  ? 3.327   -21.178 -9.750  1.00 24.11 ? 65  LEU B CB  1 
ATOM   1388 C CG  . LEU B 1 67  ? 3.838   -19.841 -10.279 1.00 28.29 ? 65  LEU B CG  1 
ATOM   1389 C CD1 . LEU B 1 67  ? 4.967   -19.369 -9.380  1.00 30.87 ? 65  LEU B CD1 1 
ATOM   1390 C CD2 . LEU B 1 67  ? 4.273   -19.948 -11.739 1.00 24.21 ? 65  LEU B CD2 1 
ATOM   1391 N N   . GLY B 1 68  ? 0.800   -23.264 -10.138 1.00 21.86 ? 66  GLY B N   1 
ATOM   1392 C CA  . GLY B 1 68  ? 0.517   -24.681 -10.069 1.00 27.73 ? 66  GLY B CA  1 
ATOM   1393 C C   . GLY B 1 68  ? -0.950  -24.978 -9.805  1.00 30.70 ? 66  GLY B C   1 
ATOM   1394 O O   . GLY B 1 68  ? -1.718  -24.128 -9.351  1.00 30.62 ? 66  GLY B O   1 
ATOM   1395 N N   . ASN B 1 69  ? -1.333  -26.220 -10.077 1.00 31.09 ? 67  ASN B N   1 
ATOM   1396 C CA  . ASN B 1 69  ? -2.684  -26.721 -9.872  1.00 35.08 ? 67  ASN B CA  1 
ATOM   1397 C C   . ASN B 1 69  ? -2.799  -27.426 -8.523  1.00 35.54 ? 67  ASN B C   1 
ATOM   1398 O O   . ASN B 1 69  ? -1.813  -27.912 -7.957  1.00 35.89 ? 67  ASN B O   1 
ATOM   1399 C CB  . ASN B 1 69  ? -3.087  -27.700 -10.985 1.00 31.85 ? 67  ASN B CB  1 
ATOM   1400 C CG  . ASN B 1 69  ? -3.080  -27.062 -12.364 1.00 37.41 ? 67  ASN B CG  1 
ATOM   1401 O OD1 . ASN B 1 69  ? -3.475  -25.899 -12.524 1.00 37.59 ? 67  ASN B OD1 1 
ATOM   1402 N ND2 . ASN B 1 69  ? -2.628  -27.825 -13.376 1.00 23.78 ? 67  ASN B ND2 1 
ATOM   1403 N N   . GLY B 1 70  ? -4.035  -27.499 -8.033  1.00 35.21 ? 68  GLY B N   1 
ATOM   1404 C CA  . GLY B 1 70  ? -4.309  -28.080 -6.733  1.00 40.28 ? 68  GLY B CA  1 
ATOM   1405 C C   . GLY B 1 70  ? -3.734  -27.231 -5.622  1.00 32.65 ? 68  GLY B C   1 
ATOM   1406 O O   . GLY B 1 70  ? -4.237  -26.146 -5.329  1.00 31.30 ? 68  GLY B O   1 
ATOM   1407 N N   . VAL B 1 71  ? -2.666  -27.711 -4.999  1.00 35.16 ? 69  VAL B N   1 
ATOM   1408 C CA  . VAL B 1 71  ? -1.934  -26.906 -4.031  1.00 34.09 ? 69  VAL B CA  1 
ATOM   1409 C C   . VAL B 1 71  ? -0.934  -26.048 -4.807  1.00 33.51 ? 69  VAL B C   1 
ATOM   1410 O O   . VAL B 1 71  ? 0.030   -26.562 -5.377  1.00 34.54 ? 69  VAL B O   1 
ATOM   1411 C CB  . VAL B 1 71  ? -1.234  -27.780 -2.986  1.00 32.50 ? 69  VAL B CB  1 
ATOM   1412 C CG1 . VAL B 1 71  ? -0.461  -26.913 -2.019  1.00 32.96 ? 69  VAL B CG1 1 
ATOM   1413 C CG2 . VAL B 1 71  ? -2.266  -28.629 -2.234  1.00 32.59 ? 69  VAL B CG2 1 
ATOM   1414 N N   . SER B 1 72  ? -1.160  -24.736 -4.826  1.00 29.84 ? 70  SER B N   1 
ATOM   1415 C CA  . SER B 1 72  ? -0.294  -23.824 -5.560  1.00 25.01 ? 70  SER B CA  1 
ATOM   1416 C C   . SER B 1 72  ? 0.856   -23.340 -4.683  1.00 27.57 ? 70  SER B C   1 
ATOM   1417 O O   . SER B 1 72  ? 0.721   -23.213 -3.462  1.00 25.70 ? 70  SER B O   1 
ATOM   1418 C CB  . SER B 1 72  ? -1.084  -22.627 -6.078  1.00 24.45 ? 70  SER B CB  1 
ATOM   1419 O OG  . SER B 1 72  ? -2.282  -23.019 -6.714  1.00 25.74 ? 70  SER B OG  1 
ATOM   1420 N N   . ASP B 1 73  ? 2.001   -23.087 -5.321  1.00 24.58 ? 71  ASP B N   1 
ATOM   1421 C CA  . ASP B 1 73  ? 3.187   -22.592 -4.640  1.00 24.04 ? 71  ASP B CA  1 
ATOM   1422 C C   . ASP B 1 73  ? 3.232   -21.073 -4.726  1.00 23.11 ? 71  ASP B C   1 
ATOM   1423 O O   . ASP B 1 73  ? 2.836   -20.487 -5.737  1.00 23.09 ? 71  ASP B O   1 
ATOM   1424 C CB  . ASP B 1 73  ? 4.471   -23.162 -5.250  1.00 26.07 ? 71  ASP B CB  1 
ATOM   1425 C CG  . ASP B 1 73  ? 4.372   -24.644 -5.552  1.00 40.10 ? 71  ASP B CG  1 
ATOM   1426 O OD1 . ASP B 1 73  ? 3.645   -25.350 -4.816  1.00 39.56 ? 71  ASP B OD1 1 
ATOM   1427 O OD2 . ASP B 1 73  ? 5.023   -25.102 -6.524  1.00 47.41 ? 71  ASP B OD2 1 
ATOM   1428 N N   . LEU B 1 74  ? 3.739   -20.449 -3.672  1.00 17.16 ? 72  LEU B N   1 
ATOM   1429 C CA  . LEU B 1 74  ? 3.934   -19.005 -3.623  1.00 18.89 ? 72  LEU B CA  1 
ATOM   1430 C C   . LEU B 1 74  ? 5.391   -18.712 -3.943  1.00 20.49 ? 72  LEU B C   1 
ATOM   1431 O O   . LEU B 1 74  ? 6.285   -19.224 -3.261  1.00 20.01 ? 72  LEU B O   1 
ATOM   1432 C CB  . LEU B 1 74  ? 3.581   -18.457 -2.243  1.00 21.76 ? 72  LEU B CB  1 
ATOM   1433 C CG  . LEU B 1 74  ? 2.140   -18.700 -1.813  1.00 21.94 ? 72  LEU B CG  1 
ATOM   1434 C CD1 . LEU B 1 74  ? 1.973   -18.370 -0.352  1.00 25.03 ? 72  LEU B CD1 1 
ATOM   1435 C CD2 . LEU B 1 74  ? 1.215   -17.839 -2.680  1.00 23.80 ? 72  LEU B CD2 1 
ATOM   1436 N N   . LYS B 1 75  ? 5.625   -17.876 -4.958  1.00 17.37 ? 73  LYS B N   1 
ATOM   1437 C CA  . LYS B 1 75  ? 6.974   -17.578 -5.425  1.00 23.77 ? 73  LYS B CA  1 
ATOM   1438 C C   . LYS B 1 75  ? 7.051   -16.141 -5.923  1.00 18.59 ? 73  LYS B C   1 
ATOM   1439 O O   . LYS B 1 75  ? 6.081   -15.657 -6.521  1.00 19.23 ? 73  LYS B O   1 
ATOM   1440 C CB  . LYS B 1 75  ? 7.350   -18.545 -6.552  1.00 20.96 ? 73  LYS B CB  1 
ATOM   1441 C CG  . LYS B 1 75  ? 8.747   -18.387 -7.112  1.00 30.55 ? 73  LYS B CG  1 
ATOM   1442 C CD  . LYS B 1 75  ? 9.173   -19.636 -7.881  1.00 29.61 ? 73  LYS B CD  1 
ATOM   1443 C CE  . LYS B 1 75  ? 10.590  -19.503 -8.424  1.00 43.76 ? 73  LYS B CE  1 
ATOM   1444 N NZ  . LYS B 1 75  ? 11.587  -19.245 -7.336  1.00 43.54 ? 73  LYS B NZ  1 
ATOM   1445 N N   . PRO B 1 76  ? 8.174   -15.447 -5.734  1.00 19.78 ? 74  PRO B N   1 
ATOM   1446 C CA  . PRO B 1 76  ? 8.307   -14.112 -6.339  1.00 17.53 ? 74  PRO B CA  1 
ATOM   1447 C C   . PRO B 1 76  ? 8.348   -14.215 -7.858  1.00 20.28 ? 74  PRO B C   1 
ATOM   1448 O O   . PRO B 1 76  ? 9.065   -15.049 -8.417  1.00 21.30 ? 74  PRO B O   1 
ATOM   1449 C CB  . PRO B 1 76  ? 9.631   -13.582 -5.771  1.00 23.43 ? 74  PRO B CB  1 
ATOM   1450 C CG  . PRO B 1 76  ? 9.885   -14.419 -4.539  1.00 20.35 ? 74  PRO B CG  1 
ATOM   1451 C CD  . PRO B 1 76  ? 9.337   -15.782 -4.893  1.00 18.29 ? 74  PRO B CD  1 
ATOM   1452 N N   . VAL B 1 77  ? 7.535   -13.390 -8.524  1.00 16.34 ? 75  VAL B N   1 
ATOM   1453 C CA  . VAL B 1 77  ? 7.502   -13.334 -9.981  1.00 18.16 ? 75  VAL B CA  1 
ATOM   1454 C C   . VAL B 1 77  ? 7.409   -11.884 -10.433 1.00 18.32 ? 75  VAL B C   1 
ATOM   1455 O O   . VAL B 1 77  ? 6.945   -11.002 -9.704  1.00 15.50 ? 75  VAL B O   1 
ATOM   1456 C CB  . VAL B 1 77  ? 6.321   -14.119 -10.602 1.00 20.65 ? 75  VAL B CB  1 
ATOM   1457 C CG1 . VAL B 1 77  ? 6.379   -15.597 -10.217 1.00 21.19 ? 75  VAL B CG1 1 
ATOM   1458 C CG2 . VAL B 1 77  ? 5.005   -13.476 -10.197 1.00 17.06 ? 75  VAL B CG2 1 
ATOM   1459 N N   . LEU B 1 78  ? 7.838   -11.663 -11.672 1.00 19.78 ? 76  LEU B N   1 
ATOM   1460 C CA  . LEU B 1 78  ? 7.606   -10.405 -12.357 1.00 21.73 ? 76  LEU B CA  1 
ATOM   1461 C C   . LEU B 1 78  ? 6.184   -10.382 -12.890 1.00 23.04 ? 76  LEU B C   1 
ATOM   1462 O O   . LEU B 1 78  ? 5.614   -11.427 -13.206 1.00 18.19 ? 76  LEU B O   1 
ATOM   1463 C CB  . LEU B 1 78  ? 8.586   -10.239 -13.522 1.00 20.65 ? 76  LEU B CB  1 
ATOM   1464 C CG  . LEU B 1 78  ? 10.085  -10.160 -13.217 1.00 23.03 ? 76  LEU B CG  1 
ATOM   1465 C CD1 . LEU B 1 78  ? 10.869  -10.063 -14.532 1.00 27.91 ? 76  LEU B CD1 1 
ATOM   1466 C CD2 . LEU B 1 78  ? 10.390  -8.976  -12.326 1.00 24.13 ? 76  LEU B CD2 1 
ATOM   1467 N N   . LEU B 1 79  ? 5.618   -9.176  -13.021 1.00 19.70 ? 77  LEU B N   1 
ATOM   1468 C CA  . LEU B 1 79  ? 4.279   -9.059  -13.595 1.00 23.46 ? 77  LEU B CA  1 
ATOM   1469 C C   . LEU B 1 79  ? 4.219   -9.612  -15.014 1.00 22.36 ? 77  LEU B C   1 
ATOM   1470 O O   . LEU B 1 79  ? 3.137   -9.966  -15.489 1.00 24.53 ? 77  LEU B O   1 
ATOM   1471 C CB  . LEU B 1 79  ? 3.818   -7.596  -13.583 1.00 22.84 ? 77  LEU B CB  1 
ATOM   1472 C CG  . LEU B 1 79  ? 3.163   -7.076  -12.297 1.00 25.70 ? 77  LEU B CG  1 
ATOM   1473 C CD1 . LEU B 1 79  ? 2.625   -5.673  -12.516 1.00 32.45 ? 77  LEU B CD1 1 
ATOM   1474 C CD2 . LEU B 1 79  ? 2.051   -8.000  -11.794 1.00 21.10 ? 77  LEU B CD2 1 
ATOM   1475 N N   . THR B 1 80  ? 5.358   -9.716  -15.685 1.00 21.34 ? 78  THR B N   1 
ATOM   1476 C CA  . THR B 1 80  ? 5.434   -10.237 -17.040 1.00 23.17 ? 78  THR B CA  1 
ATOM   1477 C C   . THR B 1 80  ? 5.617   -11.753 -17.103 1.00 24.06 ? 78  THR B C   1 
ATOM   1478 O O   . THR B 1 80  ? 5.738   -12.294 -18.206 1.00 25.54 ? 78  THR B O   1 
ATOM   1479 C CB  . THR B 1 80  ? 6.583   -9.543  -17.779 1.00 26.75 ? 78  THR B CB  1 
ATOM   1480 O OG1 . THR B 1 80  ? 7.798   -9.719  -17.037 1.00 24.98 ? 78  THR B OG1 1 
ATOM   1481 C CG2 . THR B 1 80  ? 6.294   -8.053  -17.898 1.00 25.68 ? 78  THR B CG2 1 
ATOM   1482 N N   . GLU B 1 81  ? 5.640   -12.441 -15.950 1.00 20.81 ? 79  GLU B N   1 
ATOM   1483 C CA  . GLU B 1 81  ? 5.850   -13.886 -15.824 1.00 24.37 ? 79  GLU B CA  1 
ATOM   1484 C C   . GLU B 1 81  ? 5.106   -14.654 -16.917 1.00 21.82 ? 79  GLU B C   1 
ATOM   1485 O O   . GLU B 1 81  ? 3.887   -14.532 -17.034 1.00 21.41 ? 79  GLU B O   1 
ATOM   1486 C CB  . GLU B 1 81  ? 5.407   -14.353 -14.433 1.00 25.19 ? 79  GLU B CB  1 
ATOM   1487 C CG  . GLU B 1 81  ? 5.389   -15.872 -14.224 1.00 23.10 ? 79  GLU B CG  1 
ATOM   1488 C CD  . GLU B 1 81  ? 6.733   -16.523 -14.505 1.00 32.87 ? 79  GLU B CD  1 
ATOM   1489 O OE1 . GLU B 1 81  ? 7.742   -16.088 -13.906 1.00 33.25 ? 79  GLU B OE1 1 
ATOM   1490 O OE2 . GLU B 1 81  ? 6.774   -17.485 -15.317 1.00 30.69 ? 79  GLU B OE2 1 
ATOM   1491 N N   . PRO B 1 82  ? 5.812   -15.395 -17.777 1.00 26.00 ? 80  PRO B N   1 
ATOM   1492 C CA  . PRO B 1 82  ? 5.149   -16.067 -18.907 1.00 27.31 ? 80  PRO B CA  1 
ATOM   1493 C C   . PRO B 1 82  ? 4.610   -17.471 -18.660 1.00 24.43 ? 80  PRO B C   1 
ATOM   1494 O O   . PRO B 1 82  ? 3.871   -17.973 -19.521 1.00 26.40 ? 80  PRO B O   1 
ATOM   1495 C CB  . PRO B 1 82  ? 6.272   -16.112 -19.967 1.00 26.98 ? 80  PRO B CB  1 
ATOM   1496 C CG  . PRO B 1 82  ? 7.529   -16.189 -19.169 1.00 27.21 ? 80  PRO B CG  1 
ATOM   1497 C CD  . PRO B 1 82  ? 7.274   -15.313 -17.955 1.00 21.48 ? 80  PRO B CD  1 
ATOM   1498 N N   . SER B 1 83  ? 4.956   -18.127 -17.550 1.00 25.49 ? 81  SER B N   1 
ATOM   1499 C CA  . SER B 1 83  ? 4.627   -19.541 -17.378 1.00 22.48 ? 81  SER B CA  1 
ATOM   1500 C C   . SER B 1 83  ? 3.128   -19.791 -17.460 1.00 21.74 ? 81  SER B C   1 
ATOM   1501 O O   . SER B 1 83  ? 2.324   -19.018 -16.936 1.00 17.66 ? 81  SER B O   1 
ATOM   1502 C CB  . SER B 1 83  ? 5.142   -20.053 -16.034 1.00 25.69 ? 81  SER B CB  1 
ATOM   1503 O OG  . SER B 1 83  ? 4.642   -21.361 -15.793 1.00 22.57 ? 81  SER B OG  1 
ATOM   1504 N N   . VAL B 1 84  ? 2.746   -20.912 -18.090 1.00 20.25 ? 82  VAL B N   1 
ATOM   1505 C CA  . VAL B 1 84  ? 1.324   -21.244 -18.172 1.00 21.22 ? 82  VAL B CA  1 
ATOM   1506 C C   . VAL B 1 84  ? 0.787   -21.755 -16.850 1.00 18.89 ? 82  VAL B C   1 
ATOM   1507 O O   . VAL B 1 84  ? -0.431  -21.929 -16.709 1.00 20.28 ? 82  VAL B O   1 
ATOM   1508 C CB  . VAL B 1 84  ? 1.024   -22.304 -19.252 1.00 24.99 ? 82  VAL B CB  1 
ATOM   1509 C CG1 . VAL B 1 84  ? 1.365   -21.774 -20.627 1.00 28.51 ? 82  VAL B CG1 1 
ATOM   1510 C CG2 . VAL B 1 84  ? 1.768   -23.610 -18.952 1.00 20.46 ? 82  VAL B CG2 1 
ATOM   1511 N N   . MET B 1 85  ? 1.661   -22.029 -15.887 1.00 15.66 ? 83  MET B N   1 
ATOM   1512 C CA  . MET B 1 85  ? 1.253   -22.483 -14.566 1.00 19.47 ? 83  MET B CA  1 
ATOM   1513 C C   . MET B 1 85  ? 0.926   -21.323 -13.626 1.00 19.58 ? 83  MET B C   1 
ATOM   1514 O O   . MET B 1 85  ? 0.546   -21.566 -12.483 1.00 18.78 ? 83  MET B O   1 
ATOM   1515 C CB  . MET B 1 85  ? 2.360   -23.350 -13.947 1.00 20.24 ? 83  MET B CB  1 
ATOM   1516 C CG  . MET B 1 85  ? 2.649   -24.669 -14.664 1.00 27.81 ? 83  MET B CG  1 
ATOM   1517 S SD  . MET B 1 85  ? 1.194   -25.551 -15.270 1.00 28.31 ? 83  MET B SD  1 
ATOM   1518 C CE  . MET B 1 85  ? 0.463   -26.109 -13.722 1.00 29.71 ? 83  MET B CE  1 
ATOM   1519 N N   . LEU B 1 86  ? 1.056   -20.085 -14.082 1.00 16.34 ? 84  LEU B N   1 
ATOM   1520 C CA  . LEU B 1 86  ? 0.722   -18.925 -13.255 1.00 16.97 ? 84  LEU B CA  1 
ATOM   1521 C C   . LEU B 1 86  ? -0.790  -18.820 -13.104 1.00 16.80 ? 84  LEU B C   1 
ATOM   1522 O O   . LEU B 1 86  ? -1.501  -18.561 -14.080 1.00 17.28 ? 84  LEU B O   1 
ATOM   1523 C CB  . LEU B 1 86  ? 1.283   -17.646 -13.874 1.00 17.17 ? 84  LEU B CB  1 
ATOM   1524 C CG  . LEU B 1 86  ? 0.983   -16.399 -13.040 1.00 17.11 ? 84  LEU B CG  1 
ATOM   1525 C CD1 . LEU B 1 86  ? 1.793   -16.474 -11.766 1.00 13.80 ? 84  LEU B CD1 1 
ATOM   1526 C CD2 . LEU B 1 86  ? 1.327   -15.149 -13.839 1.00 20.85 ? 84  LEU B CD2 1 
ATOM   1527 N N   . GLN B 1 87  ? -1.275  -19.003 -11.878 1.00 17.40 ? 85  GLN B N   1 
ATOM   1528 C CA  . GLN B 1 87  ? -2.695  -18.835 -11.584 1.00 18.14 ? 85  GLN B CA  1 
ATOM   1529 C C   . GLN B 1 87  ? -3.059  -17.363 -11.414 1.00 17.23 ? 85  GLN B C   1 
ATOM   1530 O O   . GLN B 1 87  ? -4.162  -16.940 -11.785 1.00 16.05 ? 85  GLN B O   1 
ATOM   1531 C CB  . GLN B 1 87  ? -3.054  -19.609 -10.321 1.00 18.76 ? 85  GLN B CB  1 
ATOM   1532 C CG  . GLN B 1 87  ? -2.540  -21.034 -10.291 1.00 24.74 ? 85  GLN B CG  1 
ATOM   1533 C CD  . GLN B 1 87  ? -3.312  -21.925 -11.232 1.00 33.12 ? 85  GLN B CD  1 
ATOM   1534 O OE1 . GLN B 1 87  ? -4.548  -21.893 -11.255 1.00 34.86 ? 85  GLN B OE1 1 
ATOM   1535 N NE2 . GLN B 1 87  ? -2.590  -22.716 -12.038 1.00 34.10 ? 85  GLN B NE2 1 
ATOM   1536 N N   . GLY B 1 88  ? -2.147  -16.580 -10.849 1.00 15.40 ? 86  GLY B N   1 
ATOM   1537 C CA  . GLY B 1 88  ? -2.380  -15.160 -10.668 1.00 14.67 ? 86  GLY B CA  1 
ATOM   1538 C C   . GLY B 1 88  ? -1.334  -14.585 -9.733  1.00 16.45 ? 86  GLY B C   1 
ATOM   1539 O O   . GLY B 1 88  ? -0.299  -15.209 -9.476  1.00 15.58 ? 86  GLY B O   1 
ATOM   1540 N N   . PHE B 1 89  ? -1.637  -13.397 -9.215  1.00 15.96 ? 87  PHE B N   1 
ATOM   1541 C CA  . PHE B 1 89  ? -0.735  -12.647 -8.357  1.00 16.17 ? 87  PHE B CA  1 
ATOM   1542 C C   . PHE B 1 89  ? -1.431  -12.284 -7.058  1.00 13.79 ? 87  PHE B C   1 
ATOM   1543 O O   . PHE B 1 89  ? -2.634  -12.022 -7.031  1.00 17.05 ? 87  PHE B O   1 
ATOM   1544 C CB  . PHE B 1 89  ? -0.263  -11.357 -9.030  1.00 15.68 ? 87  PHE B CB  1 
ATOM   1545 C CG  . PHE B 1 89  ? 0.320   -11.561 -10.415 1.00 15.75 ? 87  PHE B CG  1 
ATOM   1546 C CD1 . PHE B 1 89  ? 1.625   -11.983 -10.575 1.00 15.90 ? 87  PHE B CD1 1 
ATOM   1547 C CD2 . PHE B 1 89  ? -0.437  -11.293 -11.547 1.00 21.83 ? 87  PHE B CD2 1 
ATOM   1548 C CE1 . PHE B 1 89  ? 2.176   -12.142 -11.843 1.00 18.55 ? 87  PHE B CE1 1 
ATOM   1549 C CE2 . PHE B 1 89  ? 0.102   -11.454 -12.827 1.00 24.86 ? 87  PHE B CE2 1 
ATOM   1550 C CZ  . PHE B 1 89  ? 1.410   -11.874 -12.972 1.00 23.52 ? 87  PHE B CZ  1 
ATOM   1551 N N   . ILE B 1 90  ? -0.654  -12.216 -5.987  1.00 14.15 ? 88  ILE B N   1 
ATOM   1552 C CA  . ILE B 1 90  ? -1.135  -11.689 -4.717  1.00 14.42 ? 88  ILE B CA  1 
ATOM   1553 C C   . ILE B 1 90  ? -0.419  -10.369 -4.475  1.00 15.97 ? 88  ILE B C   1 
ATOM   1554 O O   . ILE B 1 90  ? 0.811   -10.336 -4.355  1.00 13.13 ? 88  ILE B O   1 
ATOM   1555 C CB  . ILE B 1 90  ? -0.910  -12.680 -3.570  1.00 15.60 ? 88  ILE B CB  1 
ATOM   1556 C CG1 . ILE B 1 90  ? -1.724  -13.961 -3.852  1.00 16.29 ? 88  ILE B CG1 1 
ATOM   1557 C CG2 . ILE B 1 90  ? -1.299  -12.021 -2.228  1.00 14.55 ? 88  ILE B CG2 1 
ATOM   1558 C CD1 . ILE B 1 90  ? -1.364  -15.142 -2.957  1.00 16.71 ? 88  ILE B CD1 1 
ATOM   1559 N N   . VAL B 1 91  ? -1.177  -9.276  -4.432  1.00 14.22 ? 89  VAL B N   1 
ATOM   1560 C CA  . VAL B 1 91  ? -0.595  -7.941  -4.444  1.00 14.21 ? 89  VAL B CA  1 
ATOM   1561 C C   . VAL B 1 91  ? -1.264  -7.115  -3.359  1.00 18.39 ? 89  VAL B C   1 
ATOM   1562 O O   . VAL B 1 91  ? -2.391  -7.398  -2.945  1.00 16.76 ? 89  VAL B O   1 
ATOM   1563 C CB  . VAL B 1 91  ? -0.757  -7.292  -5.838  1.00 16.67 ? 89  VAL B CB  1 
ATOM   1564 C CG1 . VAL B 1 91  ? 0.007   -8.089  -6.894  1.00 15.39 ? 89  VAL B CG1 1 
ATOM   1565 C CG2 . VAL B 1 91  ? -2.227  -7.245  -6.216  1.00 13.50 ? 89  VAL B CG2 1 
ATOM   1566 N N   . ARG B 1 92  ? -0.554  -6.099  -2.871  1.00 19.00 ? 90  ARG B N   1 
ATOM   1567 C CA  . ARG B 1 92  ? -1.090  -5.296  -1.779  1.00 20.48 ? 90  ARG B CA  1 
ATOM   1568 C C   . ARG B 1 92  ? -2.126  -4.318  -2.310  1.00 21.18 ? 90  ARG B C   1 
ATOM   1569 O O   . ARG B 1 92  ? -1.827  -3.500  -3.181  1.00 21.31 ? 90  ARG B O   1 
ATOM   1570 C CB  . ARG B 1 92  ? 0.022   -4.568  -1.034  1.00 26.75 ? 90  ARG B CB  1 
ATOM   1571 C CG  . ARG B 1 92  ? 0.371   -5.344  0.213   1.00 34.94 ? 90  ARG B CG  1 
ATOM   1572 C CD  . ARG B 1 92  ? 1.719   -4.990  0.796   1.00 39.41 ? 90  ARG B CD  1 
ATOM   1573 N NE  . ARG B 1 92  ? 1.853   -3.564  1.070   1.00 41.02 ? 90  ARG B NE  1 
ATOM   1574 C CZ  . ARG B 1 92  ? 1.110   -2.878  1.935   1.00 42.84 ? 90  ARG B CZ  1 
ATOM   1575 N NH1 . ARG B 1 92  ? 0.156   -3.480  2.646   1.00 44.19 ? 90  ARG B NH1 1 
ATOM   1576 N NH2 . ARG B 1 92  ? 1.333   -1.577  2.098   1.00 42.34 ? 90  ARG B NH2 1 
ATOM   1577 N N   . SER B 1 93  ? -3.347  -4.419  -1.792  1.00 21.20 ? 91  SER B N   1 
ATOM   1578 C CA  . SER B 1 93  ? -4.462  -3.607  -2.257  1.00 24.10 ? 91  SER B CA  1 
ATOM   1579 C C   . SER B 1 93  ? -5.660  -3.962  -1.400  1.00 25.04 ? 91  SER B C   1 
ATOM   1580 O O   . SER B 1 93  ? -5.697  -5.026  -0.773  1.00 25.26 ? 91  SER B O   1 
ATOM   1581 C CB  . SER B 1 93  ? -4.785  -3.854  -3.732  1.00 27.07 ? 91  SER B CB  1 
ATOM   1582 O OG  . SER B 1 93  ? -5.948  -3.148  -4.124  1.00 27.36 ? 91  SER B OG  1 
ATOM   1583 N N   . GLY B 1 94  ? -6.638  -3.060  -1.377  1.00 28.07 ? 92  GLY B N   1 
ATOM   1584 C CA  . GLY B 1 94  ? -7.861  -3.305  -0.636  1.00 27.56 ? 92  GLY B CA  1 
ATOM   1585 C C   . GLY B 1 94  ? -9.072  -3.458  -1.537  1.00 24.79 ? 92  GLY B C   1 
ATOM   1586 O O   . GLY B 1 94  ? -10.201 -3.570  -1.049  1.00 28.84 ? 92  GLY B O   1 
ATOM   1587 N N   . SER B 1 95  ? -8.852  -3.464  -2.851  1.00 26.31 ? 93  SER B N   1 
ATOM   1588 C CA  . SER B 1 95  ? -9.933  -3.472  -3.830  1.00 25.47 ? 93  SER B CA  1 
ATOM   1589 C C   . SER B 1 95  ? -10.180 -4.902  -4.299  1.00 25.64 ? 93  SER B C   1 
ATOM   1590 O O   . SER B 1 95  ? -9.306  -5.517  -4.918  1.00 23.91 ? 93  SER B O   1 
ATOM   1591 C CB  . SER B 1 95  ? -9.595  -2.570  -5.016  1.00 29.01 ? 93  SER B CB  1 
ATOM   1592 O OG  . SER B 1 95  ? -9.269  -1.254  -4.600  1.00 31.71 ? 93  SER B OG  1 
ATOM   1593 N N   . GLY B 1 96  ? -11.374 -5.411  -4.035  1.00 22.17 ? 94  GLY B N   1 
ATOM   1594 C CA  . GLY B 1 96  ? -11.730 -6.751  -4.450  1.00 24.81 ? 94  GLY B CA  1 
ATOM   1595 C C   . GLY B 1 96  ? -13.212 -6.962  -4.236  1.00 29.06 ? 94  GLY B C   1 
ATOM   1596 O O   . GLY B 1 96  ? -13.930 -6.068  -3.776  1.00 30.10 ? 94  GLY B O   1 
ATOM   1597 N N   . SER B 1 97  ? -13.649 -8.170  -4.574  1.00 27.15 ? 95  SER B N   1 
ATOM   1598 C CA  . SER B 1 97  ? -15.049 -8.591  -4.549  1.00 32.54 ? 95  SER B CA  1 
ATOM   1599 C C   . SER B 1 97  ? -15.300 -9.683  -3.520  1.00 26.58 ? 95  SER B C   1 
ATOM   1600 O O   . SER B 1 97  ? -15.694 -9.400  -2.386  1.00 30.03 ? 95  SER B O   1 
ATOM   1601 C CB  . SER B 1 97  ? -15.473 -9.106  -5.926  1.00 36.25 ? 95  SER B CB  1 
ATOM   1602 O OG  . SER B 1 97  ? -14.574 -10.120 -6.389  1.00 34.83 ? 95  SER B OG  1 
ATOM   1603 N N   . VAL B 1 98  ? -15.073 -10.938 -3.906  1.00 26.79 ? 96  VAL B N   1 
ATOM   1604 C CA  . VAL B 1 98  ? -15.416 -12.086 -3.074  1.00 26.48 ? 96  VAL B CA  1 
ATOM   1605 C C   . VAL B 1 98  ? -14.165 -12.615 -2.395  1.00 27.16 ? 96  VAL B C   1 
ATOM   1606 O O   . VAL B 1 98  ? -13.045 -12.491 -2.910  1.00 28.35 ? 96  VAL B O   1 
ATOM   1607 C CB  . VAL B 1 98  ? -16.110 -13.208 -3.882  1.00 29.84 ? 96  VAL B CB  1 
ATOM   1608 C CG1 . VAL B 1 98  ? -17.143 -12.629 -4.842  1.00 33.51 ? 96  VAL B CG1 1 
ATOM   1609 C CG2 . VAL B 1 98  ? -15.096 -14.068 -4.630  1.00 34.44 ? 96  VAL B CG2 1 
ATOM   1610 N N   . LEU B 1 99  ? -14.362 -13.195 -1.215  1.00 25.48 ? 97  LEU B N   1 
ATOM   1611 C CA  . LEU B 1 99  ? -13.337 -13.988 -0.554  1.00 25.67 ? 97  LEU B CA  1 
ATOM   1612 C C   . LEU B 1 99  ? -13.359 -15.407 -1.107  1.00 30.83 ? 97  LEU B C   1 
ATOM   1613 O O   . LEU B 1 99  ? -14.427 -16.014 -1.232  1.00 35.35 ? 97  LEU B O   1 
ATOM   1614 C CB  . LEU B 1 99  ? -13.571 -14.017 0.961   1.00 26.98 ? 97  LEU B CB  1 
ATOM   1615 C CG  . LEU B 1 99  ? -13.283 -12.782 1.810   1.00 30.91 ? 97  LEU B CG  1 
ATOM   1616 C CD1 . LEU B 1 99  ? -13.706 -13.027 3.258   1.00 34.53 ? 97  LEU B CD1 1 
ATOM   1617 C CD2 . LEU B 1 99  ? -11.809 -12.413 1.746   1.00 30.26 ? 97  LEU B CD2 1 
ATOM   1618 N N   . GLU B 1 100 ? -12.186 -15.936 -1.440  1.00 24.49 ? 98  GLU B N   1 
ATOM   1619 C CA  . GLU B 1 100 ? -12.073 -17.283 -1.975  1.00 29.24 ? 98  GLU B CA  1 
ATOM   1620 C C   . GLU B 1 100 ? -11.048 -18.064 -1.169  1.00 29.92 ? 98  GLU B C   1 
ATOM   1621 O O   . GLU B 1 100 ? -10.144 -17.494 -0.554  1.00 26.59 ? 98  GLU B O   1 
ATOM   1622 C CB  . GLU B 1 100 ? -11.678 -17.278 -3.460  1.00 31.43 ? 98  GLU B CB  1 
ATOM   1623 C CG  . GLU B 1 100 ? -12.833 -16.967 -4.407  1.00 35.12 ? 98  GLU B CG  1 
ATOM   1624 C CD  . GLU B 1 100 ? -12.604 -17.518 -5.810  1.00 46.90 ? 98  GLU B CD  1 
ATOM   1625 O OE1 . GLU B 1 100 ? -13.594 -17.634 -6.567  1.00 49.09 ? 98  GLU B OE1 1 
ATOM   1626 O OE2 . GLU B 1 100 ? -11.439 -17.840 -6.151  1.00 47.54 ? 98  GLU B OE2 1 
ATOM   1627 N N   . ASP B 1 101 ? -11.198 -19.385 -1.185  1.00 32.47 ? 99  ASP B N   1 
ATOM   1628 C CA  . ASP B 1 101 ? -10.338 -20.281 -0.423  1.00 34.20 ? 99  ASP B CA  1 
ATOM   1629 C C   . ASP B 1 101 ? -9.224  -20.818 -1.308  1.00 27.45 ? 99  ASP B C   1 
ATOM   1630 O O   . ASP B 1 101 ? -9.485  -21.315 -2.406  1.00 27.09 ? 99  ASP B O   1 
ATOM   1631 C CB  . ASP B 1 101 ? -11.146 -21.430 0.171   1.00 34.70 ? 99  ASP B CB  1 
ATOM   1632 C CG  . ASP B 1 101 ? -11.685 -21.091 1.540   1.00 41.12 ? 99  ASP B CG  1 
ATOM   1633 O OD1 . ASP B 1 101 ? -12.820 -20.577 1.617   1.00 45.05 ? 99  ASP B OD1 1 
ATOM   1634 O OD2 . ASP B 1 101 ? -10.955 -21.309 2.534   1.00 43.88 ? 99  ASP B OD2 1 
ATOM   1635 N N   . PHE B 1 102 ? -7.988  -20.711 -0.827  1.00 25.17 ? 100 PHE B N   1 
ATOM   1636 C CA  . PHE B 1 102 ? -6.809  -21.120 -1.577  1.00 26.16 ? 100 PHE B CA  1 
ATOM   1637 C C   . PHE B 1 102 ? -6.010  -22.099 -0.731  1.00 28.97 ? 100 PHE B C   1 
ATOM   1638 O O   . PHE B 1 102 ? -5.829  -21.882 0.474   1.00 26.27 ? 100 PHE B O   1 
ATOM   1639 C CB  . PHE B 1 102 ? -5.908  -19.913 -1.946  1.00 26.76 ? 100 PHE B CB  1 
ATOM   1640 C CG  . PHE B 1 102 ? -6.575  -18.899 -2.837  1.00 24.19 ? 100 PHE B CG  1 
ATOM   1641 C CD1 . PHE B 1 102 ? -7.490  -17.994 -2.320  1.00 24.50 ? 100 PHE B CD1 1 
ATOM   1642 C CD2 . PHE B 1 102 ? -6.271  -18.842 -4.186  1.00 28.60 ? 100 PHE B CD2 1 
ATOM   1643 C CE1 . PHE B 1 102 ? -8.115  -17.054 -3.134  1.00 24.40 ? 100 PHE B CE1 1 
ATOM   1644 C CE2 . PHE B 1 102 ? -6.887  -17.904 -5.009  1.00 29.87 ? 100 PHE B CE2 1 
ATOM   1645 C CZ  . PHE B 1 102 ? -7.820  -17.005 -4.471  1.00 20.93 ? 100 PHE B CZ  1 
ATOM   1646 N N   . ASP B 1 103 ? -5.545  -23.178 -1.358  1.00 25.85 ? 101 ASP B N   1 
ATOM   1647 C CA  . ASP B 1 103 ? -4.597  -24.096 -0.735  1.00 28.28 ? 101 ASP B CA  1 
ATOM   1648 C C   . ASP B 1 103 ? -3.210  -23.733 -1.243  1.00 26.71 ? 101 ASP B C   1 
ATOM   1649 O O   . ASP B 1 103 ? -2.941  -23.842 -2.446  1.00 29.18 ? 101 ASP B O   1 
ATOM   1650 C CB  . ASP B 1 103 ? -4.919  -25.556 -1.064  1.00 32.38 ? 101 ASP B CB  1 
ATOM   1651 C CG  . ASP B 1 103 ? -6.297  -25.972 -0.606  1.00 45.50 ? 101 ASP B CG  1 
ATOM   1652 O OD1 . ASP B 1 103 ? -7.179  -26.169 -1.471  1.00 54.73 ? 101 ASP B OD1 1 
ATOM   1653 O OD2 . ASP B 1 103 ? -6.501  -26.101 0.623   1.00 47.64 ? 101 ASP B OD2 1 
ATOM   1654 N N   . LEU B 1 104 ? -2.337  -23.297 -0.341  1.00 19.77 ? 102 LEU B N   1 
ATOM   1655 C CA  . LEU B 1 104 ? -1.069  -22.716 -0.748  1.00 21.07 ? 102 LEU B CA  1 
ATOM   1656 C C   . LEU B 1 104 ? 0.060   -23.323 0.065   1.00 23.25 ? 102 LEU B C   1 
ATOM   1657 O O   . LEU B 1 104 ? -0.141  -23.788 1.189   1.00 24.24 ? 102 LEU B O   1 
ATOM   1658 C CB  . LEU B 1 104 ? -1.057  -21.183 -0.567  1.00 18.58 ? 102 LEU B CB  1 
ATOM   1659 C CG  . LEU B 1 104 ? -2.157  -20.375 -1.275  1.00 20.71 ? 102 LEU B CG  1 
ATOM   1660 C CD1 . LEU B 1 104 ? -2.179  -18.943 -0.743  1.00 20.64 ? 102 LEU B CD1 1 
ATOM   1661 C CD2 . LEU B 1 104 ? -1.966  -20.364 -2.783  1.00 20.39 ? 102 LEU B CD2 1 
ATOM   1662 N N   . LYS B 1 105 ? 1.255   -23.291 -0.517  1.00 20.36 ? 103 LYS B N   1 
ATOM   1663 C CA  . LYS B 1 105 ? 2.478   -23.618 0.194   1.00 24.70 ? 103 LYS B CA  1 
ATOM   1664 C C   . LYS B 1 105 ? 3.599   -22.752 -0.358  1.00 26.27 ? 103 LYS B C   1 
ATOM   1665 O O   . LYS B 1 105 ? 3.484   -22.166 -1.436  1.00 24.75 ? 103 LYS B O   1 
ATOM   1666 C CB  . LYS B 1 105 ? 2.836   -25.101 0.061   1.00 27.67 ? 103 LYS B CB  1 
ATOM   1667 C CG  . LYS B 1 105 ? 2.920   -25.592 -1.364  1.00 30.27 ? 103 LYS B CG  1 
ATOM   1668 C CD  . LYS B 1 105 ? 3.182   -27.108 -1.376  1.00 35.37 ? 103 LYS B CD  1 
ATOM   1669 C CE  . LYS B 1 105 ? 2.927   -27.717 -2.736  1.00 40.22 ? 103 LYS B CE  1 
ATOM   1670 N NZ  . LYS B 1 105 ? 3.991   -27.377 -3.714  1.00 38.97 ? 103 LYS B NZ  1 
ATOM   1671 N N   . ILE B 1 106 ? 4.686   -22.677 0.384   1.00 26.75 ? 104 ILE B N   1 
ATOM   1672 C CA  . ILE B 1 106 ? 5.836   -21.894 -0.040  1.00 29.40 ? 104 ILE B CA  1 
ATOM   1673 C C   . ILE B 1 106 ? 6.700   -22.757 -0.941  1.00 32.55 ? 104 ILE B C   1 
ATOM   1674 O O   . ILE B 1 106 ? 7.010   -23.905 -0.600  1.00 30.32 ? 104 ILE B O   1 
ATOM   1675 C CB  . ILE B 1 106 ? 6.628   -21.382 1.168   1.00 28.49 ? 104 ILE B CB  1 
ATOM   1676 C CG1 . ILE B 1 106 ? 5.740   -20.446 2.003   1.00 27.89 ? 104 ILE B CG1 1 
ATOM   1677 C CG2 . ILE B 1 106 ? 7.924   -20.721 0.695   1.00 30.11 ? 104 ILE B CG2 1 
ATOM   1678 C CD1 . ILE B 1 106 ? 6.472   -19.631 3.013   1.00 26.91 ? 104 ILE B CD1 1 
ATOM   1679 N N   . ALA B 1 107 ? 7.078   -22.208 -2.093  1.00 33.73 ? 105 ALA B N   1 
ATOM   1680 C CA  . ALA B 1 107 ? 7.895   -22.920 -3.067  1.00 37.10 ? 105 ALA B CA  1 
ATOM   1681 C C   . ALA B 1 107 ? 9.289   -23.251 -2.510  1.00 41.96 ? 105 ALA B C   1 
ATOM   1682 O O   . ALA B 1 107 ? 9.815   -24.354 -2.695  1.00 44.04 ? 105 ALA B O   1 
ATOM   1683 C CB  . ALA B 1 107 ? 8.011   -22.098 -4.341  1.00 35.66 ? 105 ALA B CB  1 
ATOM   1684 O OXT . ALA B 1 107 ? 9.927   -22.424 -1.853  1.00 37.18 ? 105 ALA B OXT 1 
HETATM 1685 O O   . HOH C 2 .   ? 11.616  23.321  6.020   1.00 31.65 ? 201 HOH A O   1 
HETATM 1686 O O   . HOH C 2 .   ? 5.553   19.929  11.687  1.00 34.47 ? 202 HOH A O   1 
HETATM 1687 O O   . HOH C 2 .   ? 10.580  4.848   6.851   1.00 32.14 ? 203 HOH A O   1 
HETATM 1688 O O   . HOH C 2 .   ? -6.426  11.763  14.229  1.00 24.02 ? 204 HOH A O   1 
HETATM 1689 O O   . HOH C 2 .   ? 0.418   21.219  -3.455  1.00 28.84 ? 205 HOH A O   1 
HETATM 1690 O O   . HOH C 2 .   ? 7.747   29.863  -0.726  1.00 24.00 ? 206 HOH A O   1 
HETATM 1691 O O   . HOH C 2 .   ? 8.327   24.803  4.437   1.00 28.91 ? 207 HOH A O   1 
HETATM 1692 O O   . HOH C 2 .   ? -3.423  -3.055  1.165   1.00 36.82 ? 208 HOH A O   1 
HETATM 1693 O O   . HOH C 2 .   ? 13.293  13.365  -2.727  1.00 37.83 ? 209 HOH A O   1 
HETATM 1694 O O   . HOH C 2 .   ? 0.995   11.295  -7.753  1.00 39.03 ? 210 HOH A O   1 
HETATM 1695 O O   . HOH C 2 .   ? 3.700   -1.605  0.761   1.00 39.65 ? 211 HOH A O   1 
HETATM 1696 O O   . HOH C 2 .   ? -4.686  4.673   3.097   1.00 35.33 ? 212 HOH A O   1 
HETATM 1697 O O   . HOH C 2 .   ? 5.619   15.978  8.514   1.00 30.45 ? 213 HOH A O   1 
HETATM 1698 O O   . HOH C 2 .   ? -12.949 18.638  3.365   1.00 23.15 ? 214 HOH A O   1 
HETATM 1699 O O   . HOH C 2 .   ? -5.851  2.684   4.759   1.00 33.69 ? 215 HOH A O   1 
HETATM 1700 O O   . HOH C 2 .   ? 8.663   12.911  -3.185  1.00 23.89 ? 216 HOH A O   1 
HETATM 1701 O O   . HOH C 2 .   ? -0.547  30.220  0.414   1.00 37.12 ? 217 HOH A O   1 
HETATM 1702 O O   . HOH C 2 .   ? -9.745  20.002  13.342  1.00 36.61 ? 218 HOH A O   1 
HETATM 1703 O O   . HOH C 2 .   ? 3.374   16.450  6.962   1.00 15.79 ? 219 HOH A O   1 
HETATM 1704 O O   . HOH C 2 .   ? 2.898   19.208  7.473   1.00 18.50 ? 220 HOH A O   1 
HETATM 1705 O O   . HOH C 2 .   ? -0.295  13.684  16.735  1.00 28.38 ? 221 HOH A O   1 
HETATM 1706 O O   . HOH C 2 .   ? 10.221  15.878  13.700  1.00 35.67 ? 222 HOH A O   1 
HETATM 1707 O O   . HOH C 2 .   ? -6.461  18.150  12.587  1.00 24.42 ? 223 HOH A O   1 
HETATM 1708 O O   . HOH C 2 .   ? -3.250  11.684  18.454  1.00 28.61 ? 224 HOH A O   1 
HETATM 1709 O O   . HOH C 2 .   ? 7.186   19.496  -1.183  1.00 26.34 ? 225 HOH A O   1 
HETATM 1710 O O   . HOH C 2 .   ? -3.596  27.020  6.684   1.00 28.40 ? 226 HOH A O   1 
HETATM 1711 O O   . HOH C 2 .   ? -6.885  14.106  12.435  1.00 16.27 ? 227 HOH A O   1 
HETATM 1712 O O   . HOH C 2 .   ? 5.751   25.808  5.303   1.00 21.25 ? 228 HOH A O   1 
HETATM 1713 O O   . HOH C 2 .   ? -6.834  7.244   15.652  1.00 32.78 ? 229 HOH A O   1 
HETATM 1714 O O   . HOH C 2 .   ? -6.901  9.122   -1.842  1.00 29.78 ? 230 HOH A O   1 
HETATM 1715 O O   . HOH C 2 .   ? 14.474  17.704  -1.641  1.00 33.44 ? 231 HOH A O   1 
HETATM 1716 O O   . HOH C 2 .   ? -0.818  -5.716  11.236  1.00 35.64 ? 232 HOH A O   1 
HETATM 1717 O O   . HOH C 2 .   ? 3.933   14.473  14.939  1.00 31.39 ? 233 HOH A O   1 
HETATM 1718 O O   . HOH C 2 .   ? -5.287  19.304  -6.685  1.00 31.60 ? 234 HOH A O   1 
HETATM 1719 O O   . HOH C 2 .   ? 9.378   7.199   9.798   1.00 28.05 ? 235 HOH A O   1 
HETATM 1720 O O   . HOH C 2 .   ? -5.135  9.301   15.073  1.00 32.07 ? 236 HOH A O   1 
HETATM 1721 O O   . HOH C 2 .   ? 8.716   4.458   17.601  1.00 35.48 ? 237 HOH A O   1 
HETATM 1722 O O   . HOH C 2 .   ? -4.656  4.471   16.730  1.00 38.73 ? 238 HOH A O   1 
HETATM 1723 O O   . HOH C 2 .   ? 4.559   18.812  9.810   1.00 32.76 ? 239 HOH A O   1 
HETATM 1724 O O   . HOH C 2 .   ? -5.527  25.266  8.358   1.00 37.36 ? 240 HOH A O   1 
HETATM 1725 O O   . HOH C 2 .   ? 6.398   18.192  7.278   1.00 24.52 ? 241 HOH A O   1 
HETATM 1726 O O   . HOH C 2 .   ? 9.088   19.783  -5.357  1.00 35.93 ? 242 HOH A O   1 
HETATM 1727 O O   . HOH C 2 .   ? 17.030  15.708  6.612   1.00 35.90 ? 243 HOH A O   1 
HETATM 1728 O O   . HOH C 2 .   ? 8.814   6.775   6.915   1.00 22.04 ? 244 HOH A O   1 
HETATM 1729 O O   . HOH C 2 .   ? 8.247   24.301  8.137   1.00 32.49 ? 245 HOH A O   1 
HETATM 1730 O O   . HOH C 2 .   ? -13.948 5.698   7.618   1.00 28.39 ? 246 HOH A O   1 
HETATM 1731 O O   . HOH C 2 .   ? -12.770 21.388  10.919  1.00 38.69 ? 247 HOH A O   1 
HETATM 1732 O O   . HOH C 2 .   ? -5.415  24.967  10.675  1.00 34.31 ? 248 HOH A O   1 
HETATM 1733 O O   . HOH C 2 .   ? -15.845 8.825   6.528   1.00 32.37 ? 249 HOH A O   1 
HETATM 1734 O O   . HOH C 2 .   ? 15.460  10.567  11.262  1.00 37.85 ? 250 HOH A O   1 
HETATM 1735 O O   . HOH C 2 .   ? -12.812 23.012  9.348   1.00 35.71 ? 251 HOH A O   1 
HETATM 1736 O O   . HOH C 2 .   ? 8.492   -12.714 8.457   1.00 38.19 ? 252 HOH A O   1 
HETATM 1737 O O   . HOH C 2 .   ? 1.736   15.391  16.756  1.00 36.24 ? 253 HOH A O   1 
HETATM 1738 O O   . HOH C 2 .   ? 8.803   14.287  15.831  1.00 37.31 ? 254 HOH A O   1 
HETATM 1739 O O   . HOH C 2 .   ? 11.377  5.488   9.988   1.00 34.49 ? 255 HOH A O   1 
HETATM 1740 O O   . HOH C 2 .   ? -8.603  8.428   17.441  1.00 41.19 ? 256 HOH A O   1 
HETATM 1741 O O   . HOH D 2 .   ? 11.126  -1.723  -5.285  1.00 33.58 ? 201 HOH B O   1 
HETATM 1742 O O   . HOH D 2 .   ? 11.959  -24.057 -3.789  1.00 40.93 ? 202 HOH B O   1 
HETATM 1743 O O   . HOH D 2 .   ? 2.513   1.290   -16.080 1.00 38.90 ? 203 HOH B O   1 
HETATM 1744 O O   . HOH D 2 .   ? 3.300   -19.003 -21.687 1.00 36.84 ? 204 HOH B O   1 
HETATM 1745 O O   . HOH D 2 .   ? 6.461   2.783   -12.985 1.00 36.97 ? 205 HOH B O   1 
HETATM 1746 O O   . HOH D 2 .   ? 4.230   -6.027  -1.384  1.00 31.44 ? 206 HOH B O   1 
HETATM 1747 O O   . HOH D 2 .   ? 8.825   -13.841 -13.334 1.00 20.84 ? 207 HOH B O   1 
HETATM 1748 O O   . HOH D 2 .   ? 8.982   -17.867 -12.495 1.00 36.98 ? 208 HOH B O   1 
HETATM 1749 O O   . HOH D 2 .   ? 1.271   -27.045 -7.613  1.00 38.92 ? 209 HOH B O   1 
HETATM 1750 O O   . HOH D 2 .   ? 5.662   -18.359 7.570   1.00 26.03 ? 210 HOH B O   1 
HETATM 1751 O O   . HOH D 2 .   ? -14.994 -5.383  -14.015 1.00 26.57 ? 211 HOH B O   1 
HETATM 1752 O O   . HOH D 2 .   ? 9.638   -7.923  2.971   1.00 36.44 ? 212 HOH B O   1 
HETATM 1753 O O   . HOH D 2 .   ? -1.373  -9.781  5.878   1.00 31.19 ? 213 HOH B O   1 
HETATM 1754 O O   . HOH D 2 .   ? 7.641   -0.717  -4.228  1.00 31.65 ? 214 HOH B O   1 
HETATM 1755 O O   . HOH D 2 .   ? 9.145   -17.093 0.936   1.00 25.38 ? 215 HOH B O   1 
HETATM 1756 O O   . HOH D 2 .   ? 3.002   -8.838  -4.063  1.00 17.15 ? 216 HOH B O   1 
HETATM 1757 O O   . HOH D 2 .   ? -6.458  -18.194 -12.337 1.00 28.91 ? 217 HOH B O   1 
HETATM 1758 O O   . HOH D 2 .   ? 7.077   -6.710  -12.189 1.00 24.74 ? 218 HOH B O   1 
HETATM 1759 O O   . HOH D 2 .   ? -4.541  -1.374  -15.152 1.00 37.01 ? 219 HOH B O   1 
HETATM 1760 O O   . HOH D 2 .   ? 10.868  -19.905 -2.133  1.00 43.20 ? 220 HOH B O   1 
HETATM 1761 O O   . HOH D 2 .   ? -4.450  -11.907 7.549   1.00 28.13 ? 221 HOH B O   1 
HETATM 1762 O O   . HOH D 2 .   ? -5.661  -15.164 4.379   1.00 22.05 ? 222 HOH B O   1 
HETATM 1763 O O   . HOH D 2 .   ? 1.681   -16.424 -17.527 1.00 31.18 ? 223 HOH B O   1 
HETATM 1764 O O   . HOH D 2 .   ? 2.326   -6.019  -4.076  1.00 21.21 ? 224 HOH B O   1 
HETATM 1765 O O   . HOH D 2 .   ? -13.385 -8.195  -8.083  1.00 26.44 ? 225 HOH B O   1 
HETATM 1766 O O   . HOH D 2 .   ? -13.574 -20.364 -2.321  1.00 34.63 ? 226 HOH B O   1 
HETATM 1767 O O   . HOH D 2 .   ? -1.313  -0.713  -3.261  1.00 30.18 ? 227 HOH B O   1 
HETATM 1768 O O   . HOH D 2 .   ? -5.958  -23.289 -4.161  1.00 30.48 ? 228 HOH B O   1 
HETATM 1769 O O   . HOH D 2 .   ? -1.240  -19.084 -16.863 1.00 28.93 ? 229 HOH B O   1 
HETATM 1770 O O   . HOH D 2 .   ? -7.069  -12.332 3.509   1.00 26.44 ? 230 HOH B O   1 
HETATM 1771 O O   . HOH D 2 .   ? -7.357  -10.894 1.479   1.00 23.67 ? 231 HOH B O   1 
HETATM 1772 O O   . HOH D 2 .   ? 8.606   -18.089 -2.041  1.00 22.99 ? 232 HOH B O   1 
HETATM 1773 O O   . HOH D 2 .   ? 14.509  -8.280  -12.488 1.00 34.90 ? 233 HOH B O   1 
HETATM 1774 O O   . HOH D 2 .   ? 5.915   -6.798  -3.908  1.00 25.39 ? 234 HOH B O   1 
HETATM 1775 O O   . HOH D 2 .   ? -9.259  -7.443  -17.067 1.00 40.83 ? 235 HOH B O   1 
HETATM 1776 O O   . HOH D 2 .   ? -3.550  -0.370  -12.687 1.00 35.29 ? 236 HOH B O   1 
HETATM 1777 O O   . HOH D 2 .   ? -7.609  -17.415 6.041   1.00 33.38 ? 237 HOH B O   1 
HETATM 1778 O O   . HOH D 2 .   ? -2.550  -12.050 11.462  1.00 42.14 ? 238 HOH B O   1 
HETATM 1779 O O   . HOH D 2 .   ? -12.816 -6.380  -15.380 1.00 34.19 ? 239 HOH B O   1 
HETATM 1780 O O   . HOH D 2 .   ? 15.545  -8.682  -7.038  1.00 31.83 ? 240 HOH B O   1 
HETATM 1781 O O   . HOH D 2 .   ? 4.680   -24.519 2.839   1.00 34.51 ? 241 HOH B O   1 
HETATM 1782 O O   . HOH D 2 .   ? -7.585  -6.683  1.122   1.00 30.33 ? 242 HOH B O   1 
HETATM 1783 O O   . HOH D 2 .   ? 0.352   -19.657 11.735  1.00 40.95 ? 243 HOH B O   1 
HETATM 1784 O O   . HOH D 2 .   ? 8.411   -5.266  2.835   1.00 40.21 ? 244 HOH B O   1 
HETATM 1785 O O   . HOH D 2 .   ? 16.559  -9.835  -9.203  1.00 43.20 ? 245 HOH B O   1 
HETATM 1786 O O   . HOH D 2 .   ? 5.740   -23.573 5.851   1.00 41.83 ? 246 HOH B O   1 
HETATM 1787 O O   . HOH D 2 .   ? -12.443 -16.497 -18.321 1.00 44.04 ? 247 HOH B O   1 
# 
